data_4YA8
#
_entry.id   4YA8
#
_cell.length_a   177.770
_cell.length_b   177.770
_cell.length_c   177.770
_cell.angle_alpha   90.000
_cell.angle_beta   90.000
_cell.angle_gamma   90.000
#
_symmetry.space_group_name_H-M   'P 21 3'
#
loop_
_entity.id
_entity.type
_entity.pdbx_description
1 polymer Plasmepsin-2
2 non-polymer "N'-[(2S,3S)-3-hydroxy-1-phenyl-4-{[2-(pyridin-2-yl)propan-2-yl]amino}butan-2-yl]-N,N-dipropyl-5-(pyridin-1(2H)-yl)benzene-1,3-dicarboxamide"
3 non-polymer GLYCEROL
4 water water
#
_entity_poly.entity_id   1
_entity_poly.type   'polypeptide(L)'
_entity_poly.pdbx_seq_one_letter_code
;SSNDNIELVDFQNIMFYGDAEVGDNQQPFTFILDTGSANLWVPSVKCTTAGCLTKHLYDSSKSRTYEKDGTKVEMNYVSG
TVSGFFSKDLVTVGNLSLPYKFIEVIDTNGFEPTYTASTFDGILGLGWKDLSIGSVDPIVVELKNQNKIENALFTFYLPV
HDKHTGFLTIGGIEERFYEGPLTYEKLNHDLYWQITLDAHVGNISLEKANCIVDSGTSAITVPTDFLNKMLQNLDVIKVP
FLPFYVTLCNNSKLPTFEFTSENGKYTLEPEYYLQHIEDVGPGLCMLNIIGLDFPVPTFILGDPFMRKYFTVFDYDNHSV
GIALAKKNL
;
_entity_poly.pdbx_strand_id   A,B,C,D
#
loop_
_chem_comp.id
_chem_comp.type
_chem_comp.name
_chem_comp.formula
49W non-polymer N'-[(2S,3S)-3-hydroxy-1-phenyl-4-{[2-(pyridin-2-yl)propan-2-yl]amino}butan-2-yl]-N,N-dipropyl-5-(pyridin-1(2H)-yl)benzene-1,3-dicarboxamide 'C37 H47 N5 O3'
GOL non-polymer GLYCEROL 'C3 H8 O3'
#
# COMPACT_ATOMS: atom_id res chain seq x y z
N SER A 1 -7.91 23.23 5.05
CA SER A 1 -6.64 23.17 4.33
C SER A 1 -5.46 22.96 5.29
N SER A 2 -5.78 22.80 6.58
CA SER A 2 -4.77 22.66 7.63
C SER A 2 -4.02 21.33 7.58
N ASN A 3 -4.76 20.26 7.27
CA ASN A 3 -4.18 18.91 7.19
C ASN A 3 -3.93 18.48 5.75
N ASP A 4 -3.38 17.28 5.58
CA ASP A 4 -3.15 16.78 4.23
C ASP A 4 -4.32 15.94 3.77
N ASN A 5 -4.85 16.23 2.59
CA ASN A 5 -6.01 15.50 2.09
C ASN A 5 -5.76 14.88 0.73
N ILE A 6 -6.08 13.59 0.62
CA ILE A 6 -5.99 12.88 -0.66
C ILE A 6 -7.39 12.44 -1.07
N GLU A 7 -7.88 12.98 -2.18
CA GLU A 7 -9.24 12.68 -2.62
C GLU A 7 -9.36 11.22 -3.05
N LEU A 8 -10.38 10.55 -2.53
CA LEU A 8 -10.66 9.16 -2.83
C LEU A 8 -11.78 8.99 -3.83
N VAL A 9 -11.48 8.32 -4.95
CA VAL A 9 -12.48 8.10 -5.99
C VAL A 9 -13.14 6.74 -5.81
N ASP A 10 -14.46 6.74 -5.80
CA ASP A 10 -15.22 5.50 -5.64
C ASP A 10 -15.29 4.71 -6.93
N PHE A 11 -15.09 3.39 -6.81
CA PHE A 11 -15.18 2.49 -7.94
C PHE A 11 -16.39 1.56 -7.76
N GLN A 12 -17.50 1.96 -8.38
CA GLN A 12 -18.74 1.18 -8.42
C GLN A 12 -19.24 0.69 -7.06
N ASN A 13 -19.05 1.52 -6.04
CA ASN A 13 -19.49 1.24 -4.67
C ASN A 13 -18.85 0.00 -4.03
N ILE A 14 -17.98 -0.68 -4.78
CA ILE A 14 -17.32 -1.86 -4.24
C ILE A 14 -15.89 -1.55 -3.83
N MET A 15 -15.25 -0.62 -4.53
CA MET A 15 -13.87 -0.27 -4.19
C MET A 15 -13.70 1.23 -4.12
N PHE A 16 -12.47 1.66 -3.86
CA PHE A 16 -12.11 3.08 -3.93
C PHE A 16 -10.60 3.19 -4.07
N TYR A 17 -10.15 4.16 -4.85
CA TYR A 17 -8.74 4.31 -5.09
C TYR A 17 -8.27 5.70 -4.71
N GLY A 18 -6.96 5.84 -4.51
CA GLY A 18 -6.35 7.12 -4.19
C GLY A 18 -5.04 7.27 -4.93
N ASP A 19 -4.80 8.46 -5.47
CA ASP A 19 -3.61 8.70 -6.28
C ASP A 19 -2.43 9.22 -5.47
N ALA A 20 -1.21 8.85 -5.89
CA ALA A 20 0.01 9.35 -5.27
C ALA A 20 1.12 9.42 -6.30
N GLU A 21 2.21 10.12 -5.99
CA GLU A 21 3.27 10.29 -6.98
C GLU A 21 4.60 9.68 -6.52
N VAL A 22 5.39 9.23 -7.49
CA VAL A 22 6.73 8.68 -7.22
C VAL A 22 7.77 9.38 -8.11
N GLY A 23 8.94 9.66 -7.54
CA GLY A 23 9.98 10.37 -8.26
C GLY A 23 9.91 11.87 -8.03
N ASP A 24 11.00 12.56 -8.29
CA ASP A 24 11.05 14.01 -8.05
C ASP A 24 10.28 14.77 -9.13
N ASN A 25 9.85 14.06 -10.17
CA ASN A 25 9.01 14.67 -11.21
C ASN A 25 7.53 14.33 -11.04
N GLN A 26 7.16 13.83 -9.87
CA GLN A 26 5.76 13.47 -9.56
C GLN A 26 5.14 12.56 -10.62
N GLN A 27 5.65 11.35 -10.76
CA GLN A 27 5.01 10.38 -11.65
C GLN A 27 3.74 9.85 -11.00
N PRO A 28 2.59 10.05 -11.65
CA PRO A 28 1.30 9.70 -11.04
C PRO A 28 0.99 8.20 -11.08
N PHE A 29 0.45 7.69 -9.98
CA PHE A 29 0.02 6.30 -9.86
C PHE A 29 -1.28 6.17 -9.09
N THR A 30 -2.12 5.24 -9.51
CA THR A 30 -3.35 4.94 -8.80
C THR A 30 -3.13 3.79 -7.82
N PHE A 31 -3.44 4.06 -6.56
CA PHE A 31 -3.17 3.12 -5.49
C PHE A 31 -4.41 2.63 -4.79
N ILE A 32 -4.34 1.40 -4.32
CA ILE A 32 -5.26 0.91 -3.32
C ILE A 32 -4.67 1.30 -1.98
N LEU A 33 -5.37 2.15 -1.24
CA LEU A 33 -4.90 2.59 0.06
C LEU A 33 -5.34 1.55 1.09
N ASP A 34 -4.37 0.79 1.59
CA ASP A 34 -4.65 -0.45 2.29
C ASP A 34 -4.14 -0.46 3.73
N THR A 35 -5.08 -0.51 4.67
CA THR A 35 -4.74 -0.61 6.08
C THR A 35 -4.53 -2.06 6.49
N GLY A 36 -4.50 -2.96 5.50
CA GLY A 36 -4.31 -4.38 5.74
C GLY A 36 -2.93 -4.87 5.35
N SER A 37 -2.13 -4.01 4.74
CA SER A 37 -0.74 -4.34 4.43
C SER A 37 0.10 -3.12 4.77
N ALA A 38 1.42 -3.27 4.70
CA ALA A 38 2.30 -2.17 5.07
C ALA A 38 3.43 -1.93 4.09
N ASN A 39 3.21 -2.30 2.83
CA ASN A 39 4.20 -2.07 1.79
C ASN A 39 3.67 -1.25 0.62
N LEU A 40 4.54 -0.46 0.01
CA LEU A 40 4.18 0.30 -1.18
C LEU A 40 4.91 -0.29 -2.38
N TRP A 41 4.17 -0.54 -3.47
CA TRP A 41 4.80 -1.02 -4.68
C TRP A 41 4.14 -0.43 -5.92
N VAL A 42 4.96 -0.18 -6.94
CA VAL A 42 4.49 0.30 -8.23
C VAL A 42 5.05 -0.60 -9.33
N PRO A 43 4.33 -0.69 -10.46
CA PRO A 43 4.86 -1.42 -11.62
C PRO A 43 5.97 -0.64 -12.29
N SER A 44 7.04 -1.32 -12.71
CA SER A 44 8.19 -0.64 -13.28
C SER A 44 8.11 -0.57 -14.81
N VAL A 45 8.96 0.26 -15.40
CA VAL A 45 9.10 0.28 -16.85
C VAL A 45 9.90 -0.93 -17.30
N LYS A 46 10.58 -1.56 -16.35
CA LYS A 46 11.37 -2.75 -16.62
C LYS A 46 10.48 -3.99 -16.51
N CYS A 47 9.18 -3.75 -16.34
CA CYS A 47 8.20 -4.83 -16.22
C CYS A 47 8.11 -5.65 -17.50
N THR A 48 8.08 -6.97 -17.34
CA THR A 48 8.09 -7.88 -18.47
C THR A 48 6.77 -8.65 -18.64
N THR A 49 5.76 -8.26 -17.88
CA THR A 49 4.47 -8.94 -17.94
C THR A 49 3.43 -8.12 -18.71
N ALA A 50 2.37 -8.79 -19.17
CA ALA A 50 1.35 -8.18 -20.01
C ALA A 50 0.51 -7.14 -19.28
N GLY A 51 0.29 -7.37 -17.98
CA GLY A 51 -0.56 -6.50 -17.20
C GLY A 51 -0.02 -5.08 -17.19
N CYS A 52 1.30 -4.97 -17.02
CA CYS A 52 1.96 -3.67 -16.94
C CYS A 52 1.74 -2.80 -18.18
N LEU A 53 1.28 -3.41 -19.26
CA LEU A 53 1.00 -2.66 -20.49
C LEU A 53 -0.19 -1.73 -20.33
N THR A 54 -1.06 -2.00 -19.37
CA THR A 54 -2.26 -1.18 -19.20
C THR A 54 -2.14 -0.23 -18.01
N LYS A 55 -0.98 -0.22 -17.35
CA LYS A 55 -0.82 0.56 -16.13
C LYS A 55 0.17 1.73 -16.27
N HIS A 56 0.23 2.58 -15.26
CA HIS A 56 1.25 3.62 -15.18
C HIS A 56 2.54 3.04 -14.61
N LEU A 57 3.66 3.32 -15.26
CA LEU A 57 4.93 2.69 -14.89
C LEU A 57 5.92 3.67 -14.25
N TYR A 58 6.86 3.13 -13.47
CA TYR A 58 7.85 3.94 -12.77
C TYR A 58 9.21 3.89 -13.45
N ASP A 59 9.69 5.07 -13.85
CA ASP A 59 10.97 5.19 -14.52
C ASP A 59 12.03 5.77 -13.58
N SER A 60 12.91 4.90 -13.09
CA SER A 60 13.95 5.34 -12.15
C SER A 60 14.93 6.30 -12.82
N SER A 61 15.15 6.11 -14.12
CA SER A 61 16.13 6.91 -14.85
C SER A 61 15.71 8.37 -14.96
N LYS A 62 14.41 8.62 -14.87
CA LYS A 62 13.87 9.97 -14.99
C LYS A 62 13.86 10.72 -13.66
N SER A 63 14.24 10.04 -12.58
CA SER A 63 14.20 10.64 -11.26
C SER A 63 15.59 10.91 -10.67
N ARG A 64 15.83 12.17 -10.32
CA ARG A 64 17.11 12.63 -9.77
C ARG A 64 17.32 12.10 -8.36
N THR A 65 16.22 11.81 -7.67
CA THR A 65 16.28 11.37 -6.28
C THR A 65 16.18 9.85 -6.15
N TYR A 66 16.29 9.13 -7.26
CA TYR A 66 16.28 7.67 -7.22
C TYR A 66 17.57 7.14 -6.59
N GLU A 67 17.42 6.22 -5.64
CA GLU A 67 18.55 5.55 -5.02
C GLU A 67 18.42 4.06 -5.26
N LYS A 68 19.41 3.47 -5.91
CA LYS A 68 19.36 2.06 -6.25
C LYS A 68 19.46 1.17 -5.00
N ASP A 69 18.57 0.19 -4.90
CA ASP A 69 18.61 -0.80 -3.83
C ASP A 69 18.84 -2.17 -4.46
N GLY A 70 17.88 -2.62 -5.26
CA GLY A 70 18.05 -3.83 -6.03
C GLY A 70 17.75 -5.12 -5.28
N THR A 71 17.48 -5.01 -3.98
CA THR A 71 17.17 -6.19 -3.18
C THR A 71 15.89 -6.87 -3.64
N LYS A 72 16.01 -8.12 -4.07
CA LYS A 72 14.87 -8.86 -4.59
C LYS A 72 13.82 -9.09 -3.52
N VAL A 73 12.56 -8.95 -3.90
CA VAL A 73 11.46 -9.12 -2.94
C VAL A 73 10.23 -9.65 -3.68
N GLU A 74 9.50 -10.53 -3.00
CA GLU A 74 8.34 -11.19 -3.58
C GLU A 74 7.13 -11.07 -2.65
N MET A 75 6.26 -10.09 -2.96
CA MET A 75 5.04 -9.80 -2.20
C MET A 75 3.93 -10.80 -2.44
N ASN A 76 3.47 -11.41 -1.35
CA ASN A 76 2.36 -12.36 -1.39
C ASN A 76 1.09 -11.83 -0.72
N TYR A 77 0.07 -11.52 -1.52
CA TYR A 77 -1.20 -11.12 -0.97
C TYR A 77 -2.14 -12.31 -1.00
N VAL A 78 -3.32 -12.16 -0.39
CA VAL A 78 -4.31 -13.22 -0.43
C VAL A 78 -4.81 -13.38 -1.86
N SER A 79 -5.05 -12.26 -2.54
CA SER A 79 -5.59 -12.25 -3.89
C SER A 79 -4.59 -12.79 -4.93
N GLY A 80 -3.33 -12.45 -4.75
CA GLY A 80 -2.29 -12.85 -5.68
C GLY A 80 -0.91 -12.43 -5.21
N THR A 81 0.04 -12.42 -6.13
CA THR A 81 1.42 -12.10 -5.79
C THR A 81 2.14 -11.27 -6.85
N VAL A 82 2.90 -10.28 -6.39
CA VAL A 82 3.72 -9.48 -7.31
C VAL A 82 5.17 -9.57 -6.87
N SER A 83 6.09 -9.53 -7.83
CA SER A 83 7.50 -9.63 -7.47
C SER A 83 8.34 -8.55 -8.14
N GLY A 84 9.52 -8.32 -7.58
CA GLY A 84 10.41 -7.30 -8.10
C GLY A 84 11.59 -7.07 -7.18
N PHE A 85 12.02 -5.82 -7.06
CA PHE A 85 13.17 -5.48 -6.23
C PHE A 85 12.92 -4.17 -5.51
N PHE A 86 13.65 -3.94 -4.42
CA PHE A 86 13.51 -2.71 -3.68
C PHE A 86 14.18 -1.53 -4.37
N SER A 87 13.62 -0.34 -4.17
CA SER A 87 14.23 0.90 -4.65
C SER A 87 13.81 2.03 -3.74
N LYS A 88 14.65 3.05 -3.64
CA LYS A 88 14.34 4.19 -2.80
C LYS A 88 14.19 5.44 -3.64
N ASP A 89 13.11 6.18 -3.40
CA ASP A 89 12.88 7.42 -4.13
C ASP A 89 11.88 8.31 -3.40
N LEU A 90 11.71 9.53 -3.90
CA LEU A 90 10.82 10.50 -3.29
C LEU A 90 9.36 10.13 -3.51
N VAL A 91 8.66 9.80 -2.43
CA VAL A 91 7.24 9.51 -2.52
C VAL A 91 6.45 10.74 -2.13
N THR A 92 5.53 11.14 -3.00
CA THR A 92 4.70 12.32 -2.76
C THR A 92 3.26 11.87 -2.52
N VAL A 93 2.74 12.22 -1.35
CA VAL A 93 1.36 11.97 -1.01
C VAL A 93 0.66 13.29 -0.68
N GLY A 94 -0.29 13.69 -1.51
CA GLY A 94 -0.94 14.98 -1.35
C GLY A 94 0.07 16.10 -1.48
N ASN A 95 0.13 16.97 -0.47
CA ASN A 95 1.10 18.06 -0.44
C ASN A 95 2.34 17.69 0.38
N LEU A 96 2.40 16.44 0.84
CA LEU A 96 3.55 15.98 1.60
C LEU A 96 4.44 15.10 0.72
N SER A 97 5.71 14.94 1.10
CA SER A 97 6.62 14.08 0.36
C SER A 97 7.84 13.71 1.20
N LEU A 98 8.40 12.54 0.95
CA LEU A 98 9.57 12.08 1.70
C LEU A 98 10.34 10.98 0.98
N PRO A 99 11.66 10.90 1.20
CA PRO A 99 12.44 9.79 0.66
C PRO A 99 11.97 8.48 1.27
N TYR A 100 11.54 7.54 0.44
CA TYR A 100 10.91 6.33 0.95
C TYR A 100 11.39 5.08 0.21
N LYS A 101 11.29 3.94 0.90
CA LYS A 101 11.69 2.65 0.35
C LYS A 101 10.47 1.89 -0.15
N PHE A 102 10.46 1.57 -1.44
CA PHE A 102 9.31 0.90 -2.06
C PHE A 102 9.76 -0.23 -2.97
N ILE A 103 8.78 -0.87 -3.61
CA ILE A 103 9.08 -2.02 -4.45
C ILE A 103 8.78 -1.77 -5.93
N GLU A 104 9.84 -1.76 -6.73
CA GLU A 104 9.73 -1.73 -8.17
C GLU A 104 9.35 -3.13 -8.63
N VAL A 105 8.22 -3.25 -9.31
CA VAL A 105 7.66 -4.55 -9.64
C VAL A 105 7.86 -4.92 -11.10
N ILE A 106 8.42 -6.11 -11.33
CA ILE A 106 8.74 -6.59 -12.66
C ILE A 106 7.72 -7.63 -13.13
N ASP A 107 7.27 -8.46 -12.19
CA ASP A 107 6.35 -9.55 -12.50
C ASP A 107 5.00 -9.36 -11.81
N THR A 108 3.94 -9.32 -12.60
CA THR A 108 2.59 -9.17 -12.06
C THR A 108 1.68 -10.33 -12.46
N ASN A 109 2.28 -11.40 -12.99
CA ASN A 109 1.54 -12.58 -13.43
C ASN A 109 0.79 -13.27 -12.30
N GLY A 110 1.35 -13.21 -11.09
CA GLY A 110 0.70 -13.79 -9.94
C GLY A 110 -0.47 -12.96 -9.46
N PHE A 111 -0.59 -11.75 -10.00
CA PHE A 111 -1.63 -10.82 -9.59
C PHE A 111 -2.76 -10.78 -10.61
N GLU A 112 -2.64 -11.59 -11.66
CA GLU A 112 -3.67 -11.68 -12.69
C GLU A 112 -4.72 -12.76 -12.35
N PRO A 113 -5.94 -12.61 -12.90
CA PRO A 113 -6.39 -11.54 -13.80
C PRO A 113 -6.90 -10.30 -13.07
N THR A 114 -6.88 -10.33 -11.74
CA THR A 114 -7.41 -9.24 -10.93
C THR A 114 -6.74 -7.92 -11.28
N TYR A 115 -5.44 -7.99 -11.56
CA TYR A 115 -4.62 -6.80 -11.82
C TYR A 115 -5.10 -6.07 -13.07
N THR A 116 -5.15 -6.79 -14.18
CA THR A 116 -5.54 -6.20 -15.46
C THR A 116 -7.01 -5.78 -15.44
N ALA A 117 -7.84 -6.57 -14.77
CA ALA A 117 -9.28 -6.30 -14.70
C ALA A 117 -9.59 -5.01 -13.93
N SER A 118 -8.75 -4.71 -12.95
CA SER A 118 -8.94 -3.51 -12.14
C SER A 118 -8.19 -2.32 -12.73
N THR A 119 -8.48 -1.13 -12.20
CA THR A 119 -7.95 0.10 -12.78
C THR A 119 -6.79 0.69 -11.97
N PHE A 120 -6.49 0.10 -10.80
CA PHE A 120 -5.41 0.61 -9.98
C PHE A 120 -4.04 0.18 -10.54
N ASP A 121 -3.01 0.93 -10.22
CA ASP A 121 -1.66 0.61 -10.66
C ASP A 121 -0.88 -0.16 -9.60
N GLY A 122 -1.01 0.28 -8.34
CA GLY A 122 -0.28 -0.33 -7.26
C GLY A 122 -1.01 -0.28 -5.94
N ILE A 123 -0.32 -0.74 -4.88
CA ILE A 123 -0.89 -0.77 -3.54
C ILE A 123 -0.05 0.07 -2.59
N LEU A 124 -0.71 0.86 -1.76
CA LEU A 124 -0.03 1.64 -0.73
C LEU A 124 -0.41 1.14 0.66
N GLY A 125 0.58 0.68 1.41
CA GLY A 125 0.30 0.13 2.73
C GLY A 125 0.12 1.18 3.80
N LEU A 126 -0.82 0.95 4.71
CA LEU A 126 -1.07 1.86 5.82
C LEU A 126 -1.10 1.13 7.15
N GLY A 127 -0.36 0.03 7.24
CA GLY A 127 -0.31 -0.75 8.46
C GLY A 127 0.91 -0.43 9.31
N TRP A 128 1.16 -1.26 10.32
CA TRP A 128 2.29 -1.05 11.22
C TRP A 128 3.56 -1.69 10.68
N LYS A 129 4.70 -1.29 11.24
CA LYS A 129 6.01 -1.68 10.71
C LYS A 129 6.21 -3.20 10.68
N ASP A 130 5.82 -3.89 11.75
CA ASP A 130 6.00 -5.34 11.82
C ASP A 130 5.20 -6.10 10.76
N LEU A 131 4.27 -5.42 10.11
CA LEU A 131 3.45 -6.02 9.07
C LEU A 131 4.14 -5.91 7.71
N SER A 132 5.07 -4.96 7.60
CA SER A 132 5.74 -4.68 6.34
C SER A 132 6.85 -5.69 6.00
N ILE A 133 7.05 -5.89 4.70
CA ILE A 133 8.15 -6.70 4.21
C ILE A 133 9.39 -5.85 4.02
N GLY A 134 10.48 -6.22 4.68
CA GLY A 134 11.71 -5.46 4.58
C GLY A 134 11.82 -4.44 5.70
N SER A 135 10.96 -4.60 6.71
CA SER A 135 10.97 -3.74 7.90
C SER A 135 10.99 -2.26 7.52
N VAL A 136 9.93 -1.82 6.85
CA VAL A 136 9.83 -0.43 6.39
C VAL A 136 8.95 0.38 7.34
N ASP A 137 9.49 1.47 7.87
CA ASP A 137 8.70 2.33 8.75
C ASP A 137 7.50 2.88 8.01
N PRO A 138 6.31 2.79 8.62
CA PRO A 138 5.07 3.29 8.00
C PRO A 138 5.24 4.73 7.53
N ILE A 139 4.64 5.05 6.39
CA ILE A 139 4.87 6.34 5.76
C ILE A 139 4.44 7.54 6.62
N VAL A 140 3.32 7.41 7.31
CA VAL A 140 2.82 8.48 8.18
C VAL A 140 3.75 8.65 9.39
N VAL A 141 4.17 7.52 9.95
CA VAL A 141 5.13 7.52 11.05
C VAL A 141 6.40 8.27 10.69
N GLU A 142 6.93 7.95 9.53
CA GLU A 142 8.15 8.58 9.04
C GLU A 142 7.90 10.05 8.76
N LEU A 143 6.69 10.38 8.32
CA LEU A 143 6.33 11.77 8.09
C LEU A 143 6.34 12.57 9.39
N LYS A 144 5.83 11.98 10.47
CA LYS A 144 5.88 12.66 11.77
C LYS A 144 7.32 12.76 12.26
N ASN A 145 8.09 11.71 12.03
CA ASN A 145 9.50 11.70 12.40
C ASN A 145 10.30 12.82 11.72
N GLN A 146 9.95 13.13 10.47
CA GLN A 146 10.60 14.20 9.73
C GLN A 146 9.90 15.54 9.98
N ASN A 147 9.01 15.55 10.96
CA ASN A 147 8.27 16.74 11.36
C ASN A 147 7.49 17.38 10.23
N LYS A 148 7.06 16.55 9.29
CA LYS A 148 6.22 17.01 8.19
C LYS A 148 4.77 17.17 8.66
N ILE A 149 4.41 16.42 9.70
CA ILE A 149 3.07 16.49 10.30
C ILE A 149 3.16 16.56 11.81
N GLU A 150 2.08 17.00 12.45
CA GLU A 150 2.06 17.14 13.91
C GLU A 150 1.82 15.80 14.58
N ASN A 151 0.71 15.16 14.22
CA ASN A 151 0.35 13.87 14.80
C ASN A 151 0.46 12.74 13.79
N ALA A 152 1.06 11.62 14.19
CA ALA A 152 1.18 10.46 13.32
C ALA A 152 -0.13 9.69 13.28
N LEU A 153 -1.12 10.26 12.61
CA LEU A 153 -2.39 9.58 12.46
C LEU A 153 -2.97 9.86 11.08
N PHE A 154 -3.82 8.94 10.60
CA PHE A 154 -4.49 9.19 9.34
C PHE A 154 -5.94 8.74 9.43
N THR A 155 -6.83 9.51 8.82
CA THR A 155 -8.26 9.21 8.89
C THR A 155 -8.84 8.88 7.52
N PHE A 156 -9.74 7.91 7.51
CA PHE A 156 -10.46 7.53 6.30
C PHE A 156 -11.92 7.96 6.35
N TYR A 157 -12.29 8.73 5.34
CA TYR A 157 -13.67 9.11 5.09
C TYR A 157 -14.07 8.62 3.70
N LEU A 158 -14.68 7.45 3.63
CA LEU A 158 -14.94 6.79 2.34
C LEU A 158 -16.02 7.51 1.53
N PRO A 159 -15.89 7.48 0.19
CA PRO A 159 -16.86 8.07 -0.74
C PRO A 159 -18.13 7.25 -0.88
N VAL A 160 -19.16 7.85 -1.48
CA VAL A 160 -20.40 7.15 -1.81
C VAL A 160 -20.75 7.36 -3.28
N HIS A 161 -21.09 6.29 -3.97
CA HIS A 161 -21.39 6.34 -5.40
C HIS A 161 -22.52 7.31 -5.71
N ASP A 162 -22.27 8.21 -6.66
CA ASP A 162 -23.24 9.21 -7.11
C ASP A 162 -23.74 10.12 -5.98
N LYS A 163 -22.90 10.30 -4.96
CA LYS A 163 -23.23 11.20 -3.85
C LYS A 163 -22.06 12.15 -3.55
N HIS A 164 -21.07 11.66 -2.83
CA HIS A 164 -19.93 12.49 -2.47
C HIS A 164 -18.61 11.72 -2.61
N THR A 165 -17.52 12.47 -2.73
CA THR A 165 -16.19 11.89 -2.87
C THR A 165 -15.60 11.55 -1.51
N GLY A 166 -14.45 10.86 -1.51
CA GLY A 166 -13.84 10.43 -0.27
C GLY A 166 -12.57 11.20 0.05
N PHE A 167 -12.00 10.93 1.21
CA PHE A 167 -10.77 11.60 1.63
C PHE A 167 -9.93 10.75 2.58
N LEU A 168 -8.64 10.70 2.30
CA LEU A 168 -7.65 10.21 3.24
C LEU A 168 -6.91 11.39 3.83
N THR A 169 -7.04 11.60 5.13
CA THR A 169 -6.43 12.75 5.77
C THR A 169 -5.23 12.37 6.63
N ILE A 170 -4.11 13.04 6.41
CA ILE A 170 -2.91 12.79 7.19
C ILE A 170 -2.56 14.03 8.01
N GLY A 171 -2.30 13.80 9.29
CA GLY A 171 -1.85 14.86 10.18
C GLY A 171 -2.83 15.22 11.28
N GLY A 172 -4.13 14.98 11.03
CA GLY A 172 -5.15 15.34 12.00
C GLY A 172 -6.57 14.96 11.63
N ILE A 173 -7.48 15.20 12.57
CA ILE A 173 -8.90 14.87 12.39
C ILE A 173 -9.69 16.10 12.02
N GLU A 174 -10.56 15.98 11.02
CA GLU A 174 -11.40 17.08 10.60
C GLU A 174 -12.85 16.85 11.01
N GLU A 175 -13.44 17.86 11.64
CA GLU A 175 -14.78 17.75 12.22
C GLU A 175 -15.86 17.51 11.17
N ARG A 176 -15.60 17.92 9.94
CA ARG A 176 -16.61 17.86 8.88
C ARG A 176 -16.94 16.43 8.46
N PHE A 177 -16.04 15.50 8.74
CA PHE A 177 -16.13 14.13 8.25
C PHE A 177 -17.13 13.26 9.02
N TYR A 178 -17.34 13.58 10.29
CA TYR A 178 -18.23 12.78 11.11
C TYR A 178 -19.22 13.61 11.90
N GLU A 179 -20.31 12.96 12.31
CA GLU A 179 -21.24 13.54 13.26
C GLU A 179 -21.41 12.56 14.41
N GLY A 180 -21.83 13.05 15.56
CA GLY A 180 -21.93 12.22 16.74
C GLY A 180 -20.59 12.01 17.42
N PRO A 181 -20.54 11.12 18.41
CA PRO A 181 -19.35 10.89 19.23
C PRO A 181 -18.27 10.09 18.51
N LEU A 182 -17.02 10.48 18.72
CA LEU A 182 -15.86 9.75 18.21
C LEU A 182 -15.25 8.89 19.31
N THR A 183 -15.42 7.57 19.18
CA THR A 183 -15.04 6.65 20.25
C THR A 183 -13.78 5.88 19.90
N TYR A 184 -12.77 5.95 20.75
CA TYR A 184 -11.49 5.29 20.48
C TYR A 184 -11.44 3.89 21.08
N GLU A 185 -10.75 2.98 20.38
CA GLU A 185 -10.53 1.62 20.84
C GLU A 185 -9.05 1.26 20.73
N LYS A 186 -8.47 0.79 21.83
CA LYS A 186 -7.05 0.44 21.86
C LYS A 186 -6.74 -0.77 20.99
N LEU A 187 -5.56 -0.77 20.38
CA LEU A 187 -5.09 -1.91 19.60
C LEU A 187 -4.70 -3.06 20.53
N ASN A 188 -5.00 -4.28 20.13
CA ASN A 188 -4.56 -5.44 20.89
C ASN A 188 -3.17 -5.89 20.44
N HIS A 189 -2.73 -5.40 19.29
CA HIS A 189 -1.38 -5.66 18.78
CA HIS A 189 -1.37 -5.62 18.82
C HIS A 189 -0.95 -4.54 17.84
N ASP A 190 0.34 -4.24 17.82
CA ASP A 190 0.89 -3.23 16.91
C ASP A 190 1.25 -3.88 15.59
N LEU A 191 0.27 -4.54 14.98
CA LEU A 191 0.46 -5.26 13.73
C LEU A 191 -0.54 -4.77 12.68
N TYR A 192 -1.72 -5.38 12.64
CA TYR A 192 -2.83 -4.84 11.89
C TYR A 192 -3.46 -3.73 12.71
N TRP A 193 -4.41 -3.02 12.11
CA TRP A 193 -5.22 -2.10 12.88
C TRP A 193 -6.36 -2.91 13.51
N GLN A 194 -6.00 -3.70 14.51
CA GLN A 194 -6.94 -4.64 15.11
C GLN A 194 -7.31 -4.22 16.53
N ILE A 195 -8.61 -4.28 16.82
CA ILE A 195 -9.16 -3.90 18.11
C ILE A 195 -10.06 -5.02 18.65
N THR A 196 -10.34 -5.00 19.94
CA THR A 196 -11.20 -6.03 20.51
C THR A 196 -12.63 -5.53 20.71
N LEU A 197 -13.59 -6.21 20.08
CA LEU A 197 -15.01 -5.84 20.20
C LEU A 197 -15.88 -7.08 20.39
N ASP A 198 -16.97 -6.94 21.13
CA ASP A 198 -17.94 -8.03 21.29
C ASP A 198 -18.92 -8.05 20.13
N ALA A 199 -19.03 -9.18 19.45
CA ALA A 199 -19.87 -9.26 18.26
C ALA A 199 -21.23 -9.87 18.57
N HIS A 200 -22.27 -9.22 18.06
CA HIS A 200 -23.64 -9.66 18.30
CA HIS A 200 -23.63 -9.66 18.30
C HIS A 200 -24.45 -9.62 17.00
N VAL A 201 -24.99 -10.77 16.61
CA VAL A 201 -25.89 -10.83 15.47
C VAL A 201 -27.12 -11.63 15.87
N GLY A 202 -28.20 -10.93 16.20
CA GLY A 202 -29.40 -11.57 16.69
C GLY A 202 -29.12 -12.39 17.94
N ASN A 203 -29.36 -13.69 17.85
CA ASN A 203 -29.11 -14.60 18.97
C ASN A 203 -27.64 -14.90 19.15
N ILE A 204 -26.89 -14.83 18.05
CA ILE A 204 -25.48 -15.22 18.07
C ILE A 204 -24.59 -14.16 18.72
N SER A 205 -23.77 -14.58 19.67
CA SER A 205 -22.89 -13.63 20.35
C SER A 205 -21.50 -14.22 20.56
N LEU A 206 -20.49 -13.52 20.08
CA LEU A 206 -19.11 -13.93 20.31
C LEU A 206 -18.34 -12.80 21.00
N GLU A 207 -17.97 -13.02 22.26
CA GLU A 207 -17.40 -11.97 23.09
C GLU A 207 -15.89 -11.85 22.90
N LYS A 208 -15.38 -10.63 23.08
CA LYS A 208 -13.95 -10.32 22.98
C LYS A 208 -13.37 -10.76 21.64
N ALA A 209 -14.12 -10.55 20.56
CA ALA A 209 -13.67 -10.94 19.23
C ALA A 209 -12.65 -9.95 18.68
N ASN A 210 -11.71 -10.48 17.90
CA ASN A 210 -10.68 -9.67 17.25
C ASN A 210 -11.20 -9.07 15.96
N CYS A 211 -11.28 -7.75 15.91
CA CYS A 211 -11.77 -7.04 14.73
C CYS A 211 -10.65 -6.28 14.02
N ILE A 212 -10.38 -6.65 12.77
CA ILE A 212 -9.36 -5.97 11.96
C ILE A 212 -9.99 -4.95 11.02
N VAL A 213 -9.62 -3.68 11.13
CA VAL A 213 -10.10 -2.67 10.20
C VAL A 213 -9.27 -2.66 8.91
N ASP A 214 -9.85 -3.19 7.83
CA ASP A 214 -9.12 -3.43 6.59
C ASP A 214 -9.73 -2.74 5.37
N SER A 215 -9.08 -1.69 4.89
CA SER A 215 -9.58 -0.95 3.74
C SER A 215 -9.30 -1.67 2.42
N GLY A 216 -8.46 -2.70 2.47
CA GLY A 216 -8.06 -3.44 1.29
C GLY A 216 -8.98 -4.62 1.02
N THR A 217 -10.02 -4.76 1.84
CA THR A 217 -11.01 -5.82 1.68
C THR A 217 -12.40 -5.22 1.48
N SER A 218 -13.05 -5.57 0.37
CA SER A 218 -14.37 -5.02 0.08
C SER A 218 -15.49 -5.91 0.59
N ALA A 219 -15.27 -6.51 1.76
CA ALA A 219 -16.29 -7.36 2.36
C ALA A 219 -16.17 -7.36 3.88
N ILE A 220 -17.16 -7.95 4.55
CA ILE A 220 -17.07 -8.18 5.97
C ILE A 220 -16.87 -9.68 6.18
N THR A 221 -15.72 -10.08 6.69
CA THR A 221 -15.51 -11.48 6.98
C THR A 221 -15.84 -11.77 8.44
N VAL A 222 -16.30 -12.99 8.69
CA VAL A 222 -16.79 -13.43 9.99
C VAL A 222 -16.41 -14.91 10.12
N PRO A 223 -16.14 -15.36 11.36
CA PRO A 223 -15.91 -16.79 11.61
C PRO A 223 -16.98 -17.67 10.98
N THR A 224 -16.56 -18.78 10.35
CA THR A 224 -17.48 -19.62 9.57
C THR A 224 -18.67 -20.14 10.37
N ASP A 225 -18.40 -20.62 11.58
CA ASP A 225 -19.46 -21.14 12.43
C ASP A 225 -20.41 -20.00 12.82
N PHE A 226 -19.85 -18.81 13.02
CA PHE A 226 -20.63 -17.62 13.31
C PHE A 226 -21.60 -17.30 12.17
N LEU A 227 -21.06 -17.25 10.95
CA LEU A 227 -21.87 -16.98 9.76
C LEU A 227 -22.96 -18.03 9.59
N ASN A 228 -22.56 -19.30 9.67
CA ASN A 228 -23.50 -20.42 9.54
C ASN A 228 -24.63 -20.33 10.53
N LYS A 229 -24.29 -19.99 11.78
CA LYS A 229 -25.28 -19.84 12.83
C LYS A 229 -26.18 -18.63 12.59
N MET A 230 -25.62 -17.58 12.00
CA MET A 230 -26.35 -16.34 11.80
C MET A 230 -27.17 -16.30 10.52
N LEU A 231 -26.99 -17.29 9.64
CA LEU A 231 -27.70 -17.31 8.38
C LEU A 231 -29.04 -18.06 8.48
N GLN A 232 -29.14 -18.98 9.44
CA GLN A 232 -30.38 -19.73 9.69
C GLN A 232 -31.20 -19.05 10.80
N ASN A 233 -32.50 -18.86 10.57
CA ASN A 233 -33.15 -19.24 9.32
C ASN A 233 -33.63 -18.04 8.55
N LEU A 234 -32.71 -17.36 7.89
CA LEU A 234 -33.07 -16.25 7.04
C LEU A 234 -33.37 -16.85 5.68
N ASP A 235 -34.25 -16.22 4.93
CA ASP A 235 -34.65 -16.73 3.63
C ASP A 235 -33.58 -16.44 2.58
N VAL A 236 -32.35 -16.78 2.93
CA VAL A 236 -31.19 -16.57 2.06
C VAL A 236 -30.87 -17.88 1.35
N ILE A 237 -30.33 -17.77 0.14
CA ILE A 237 -30.01 -18.94 -0.67
C ILE A 237 -28.57 -18.89 -1.17
N LYS A 238 -27.88 -20.03 -1.08
CA LYS A 238 -26.49 -20.11 -1.47
C LYS A 238 -26.33 -20.33 -2.98
N VAL A 239 -25.47 -19.53 -3.59
CA VAL A 239 -25.11 -19.72 -4.99
C VAL A 239 -24.53 -21.12 -5.10
N PRO A 240 -24.90 -21.88 -6.15
CA PRO A 240 -24.47 -23.28 -6.23
C PRO A 240 -22.95 -23.46 -6.18
N PHE A 241 -22.47 -23.98 -5.06
CA PHE A 241 -21.06 -24.33 -4.86
C PHE A 241 -20.09 -23.16 -5.05
N LEU A 242 -20.62 -21.96 -5.11
CA LEU A 242 -19.81 -20.75 -5.02
C LEU A 242 -19.99 -20.27 -3.58
N PRO A 243 -18.96 -19.66 -2.99
CA PRO A 243 -19.04 -19.27 -1.58
C PRO A 243 -19.73 -17.93 -1.34
N PHE A 244 -20.83 -17.72 -2.03
CA PHE A 244 -21.60 -16.49 -1.89
C PHE A 244 -23.08 -16.77 -1.66
N TYR A 245 -23.71 -15.96 -0.83
CA TYR A 245 -25.13 -16.12 -0.55
C TYR A 245 -25.92 -14.94 -1.10
N VAL A 246 -27.11 -15.21 -1.63
CA VAL A 246 -27.96 -14.16 -2.19
C VAL A 246 -29.36 -14.22 -1.60
N THR A 247 -30.09 -13.11 -1.69
CA THR A 247 -31.44 -13.03 -1.15
C THR A 247 -32.17 -11.83 -1.74
N LEU A 248 -33.47 -11.75 -1.49
CA LEU A 248 -34.23 -10.57 -1.86
C LEU A 248 -33.76 -9.39 -1.02
N CYS A 249 -33.73 -8.20 -1.62
CA CYS A 249 -33.25 -7.01 -0.92
C CYS A 249 -34.20 -6.58 0.18
N ASN A 250 -35.48 -6.92 0.05
CA ASN A 250 -36.48 -6.49 1.02
C ASN A 250 -36.66 -7.51 2.15
N ASN A 251 -35.72 -8.45 2.23
CA ASN A 251 -35.74 -9.47 3.27
C ASN A 251 -35.68 -8.83 4.66
N SER A 252 -36.74 -9.01 5.44
CA SER A 252 -36.84 -8.36 6.75
C SER A 252 -36.09 -9.15 7.81
N LYS A 253 -35.81 -10.41 7.52
CA LYS A 253 -35.15 -11.28 8.48
C LYS A 253 -33.66 -10.95 8.62
N LEU A 254 -33.13 -10.13 7.69
CA LEU A 254 -31.73 -9.77 7.72
C LEU A 254 -31.35 -8.98 8.97
N PRO A 255 -30.34 -9.47 9.69
CA PRO A 255 -29.95 -8.95 11.01
C PRO A 255 -28.99 -7.77 10.94
N THR A 256 -28.64 -7.24 12.11
CA THR A 256 -27.70 -6.12 12.20
C THR A 256 -26.53 -6.49 13.10
N PHE A 257 -25.31 -6.24 12.60
CA PHE A 257 -24.11 -6.48 13.39
C PHE A 257 -24.04 -5.49 14.55
N GLU A 258 -23.65 -5.96 15.73
CA GLU A 258 -23.45 -5.09 16.88
C GLU A 258 -22.12 -5.38 17.54
N PHE A 259 -21.16 -4.51 17.30
CA PHE A 259 -19.86 -4.65 17.93
C PHE A 259 -19.80 -3.66 19.08
N THR A 260 -19.73 -4.20 20.29
CA THR A 260 -19.85 -3.40 21.48
C THR A 260 -18.60 -3.52 22.34
N SER A 261 -18.24 -2.42 22.98
CA SER A 261 -17.13 -2.42 23.93
C SER A 261 -17.49 -1.55 25.12
N GLU A 262 -16.58 -1.48 26.09
CA GLU A 262 -16.78 -0.63 27.25
C GLU A 262 -16.78 0.84 26.85
N ASN A 263 -16.14 1.14 25.71
CA ASN A 263 -16.01 2.52 25.24
C ASN A 263 -17.18 2.99 24.38
N GLY A 264 -17.64 2.12 23.49
CA GLY A 264 -18.70 2.49 22.57
C GLY A 264 -19.43 1.33 21.89
N LYS A 265 -20.39 1.67 21.05
CA LYS A 265 -21.20 0.67 20.34
C LYS A 265 -21.29 1.02 18.86
N TYR A 266 -21.02 0.03 18.01
CA TYR A 266 -21.04 0.25 16.57
C TYR A 266 -21.90 -0.81 15.90
N THR A 267 -22.80 -0.38 15.01
CA THR A 267 -23.71 -1.33 14.37
C THR A 267 -23.60 -1.31 12.85
N LEU A 268 -23.95 -2.42 12.22
CA LEU A 268 -23.93 -2.51 10.76
C LEU A 268 -25.23 -3.12 10.24
N GLU A 269 -26.04 -2.28 9.59
CA GLU A 269 -27.35 -2.64 9.09
C GLU A 269 -27.27 -3.38 7.75
N PRO A 270 -28.30 -4.16 7.40
CA PRO A 270 -28.35 -4.91 6.15
C PRO A 270 -28.06 -4.06 4.92
N GLU A 271 -28.47 -2.80 4.95
CA GLU A 271 -28.28 -1.91 3.81
C GLU A 271 -26.80 -1.67 3.50
N TYR A 272 -25.93 -1.94 4.47
CA TYR A 272 -24.51 -1.70 4.28
C TYR A 272 -23.76 -2.93 3.75
N TYR A 273 -24.22 -4.13 4.09
CA TYR A 273 -23.54 -5.33 3.61
C TYR A 273 -24.29 -6.04 2.48
N LEU A 274 -25.29 -5.39 1.90
CA LEU A 274 -25.97 -5.92 0.72
C LEU A 274 -25.48 -5.24 -0.56
N GLN A 275 -25.12 -6.04 -1.55
CA GLN A 275 -24.75 -5.51 -2.86
C GLN A 275 -25.89 -5.82 -3.81
N HIS A 276 -26.09 -4.97 -4.80
CA HIS A 276 -27.21 -5.15 -5.72
C HIS A 276 -26.74 -5.95 -6.93
N ILE A 277 -27.56 -6.88 -7.39
CA ILE A 277 -27.24 -7.65 -8.59
C ILE A 277 -28.30 -7.46 -9.67
N GLU A 278 -29.33 -8.32 -9.64
CA GLU A 278 -30.36 -8.25 -10.68
C GLU A 278 -31.54 -7.42 -10.21
N ASP A 279 -32.11 -6.67 -11.15
CA ASP A 279 -33.27 -5.83 -10.90
C ASP A 279 -34.57 -6.64 -11.01
N VAL A 280 -34.45 -7.95 -11.22
CA VAL A 280 -35.64 -8.78 -11.37
C VAL A 280 -36.30 -8.92 -10.00
N GLY A 281 -37.55 -9.36 -9.97
CA GLY A 281 -38.31 -9.53 -8.74
C GLY A 281 -38.30 -8.19 -8.01
N PRO A 282 -38.40 -8.22 -6.68
CA PRO A 282 -38.25 -6.96 -5.97
C PRO A 282 -36.83 -6.77 -5.46
N GLY A 283 -35.86 -6.56 -6.36
CA GLY A 283 -34.50 -6.34 -5.91
C GLY A 283 -33.76 -7.59 -5.46
N LEU A 284 -32.85 -8.10 -6.29
CA LEU A 284 -32.02 -9.23 -5.85
C LEU A 284 -30.67 -8.71 -5.36
N CYS A 285 -30.19 -9.28 -4.25
CA CYS A 285 -28.95 -8.85 -3.60
C CYS A 285 -28.02 -9.97 -3.17
N MET A 286 -26.75 -9.61 -3.00
CA MET A 286 -25.71 -10.52 -2.53
C MET A 286 -25.20 -10.06 -1.17
N LEU A 287 -25.07 -11.01 -0.23
CA LEU A 287 -24.48 -10.70 1.07
C LEU A 287 -22.97 -10.53 0.95
N ASN A 288 -22.48 -9.34 1.28
CA ASN A 288 -21.06 -9.05 1.24
C ASN A 288 -20.34 -9.56 2.47
N ILE A 289 -20.66 -10.79 2.86
CA ILE A 289 -20.09 -11.39 4.07
C ILE A 289 -19.39 -12.70 3.73
N ILE A 290 -18.16 -12.86 4.21
CA ILE A 290 -17.40 -14.07 3.88
C ILE A 290 -17.01 -14.85 5.13
N GLY A 291 -17.24 -16.15 5.10
CA GLY A 291 -16.84 -17.00 6.21
C GLY A 291 -15.35 -17.24 6.19
N LEU A 292 -14.65 -16.82 7.24
CA LEU A 292 -13.20 -16.99 7.30
C LEU A 292 -12.74 -17.31 8.72
N ASP A 293 -12.00 -18.41 8.86
CA ASP A 293 -11.56 -18.83 10.19
C ASP A 293 -10.06 -18.63 10.39
N PHE A 294 -9.72 -18.05 11.53
CA PHE A 294 -8.34 -17.83 11.92
C PHE A 294 -8.11 -18.50 13.27
N PRO A 295 -6.84 -18.69 13.67
CA PRO A 295 -6.57 -19.25 15.00
C PRO A 295 -7.27 -18.45 16.10
N VAL A 296 -7.28 -17.13 15.96
CA VAL A 296 -8.07 -16.28 16.85
C VAL A 296 -9.31 -15.82 16.11
N PRO A 297 -10.50 -16.14 16.67
CA PRO A 297 -11.78 -15.78 16.05
C PRO A 297 -11.77 -14.31 15.63
N THR A 298 -11.90 -14.05 14.32
CA THR A 298 -11.66 -12.70 13.82
C THR A 298 -12.71 -12.21 12.84
N PHE A 299 -13.24 -11.02 13.11
CA PHE A 299 -14.08 -10.27 12.18
C PHE A 299 -13.23 -9.28 11.42
N ILE A 300 -13.34 -9.30 10.09
CA ILE A 300 -12.65 -8.31 9.28
C ILE A 300 -13.63 -7.25 8.83
N LEU A 301 -13.42 -6.03 9.32
CA LEU A 301 -14.25 -4.90 8.97
C LEU A 301 -13.68 -4.21 7.73
N GLY A 302 -14.24 -4.52 6.56
CA GLY A 302 -13.74 -3.98 5.31
C GLY A 302 -14.44 -2.73 4.83
N ASP A 303 -14.50 -2.54 3.52
CA ASP A 303 -15.14 -1.34 2.93
C ASP A 303 -16.57 -1.09 3.42
N PRO A 304 -17.41 -2.14 3.53
CA PRO A 304 -18.76 -1.85 4.03
C PRO A 304 -18.76 -1.16 5.40
N PHE A 305 -17.96 -1.65 6.33
CA PHE A 305 -17.90 -1.05 7.65
C PHE A 305 -17.44 0.40 7.61
N MET A 306 -16.37 0.65 6.88
CA MET A 306 -15.75 1.97 6.85
C MET A 306 -16.57 2.98 6.05
N ARG A 307 -17.45 2.48 5.19
CA ARG A 307 -18.35 3.34 4.43
C ARG A 307 -19.42 3.93 5.33
N LYS A 308 -19.77 3.20 6.40
CA LYS A 308 -20.66 3.76 7.43
C LYS A 308 -19.90 4.61 8.44
N TYR A 309 -18.75 4.11 8.89
CA TYR A 309 -18.00 4.76 9.95
C TYR A 309 -16.72 5.45 9.49
N PHE A 310 -16.69 6.76 9.66
CA PHE A 310 -15.46 7.54 9.56
C PHE A 310 -14.46 6.96 10.55
N THR A 311 -13.26 6.63 10.06
CA THR A 311 -12.28 5.97 10.91
C THR A 311 -11.00 6.76 11.08
N VAL A 312 -10.40 6.62 12.25
CA VAL A 312 -9.15 7.29 12.59
C VAL A 312 -8.13 6.26 13.01
N PHE A 313 -6.92 6.38 12.48
CA PHE A 313 -5.87 5.43 12.77
C PHE A 313 -4.71 6.16 13.40
N ASP A 314 -4.52 5.92 14.70
CA ASP A 314 -3.59 6.68 15.51
C ASP A 314 -2.38 5.83 15.89
N TYR A 315 -1.24 6.17 15.27
CA TYR A 315 0.03 5.51 15.56
C TYR A 315 0.58 5.92 16.92
N ASP A 316 0.49 7.21 17.23
CA ASP A 316 1.01 7.74 18.47
C ASP A 316 0.31 7.12 19.67
N ASN A 317 -1.01 7.12 19.63
CA ASN A 317 -1.80 6.58 20.74
C ASN A 317 -2.16 5.10 20.59
N HIS A 318 -1.67 4.49 19.52
CA HIS A 318 -1.89 3.07 19.24
C HIS A 318 -3.36 2.69 19.34
N SER A 319 -4.22 3.40 18.60
CA SER A 319 -5.65 3.14 18.73
C SER A 319 -6.44 3.52 17.48
N VAL A 320 -7.69 3.07 17.42
CA VAL A 320 -8.57 3.34 16.30
C VAL A 320 -9.81 4.12 16.74
N GLY A 321 -10.01 5.29 16.17
CA GLY A 321 -11.19 6.08 16.47
C GLY A 321 -12.32 5.75 15.51
N ILE A 322 -13.52 5.60 16.03
CA ILE A 322 -14.68 5.29 15.20
C ILE A 322 -15.76 6.33 15.41
N ALA A 323 -16.23 6.93 14.32
CA ALA A 323 -17.34 7.88 14.43
C ALA A 323 -18.30 7.68 13.27
N LEU A 324 -19.57 8.03 13.48
CA LEU A 324 -20.54 7.96 12.40
C LEU A 324 -20.21 9.03 11.36
N ALA A 325 -19.98 8.60 10.12
CA ALA A 325 -19.60 9.53 9.04
C ALA A 325 -20.74 10.47 8.68
N LYS A 326 -20.41 11.74 8.47
CA LYS A 326 -21.41 12.75 8.14
C LYS A 326 -22.05 12.46 6.78
N LYS A 327 -23.38 12.49 6.76
CA LYS A 327 -24.17 12.06 5.60
C LYS A 327 -23.79 12.67 4.25
N ASN A 328 -23.60 13.99 4.20
CA ASN A 328 -23.26 14.63 2.93
C ASN A 328 -21.85 15.17 2.84
N LEU A 329 -21.67 16.46 3.10
CA LEU A 329 -20.36 17.08 2.91
C LEU A 329 -19.52 16.95 4.17
N SER B 1 12.24 -49.14 27.26
CA SER B 1 12.02 -47.92 26.47
C SER B 1 10.92 -47.06 27.08
N SER B 2 9.75 -47.66 27.24
CA SER B 2 8.54 -47.00 27.74
C SER B 2 8.17 -45.77 26.93
N ASN B 3 8.62 -45.71 25.69
CA ASN B 3 8.25 -44.62 24.79
C ASN B 3 7.27 -45.08 23.73
N ASP B 4 6.74 -44.12 22.97
CA ASP B 4 5.84 -44.44 21.87
C ASP B 4 6.58 -44.34 20.54
N ASN B 5 6.45 -45.34 19.68
CA ASN B 5 7.13 -45.29 18.39
C ASN B 5 6.12 -45.38 17.25
N ILE B 6 6.21 -44.42 16.34
CA ILE B 6 5.36 -44.40 15.15
C ILE B 6 6.18 -44.53 13.88
N GLU B 7 5.99 -45.62 13.15
CA GLU B 7 6.76 -45.84 11.94
C GLU B 7 6.42 -44.82 10.86
N LEU B 8 7.46 -44.19 10.30
CA LEU B 8 7.29 -43.24 9.21
C LEU B 8 7.70 -43.91 7.91
N VAL B 9 6.77 -44.02 6.97
CA VAL B 9 7.07 -44.65 5.68
C VAL B 9 7.44 -43.58 4.64
N ASP B 10 8.57 -43.79 4.00
CA ASP B 10 9.04 -42.85 2.99
C ASP B 10 8.26 -43.07 1.70
N PHE B 11 7.82 -41.97 1.09
CA PHE B 11 7.10 -42.05 -0.16
C PHE B 11 7.93 -41.46 -1.29
N GLN B 12 8.61 -42.34 -2.01
CA GLN B 12 9.39 -42.02 -3.20
C GLN B 12 10.35 -40.84 -2.99
N ASN B 13 10.94 -40.79 -1.79
CA ASN B 13 11.92 -39.78 -1.43
C ASN B 13 11.38 -38.35 -1.46
N ILE B 14 10.10 -38.19 -1.78
CA ILE B 14 9.50 -36.86 -1.82
C ILE B 14 8.68 -36.58 -0.57
N MET B 15 8.05 -37.62 -0.01
CA MET B 15 7.25 -37.42 1.19
C MET B 15 7.51 -38.48 2.25
N PHE B 16 6.76 -38.41 3.35
CA PHE B 16 6.76 -39.46 4.37
C PHE B 16 5.48 -39.37 5.18
N TYR B 17 4.91 -40.53 5.50
CA TYR B 17 3.63 -40.57 6.20
C TYR B 17 3.64 -41.42 7.47
N GLY B 18 2.67 -41.18 8.32
CA GLY B 18 2.51 -41.96 9.54
C GLY B 18 1.05 -42.29 9.79
N ASP B 19 0.78 -43.51 10.23
CA ASP B 19 -0.60 -43.96 10.44
C ASP B 19 -1.08 -43.68 11.85
N ALA B 20 -2.37 -43.39 11.98
CA ALA B 20 -2.99 -43.18 13.29
C ALA B 20 -4.46 -43.59 13.26
N GLU B 21 -5.07 -43.74 14.43
CA GLU B 21 -6.44 -44.23 14.49
C GLU B 21 -7.41 -43.23 15.12
N VAL B 22 -8.65 -43.26 14.66
CA VAL B 22 -9.73 -42.43 15.22
C VAL B 22 -10.93 -43.31 15.58
N GLY B 23 -11.54 -43.02 16.71
CA GLY B 23 -12.69 -43.79 17.18
C GLY B 23 -12.26 -44.93 18.08
N ASP B 24 -13.19 -45.44 18.87
CA ASP B 24 -12.89 -46.53 19.80
C ASP B 24 -12.76 -47.87 19.07
N ASN B 25 -13.10 -47.89 17.78
CA ASN B 25 -12.93 -49.08 16.96
C ASN B 25 -11.66 -48.99 16.10
N GLN B 26 -10.80 -48.03 16.45
CA GLN B 26 -9.50 -47.83 15.78
C GLN B 26 -9.64 -47.79 14.26
N GLN B 27 -10.33 -46.77 13.77
CA GLN B 27 -10.44 -46.55 12.34
C GLN B 27 -9.10 -45.99 11.83
N PRO B 28 -8.47 -46.70 10.87
CA PRO B 28 -7.13 -46.34 10.39
C PRO B 28 -7.12 -45.17 9.41
N PHE B 29 -6.13 -44.29 9.57
CA PHE B 29 -5.94 -43.16 8.68
C PHE B 29 -4.45 -42.90 8.42
N THR B 30 -4.14 -42.51 7.19
CA THR B 30 -2.79 -42.13 6.81
C THR B 30 -2.62 -40.63 6.92
N PHE B 31 -1.62 -40.22 7.69
CA PHE B 31 -1.41 -38.81 8.01
C PHE B 31 -0.09 -38.24 7.53
N ILE B 32 -0.14 -36.96 7.22
CA ILE B 32 1.03 -36.12 7.14
C ILE B 32 1.30 -35.59 8.54
N LEU B 33 2.43 -35.97 9.13
CA LEU B 33 2.78 -35.52 10.48
C LEU B 33 3.48 -34.17 10.40
N ASP B 34 2.78 -33.14 10.87
CA ASP B 34 3.14 -31.76 10.55
C ASP B 34 3.45 -30.91 11.78
N THR B 35 4.70 -30.47 11.88
CA THR B 35 5.12 -29.56 12.94
C THR B 35 4.87 -28.11 12.53
N GLY B 36 4.18 -27.93 11.40
CA GLY B 36 3.88 -26.61 10.89
C GLY B 36 2.44 -26.18 11.10
N SER B 37 1.62 -27.10 11.61
CA SER B 37 0.24 -26.76 11.96
C SER B 37 -0.09 -27.41 13.29
N ALA B 38 -1.26 -27.10 13.84
CA ALA B 38 -1.65 -27.63 15.14
C ALA B 38 -3.07 -28.18 15.14
N ASN B 39 -3.55 -28.59 13.97
CA ASN B 39 -4.87 -29.18 13.84
C ASN B 39 -4.82 -30.57 13.25
N LEU B 40 -5.72 -31.43 13.70
CA LEU B 40 -5.86 -32.77 13.15
C LEU B 40 -7.18 -32.86 12.39
N TRP B 41 -7.13 -33.37 11.17
CA TRP B 41 -8.37 -33.54 10.41
C TRP B 41 -8.37 -34.83 9.59
N VAL B 42 -9.55 -35.43 9.49
CA VAL B 42 -9.75 -36.61 8.67
C VAL B 42 -10.94 -36.40 7.74
N PRO B 43 -10.93 -37.07 6.58
CA PRO B 43 -12.09 -37.03 5.69
C PRO B 43 -13.25 -37.85 6.25
N SER B 44 -14.47 -37.33 6.16
CA SER B 44 -15.63 -37.98 6.76
C SER B 44 -16.36 -38.86 5.76
N VAL B 45 -17.26 -39.71 6.27
CA VAL B 45 -18.16 -40.47 5.41
C VAL B 45 -19.24 -39.54 4.89
N LYS B 46 -19.37 -38.39 5.53
CA LYS B 46 -20.34 -37.38 5.13
C LYS B 46 -19.75 -36.45 4.07
N CYS B 47 -18.55 -36.79 3.60
CA CYS B 47 -17.85 -36.02 2.58
C CYS B 47 -18.57 -36.02 1.23
N THR B 48 -18.66 -34.85 0.60
CA THR B 48 -19.42 -34.70 -0.63
C THR B 48 -18.56 -34.41 -1.87
N THR B 49 -17.24 -34.46 -1.72
CA THR B 49 -16.35 -34.17 -2.82
C THR B 49 -15.72 -35.43 -3.41
N ALA B 50 -15.19 -35.30 -4.63
CA ALA B 50 -14.66 -36.42 -5.38
C ALA B 50 -13.39 -37.01 -4.76
N GLY B 51 -12.58 -36.17 -4.12
CA GLY B 51 -11.33 -36.61 -3.54
C GLY B 51 -11.50 -37.68 -2.48
N CYS B 52 -12.48 -37.46 -1.61
CA CYS B 52 -12.75 -38.35 -0.48
C CYS B 52 -13.03 -39.79 -0.91
N LEU B 53 -13.31 -39.97 -2.20
CA LEU B 53 -13.59 -41.28 -2.77
C LEU B 53 -12.36 -42.18 -2.75
N THR B 54 -11.17 -41.60 -2.68
CA THR B 54 -9.96 -42.41 -2.73
C THR B 54 -9.27 -42.58 -1.36
N LYS B 55 -9.90 -42.06 -0.31
CA LYS B 55 -9.28 -42.03 1.01
C LYS B 55 -10.01 -42.92 2.03
N HIS B 56 -9.42 -43.07 3.20
CA HIS B 56 -10.07 -43.72 4.33
C HIS B 56 -10.96 -42.71 5.05
N LEU B 57 -12.20 -43.09 5.33
CA LEU B 57 -13.18 -42.14 5.87
C LEU B 57 -13.56 -42.41 7.33
N TYR B 58 -14.03 -41.36 8.00
CA TYR B 58 -14.41 -41.47 9.41
C TYR B 58 -15.92 -41.54 9.60
N ASP B 59 -16.38 -42.63 10.21
CA ASP B 59 -17.80 -42.81 10.47
C ASP B 59 -18.06 -42.60 11.96
N SER B 60 -18.64 -41.45 12.31
CA SER B 60 -18.92 -41.11 13.69
C SER B 60 -19.90 -42.07 14.34
N SER B 61 -20.81 -42.61 13.54
CA SER B 61 -21.85 -43.51 14.04
C SER B 61 -21.28 -44.84 14.52
N LYS B 62 -20.08 -45.19 14.04
CA LYS B 62 -19.46 -46.46 14.39
C LYS B 62 -18.68 -46.42 15.70
N SER B 63 -18.56 -45.24 16.30
CA SER B 63 -17.79 -45.08 17.54
C SER B 63 -18.66 -44.72 18.75
N ARG B 64 -18.59 -45.52 19.81
CA ARG B 64 -19.35 -45.25 21.02
C ARG B 64 -18.80 -44.04 21.76
N THR B 65 -17.52 -43.74 21.53
CA THR B 65 -16.85 -42.66 22.24
C THR B 65 -16.86 -41.37 21.43
N TYR B 66 -17.66 -41.36 20.37
CA TYR B 66 -17.83 -40.16 19.56
C TYR B 66 -18.62 -39.13 20.35
N GLU B 67 -18.12 -37.90 20.39
CA GLU B 67 -18.83 -36.81 21.04
C GLU B 67 -19.12 -35.74 20.00
N LYS B 68 -20.40 -35.45 19.81
CA LYS B 68 -20.85 -34.51 18.77
C LYS B 68 -20.45 -33.08 19.11
N ASP B 69 -19.88 -32.38 18.13
CA ASP B 69 -19.56 -30.96 18.29
C ASP B 69 -20.32 -30.13 17.26
N GLY B 70 -20.01 -30.33 15.98
CA GLY B 70 -20.76 -29.70 14.90
C GLY B 70 -20.36 -28.28 14.54
N THR B 71 -19.42 -27.71 15.31
CA THR B 71 -18.95 -26.35 15.06
C THR B 71 -18.25 -26.26 13.71
N LYS B 72 -18.79 -25.44 12.80
CA LYS B 72 -18.24 -25.30 11.45
C LYS B 72 -16.82 -24.72 11.47
N VAL B 73 -15.96 -25.26 10.62
CA VAL B 73 -14.57 -24.82 10.56
C VAL B 73 -13.96 -25.00 9.16
N GLU B 74 -13.13 -24.05 8.75
CA GLU B 74 -12.51 -24.09 7.43
C GLU B 74 -10.99 -23.92 7.51
N MET B 75 -10.27 -25.03 7.44
CA MET B 75 -8.82 -25.05 7.48
C MET B 75 -8.18 -24.56 6.18
N ASN B 76 -7.38 -23.51 6.28
CA ASN B 76 -6.67 -22.95 5.14
C ASN B 76 -5.17 -23.20 5.23
N TYR B 77 -4.65 -24.06 4.37
CA TYR B 77 -3.22 -24.29 4.30
C TYR B 77 -2.63 -23.50 3.14
N VAL B 78 -1.31 -23.49 3.04
CA VAL B 78 -0.64 -22.82 1.93
C VAL B 78 -0.96 -23.55 0.62
N SER B 79 -0.94 -24.88 0.69
CA SER B 79 -1.17 -25.73 -0.48
C SER B 79 -2.61 -25.64 -0.97
N GLY B 80 -3.55 -25.56 -0.03
CA GLY B 80 -4.96 -25.54 -0.38
C GLY B 80 -5.85 -25.34 0.84
N THR B 81 -7.12 -25.70 0.70
CA THR B 81 -8.06 -25.50 1.80
C THR B 81 -9.06 -26.66 1.92
N VAL B 82 -9.30 -27.09 3.15
CA VAL B 82 -10.30 -28.12 3.45
C VAL B 82 -11.33 -27.57 4.44
N SER B 83 -12.57 -28.04 4.36
CA SER B 83 -13.59 -27.54 5.27
C SER B 83 -14.38 -28.67 5.91
N GLY B 84 -15.07 -28.36 7.00
CA GLY B 84 -15.88 -29.34 7.71
C GLY B 84 -16.39 -28.82 9.03
N PHE B 85 -16.46 -29.69 10.02
CA PHE B 85 -16.94 -29.32 11.35
C PHE B 85 -16.14 -30.05 12.43
N PHE B 86 -16.16 -29.52 13.64
CA PHE B 86 -15.45 -30.17 14.75
C PHE B 86 -16.18 -31.39 15.28
N SER B 87 -15.41 -32.34 15.79
CA SER B 87 -15.94 -33.52 16.45
C SER B 87 -14.95 -33.99 17.50
N LYS B 88 -15.46 -34.66 18.53
CA LYS B 88 -14.60 -35.17 19.60
C LYS B 88 -14.67 -36.68 19.61
N ASP B 89 -13.51 -37.34 19.62
CA ASP B 89 -13.49 -38.80 19.66
C ASP B 89 -12.14 -39.33 20.13
N LEU B 90 -12.08 -40.64 20.37
CA LEU B 90 -10.86 -41.27 20.85
C LEU B 90 -9.81 -41.38 19.75
N VAL B 91 -8.71 -40.64 19.90
CA VAL B 91 -7.61 -40.71 18.95
C VAL B 91 -6.49 -41.60 19.49
N THR B 92 -6.09 -42.57 18.69
CA THR B 92 -5.05 -43.52 19.07
C THR B 92 -3.76 -43.34 18.28
N VAL B 93 -2.68 -43.05 19.01
CA VAL B 93 -1.34 -42.95 18.43
C VAL B 93 -0.41 -43.95 19.12
N GLY B 94 0.05 -44.94 18.38
CA GLY B 94 0.88 -45.99 18.95
C GLY B 94 0.13 -46.75 20.03
N ASN B 95 0.70 -46.83 21.22
CA ASN B 95 0.03 -47.48 22.33
C ASN B 95 -0.72 -46.49 23.23
N LEU B 96 -0.74 -45.21 22.81
CA LEU B 96 -1.49 -44.20 23.56
C LEU B 96 -2.80 -43.87 22.86
N SER B 97 -3.75 -43.33 23.63
CA SER B 97 -5.03 -42.92 23.08
C SER B 97 -5.70 -41.94 24.04
N LEU B 98 -6.50 -41.02 23.50
CA LEU B 98 -7.18 -40.05 24.35
C LEU B 98 -8.35 -39.38 23.62
N PRO B 99 -9.38 -38.97 24.38
CA PRO B 99 -10.47 -38.19 23.80
C PRO B 99 -9.94 -36.84 23.31
N TYR B 100 -10.13 -36.56 22.02
CA TYR B 100 -9.51 -35.39 21.40
C TYR B 100 -10.47 -34.68 20.44
N LYS B 101 -10.21 -33.40 20.23
CA LYS B 101 -11.01 -32.56 19.36
C LYS B 101 -10.34 -32.45 17.99
N PHE B 102 -11.05 -32.90 16.95
CA PHE B 102 -10.51 -32.92 15.60
C PHE B 102 -11.51 -32.39 14.59
N ILE B 103 -11.12 -32.38 13.32
CA ILE B 103 -11.98 -31.85 12.29
C ILE B 103 -12.43 -32.91 11.29
N GLU B 104 -13.74 -33.14 11.29
CA GLU B 104 -14.38 -33.98 10.29
C GLU B 104 -14.51 -33.15 9.00
N VAL B 105 -13.93 -33.64 7.92
CA VAL B 105 -13.85 -32.84 6.69
C VAL B 105 -14.85 -33.32 5.63
N ILE B 106 -15.65 -32.36 5.14
CA ILE B 106 -16.70 -32.62 4.17
C ILE B 106 -16.34 -32.18 2.76
N ASP B 107 -15.65 -31.05 2.65
CA ASP B 107 -15.30 -30.49 1.35
C ASP B 107 -13.78 -30.44 1.15
N THR B 108 -13.31 -31.11 0.10
CA THR B 108 -11.88 -31.12 -0.22
C THR B 108 -11.59 -30.60 -1.63
N ASN B 109 -12.58 -29.94 -2.24
CA ASN B 109 -12.41 -29.38 -3.58
C ASN B 109 -11.33 -28.30 -3.61
N GLY B 110 -11.19 -27.58 -2.51
CA GLY B 110 -10.17 -26.55 -2.38
C GLY B 110 -8.78 -27.12 -2.16
N PHE B 111 -8.72 -28.42 -1.91
CA PHE B 111 -7.45 -29.11 -1.65
C PHE B 111 -6.98 -29.87 -2.88
N GLU B 112 -7.75 -29.76 -3.96
CA GLU B 112 -7.41 -30.43 -5.22
C GLU B 112 -6.50 -29.54 -6.07
N PRO B 113 -5.71 -30.16 -6.96
CA PRO B 113 -5.64 -31.60 -7.20
C PRO B 113 -4.68 -32.31 -6.25
N THR B 114 -4.05 -31.55 -5.35
CA THR B 114 -3.04 -32.09 -4.43
C THR B 114 -3.55 -33.27 -3.60
N TYR B 115 -4.81 -33.20 -3.17
CA TYR B 115 -5.37 -34.21 -2.27
C TYR B 115 -5.48 -35.59 -2.94
N THR B 116 -6.17 -35.65 -4.08
CA THR B 116 -6.37 -36.91 -4.78
C THR B 116 -5.04 -37.46 -5.29
N ALA B 117 -4.15 -36.56 -5.69
CA ALA B 117 -2.85 -36.94 -6.23
C ALA B 117 -1.96 -37.61 -5.19
N SER B 118 -2.10 -37.20 -3.93
CA SER B 118 -1.30 -37.78 -2.84
C SER B 118 -2.02 -38.95 -2.18
N THR B 119 -1.30 -39.70 -1.35
CA THR B 119 -1.82 -40.94 -0.79
C THR B 119 -2.26 -40.81 0.67
N PHE B 120 -2.01 -39.66 1.28
CA PHE B 120 -2.40 -39.46 2.67
C PHE B 120 -3.89 -39.20 2.77
N ASP B 121 -4.48 -39.50 3.93
CA ASP B 121 -5.89 -39.27 4.14
C ASP B 121 -6.11 -37.94 4.84
N GLY B 122 -5.24 -37.64 5.81
CA GLY B 122 -5.37 -36.39 6.55
C GLY B 122 -4.04 -35.83 7.04
N ILE B 123 -4.14 -34.74 7.80
CA ILE B 123 -2.97 -34.10 8.38
C ILE B 123 -3.07 -34.06 9.90
N LEU B 124 -1.97 -34.37 10.58
CA LEU B 124 -1.92 -34.32 12.03
C LEU B 124 -1.00 -33.20 12.48
N GLY B 125 -1.53 -32.23 13.22
CA GLY B 125 -0.76 -31.09 13.67
C GLY B 125 0.07 -31.41 14.90
N LEU B 126 1.31 -30.92 14.91
CA LEU B 126 2.20 -31.12 16.05
C LEU B 126 2.85 -29.82 16.51
N GLY B 127 2.17 -28.70 16.26
CA GLY B 127 2.68 -27.39 16.64
C GLY B 127 2.07 -26.96 17.96
N TRP B 128 2.23 -25.68 18.30
CA TRP B 128 1.71 -25.17 19.56
C TRP B 128 0.26 -24.75 19.46
N LYS B 129 -0.38 -24.59 20.63
CA LYS B 129 -1.81 -24.32 20.73
C LYS B 129 -2.22 -23.06 19.99
N ASP B 130 -1.40 -22.02 20.13
CA ASP B 130 -1.65 -20.72 19.53
C ASP B 130 -1.67 -20.76 18.00
N LEU B 131 -1.21 -21.87 17.44
CA LEU B 131 -1.18 -22.06 15.99
C LEU B 131 -2.47 -22.72 15.51
N SER B 132 -3.18 -23.37 16.42
CA SER B 132 -4.37 -24.14 16.10
C SER B 132 -5.63 -23.31 15.89
N ILE B 133 -6.54 -23.84 15.07
CA ILE B 133 -7.86 -23.26 14.89
C ILE B 133 -8.81 -23.86 15.92
N GLY B 134 -9.41 -23.02 16.75
CA GLY B 134 -10.31 -23.51 17.78
C GLY B 134 -9.64 -23.74 19.11
N SER B 135 -8.42 -23.21 19.24
CA SER B 135 -7.63 -23.29 20.47
C SER B 135 -7.54 -24.71 21.03
N VAL B 136 -6.91 -25.59 20.26
CA VAL B 136 -6.77 -26.99 20.67
C VAL B 136 -5.40 -27.27 21.26
N ASP B 137 -5.35 -27.76 22.49
CA ASP B 137 -4.09 -28.11 23.13
C ASP B 137 -3.39 -29.19 22.32
N PRO B 138 -2.08 -29.00 22.07
CA PRO B 138 -1.27 -29.97 21.31
C PRO B 138 -1.42 -31.35 21.90
N ILE B 139 -1.42 -32.37 21.04
CA ILE B 139 -1.73 -33.73 21.47
C ILE B 139 -0.72 -34.28 22.50
N VAL B 140 0.56 -33.95 22.33
CA VAL B 140 1.60 -34.40 23.25
C VAL B 140 1.43 -33.73 24.62
N VAL B 141 1.11 -32.43 24.58
CA VAL B 141 0.84 -31.66 25.77
C VAL B 141 -0.28 -32.30 26.58
N GLU B 142 -1.37 -32.63 25.90
CA GLU B 142 -2.52 -33.26 26.55
C GLU B 142 -2.16 -34.67 27.05
N LEU B 143 -1.27 -35.35 26.32
CA LEU B 143 -0.81 -36.66 26.74
C LEU B 143 -0.04 -36.58 28.05
N LYS B 144 0.79 -35.55 28.20
CA LYS B 144 1.51 -35.36 29.45
C LYS B 144 0.54 -34.98 30.56
N ASN B 145 -0.44 -34.14 30.21
CA ASN B 145 -1.46 -33.71 31.17
C ASN B 145 -2.24 -34.90 31.75
N GLN B 146 -2.48 -35.91 30.92
CA GLN B 146 -3.21 -37.10 31.34
C GLN B 146 -2.26 -38.18 31.87
N ASN B 147 -1.00 -37.81 32.05
CA ASN B 147 0.04 -38.70 32.59
C ASN B 147 0.20 -40.00 31.81
N LYS B 148 -0.15 -39.97 30.54
CA LYS B 148 0.03 -41.12 29.66
C LYS B 148 1.49 -41.22 29.21
N ILE B 149 2.18 -40.08 29.23
CA ILE B 149 3.60 -40.01 28.89
C ILE B 149 4.35 -39.24 29.97
N GLU B 150 5.65 -39.42 30.02
CA GLU B 150 6.46 -38.76 31.05
C GLU B 150 6.78 -37.32 30.68
N ASN B 151 7.39 -37.12 29.52
CA ASN B 151 7.78 -35.79 29.08
C ASN B 151 6.96 -35.29 27.90
N ALA B 152 6.52 -34.04 27.94
CA ALA B 152 5.77 -33.48 26.82
C ALA B 152 6.74 -33.10 25.71
N LEU B 153 7.33 -34.12 25.08
CA LEU B 153 8.23 -33.89 23.96
C LEU B 153 8.07 -35.00 22.93
N PHE B 154 8.40 -34.68 21.68
CA PHE B 154 8.39 -35.68 20.62
C PHE B 154 9.59 -35.47 19.70
N THR B 155 10.17 -36.57 19.23
CA THR B 155 11.35 -36.49 18.38
C THR B 155 11.09 -37.03 16.97
N PHE B 156 11.68 -36.38 15.98
CA PHE B 156 11.60 -36.82 14.59
C PHE B 156 12.91 -37.38 14.06
N TYR B 157 12.83 -38.64 13.60
CA TYR B 157 13.91 -39.33 12.91
C TYR B 157 13.45 -39.74 11.53
N LEU B 158 13.71 -38.90 10.52
CA LEU B 158 13.16 -39.11 9.19
C LEU B 158 13.78 -40.30 8.46
N PRO B 159 12.98 -40.96 7.61
CA PRO B 159 13.43 -42.09 6.79
C PRO B 159 14.29 -41.66 5.60
N VAL B 160 14.98 -42.61 4.99
CA VAL B 160 15.76 -42.37 3.79
C VAL B 160 15.38 -43.37 2.70
N HIS B 161 15.16 -42.86 1.49
CA HIS B 161 14.73 -43.68 0.36
C HIS B 161 15.70 -44.82 0.10
N ASP B 162 15.18 -46.04 -0.02
CA ASP B 162 15.97 -47.23 -0.32
C ASP B 162 17.08 -47.48 0.71
N LYS B 163 16.86 -47.02 1.94
CA LYS B 163 17.80 -47.24 3.04
C LYS B 163 17.10 -47.78 4.28
N HIS B 164 16.50 -46.87 5.05
CA HIS B 164 15.82 -47.24 6.28
C HIS B 164 14.50 -46.49 6.46
N THR B 165 13.64 -47.04 7.31
CA THR B 165 12.35 -46.40 7.60
C THR B 165 12.55 -45.33 8.66
N GLY B 166 11.51 -44.54 8.90
CA GLY B 166 11.59 -43.44 9.86
C GLY B 166 10.80 -43.68 11.12
N PHE B 167 10.89 -42.75 12.06
CA PHE B 167 10.16 -42.86 13.32
C PHE B 167 9.81 -41.50 13.93
N LEU B 168 8.57 -41.40 14.38
CA LEU B 168 8.12 -40.32 15.23
C LEU B 168 7.99 -40.87 16.65
N THR B 169 8.79 -40.34 17.56
CA THR B 169 8.82 -40.86 18.92
C THR B 169 8.10 -39.91 19.88
N ILE B 170 7.20 -40.45 20.69
CA ILE B 170 6.48 -39.64 21.67
C ILE B 170 6.86 -40.05 23.09
N GLY B 171 7.23 -39.07 23.91
CA GLY B 171 7.50 -39.33 25.32
C GLY B 171 8.94 -39.18 25.77
N GLY B 172 9.88 -39.37 24.85
CA GLY B 172 11.29 -39.30 25.21
C GLY B 172 12.27 -39.45 24.06
N ILE B 173 13.55 -39.28 24.38
CA ILE B 173 14.61 -39.34 23.39
C ILE B 173 15.34 -40.68 23.43
N GLU B 174 15.54 -41.28 22.27
CA GLU B 174 16.24 -42.55 22.17
C GLU B 174 17.63 -42.37 21.55
N GLU B 175 18.65 -42.92 22.20
CA GLU B 175 20.03 -42.71 21.80
C GLU B 175 20.35 -43.26 20.41
N ARG B 176 19.58 -44.26 19.97
CA ARG B 176 19.87 -44.95 18.72
C ARG B 176 19.67 -44.07 17.49
N PHE B 177 18.86 -43.02 17.64
CA PHE B 177 18.46 -42.20 16.50
C PHE B 177 19.54 -41.22 16.06
N TYR B 178 20.39 -40.81 16.99
CA TYR B 178 21.42 -39.84 16.67
C TYR B 178 22.78 -40.29 17.20
N GLU B 179 23.83 -39.74 16.59
CA GLU B 179 25.16 -39.89 17.15
C GLU B 179 25.79 -38.51 17.27
N GLY B 180 26.77 -38.37 18.16
CA GLY B 180 27.35 -37.07 18.43
C GLY B 180 26.49 -36.29 19.41
N PRO B 181 26.80 -35.00 19.58
CA PRO B 181 26.13 -34.14 20.58
C PRO B 181 24.72 -33.71 20.17
N LEU B 182 23.83 -33.65 21.15
CA LEU B 182 22.48 -33.14 20.94
C LEU B 182 22.39 -31.72 21.47
N THR B 183 22.29 -30.75 20.56
CA THR B 183 22.38 -29.34 20.93
C THR B 183 21.03 -28.63 20.90
N TYR B 184 20.63 -28.03 22.02
CA TYR B 184 19.31 -27.40 22.11
C TYR B 184 19.31 -25.92 21.73
N GLU B 185 18.21 -25.49 21.10
CA GLU B 185 18.02 -24.09 20.73
C GLU B 185 16.66 -23.64 21.23
N LYS B 186 16.63 -22.55 21.99
CA LYS B 186 15.38 -22.04 22.56
C LYS B 186 14.46 -21.46 21.50
N LEU B 187 13.16 -21.64 21.69
CA LEU B 187 12.16 -21.04 20.80
C LEU B 187 12.07 -19.54 21.03
N ASN B 188 11.91 -18.79 19.95
CA ASN B 188 11.68 -17.36 20.05
C ASN B 188 10.19 -17.06 20.19
N HIS B 189 9.37 -18.07 19.88
CA HIS B 189 7.93 -17.98 20.06
C HIS B 189 7.32 -19.35 20.32
N ASP B 190 6.28 -19.39 21.14
CA ASP B 190 5.53 -20.62 21.38
C ASP B 190 4.44 -20.76 20.33
N LEU B 191 4.84 -20.72 19.07
CA LEU B 191 3.92 -20.80 17.95
C LEU B 191 4.33 -21.95 17.04
N TYR B 192 5.17 -21.65 16.05
CA TYR B 192 5.83 -22.69 15.27
C TYR B 192 6.98 -23.23 16.10
N TRP B 193 7.63 -24.28 15.62
CA TRP B 193 8.87 -24.71 16.23
C TRP B 193 9.99 -23.89 15.62
N GLN B 194 10.06 -22.62 16.03
CA GLN B 194 10.97 -21.67 15.43
C GLN B 194 12.08 -21.27 16.38
N ILE B 195 13.31 -21.26 15.85
CA ILE B 195 14.48 -20.90 16.63
C ILE B 195 15.28 -19.85 15.86
N THR B 196 16.17 -19.15 16.56
CA THR B 196 16.98 -18.13 15.92
C THR B 196 18.36 -18.67 15.58
N LEU B 197 18.71 -18.63 14.30
CA LEU B 197 20.01 -19.11 13.84
C LEU B 197 20.65 -18.14 12.85
N ASP B 198 21.98 -18.07 12.87
CA ASP B 198 22.72 -17.26 11.90
C ASP B 198 22.92 -18.02 10.61
N ALA B 199 22.52 -17.41 9.49
CA ALA B 199 22.58 -18.07 8.20
C ALA B 199 23.84 -17.66 7.43
N HIS B 200 24.54 -18.65 6.90
CA HIS B 200 25.80 -18.42 6.21
CA HIS B 200 25.79 -18.41 6.20
C HIS B 200 25.92 -19.34 5.00
N VAL B 201 26.02 -18.74 3.82
CA VAL B 201 26.29 -19.49 2.59
C VAL B 201 27.41 -18.79 1.83
N GLY B 202 28.63 -19.28 1.98
CA GLY B 202 29.79 -18.65 1.37
C GLY B 202 29.96 -17.22 1.81
N ASN B 203 29.90 -16.30 0.85
CA ASN B 203 30.03 -14.88 1.13
C ASN B 203 28.75 -14.32 1.73
N ILE B 204 27.62 -14.95 1.41
CA ILE B 204 26.31 -14.46 1.82
C ILE B 204 26.04 -14.76 3.29
N SER B 205 25.65 -13.74 4.05
CA SER B 205 25.41 -13.93 5.47
C SER B 205 24.19 -13.15 5.95
N LEU B 206 23.25 -13.85 6.57
CA LEU B 206 22.08 -13.20 7.16
C LEU B 206 22.03 -13.53 8.64
N GLU B 207 22.26 -12.52 9.48
CA GLU B 207 22.44 -12.76 10.91
C GLU B 207 21.12 -12.79 11.67
N LYS B 208 21.07 -13.61 12.72
CA LYS B 208 19.92 -13.75 13.61
C LYS B 208 18.61 -14.01 12.87
N ALA B 209 18.68 -14.88 11.86
CA ALA B 209 17.50 -15.20 11.06
C ALA B 209 16.57 -16.16 11.78
N ASN B 210 15.27 -16.00 11.52
CA ASN B 210 14.26 -16.88 12.08
C ASN B 210 14.13 -18.16 11.28
N CYS B 211 14.41 -19.29 11.91
CA CYS B 211 14.32 -20.59 11.26
C CYS B 211 13.18 -21.41 11.81
N ILE B 212 12.22 -21.75 10.95
CA ILE B 212 11.10 -22.59 11.36
C ILE B 212 11.33 -24.03 10.96
N VAL B 213 11.34 -24.93 11.94
CA VAL B 213 11.47 -26.36 11.69
C VAL B 213 10.12 -26.95 11.31
N ASP B 214 9.96 -27.27 10.03
CA ASP B 214 8.67 -27.64 9.48
C ASP B 214 8.70 -29.01 8.80
N SER B 215 8.10 -30.01 9.44
CA SER B 215 8.06 -31.35 8.88
C SER B 215 7.02 -31.48 7.76
N GLY B 216 6.15 -30.48 7.63
CA GLY B 216 5.10 -30.49 6.63
C GLY B 216 5.48 -29.82 5.32
N THR B 217 6.73 -29.38 5.22
CA THR B 217 7.25 -28.75 4.01
C THR B 217 8.42 -29.55 3.49
N SER B 218 8.32 -30.02 2.25
CA SER B 218 9.35 -30.87 1.67
C SER B 218 10.40 -30.06 0.91
N ALA B 219 10.73 -28.88 1.45
CA ALA B 219 11.74 -28.02 0.84
C ALA B 219 12.41 -27.13 1.88
N ILE B 220 13.47 -26.44 1.45
CA ILE B 220 14.10 -25.40 2.25
C ILE B 220 13.72 -24.05 1.66
N THR B 221 12.97 -23.24 2.40
CA THR B 221 12.65 -21.92 1.89
C THR B 221 13.66 -20.91 2.43
N VAL B 222 13.88 -19.88 1.63
CA VAL B 222 14.95 -18.93 1.84
C VAL B 222 14.45 -17.56 1.36
N PRO B 223 14.88 -16.48 2.03
CA PRO B 223 14.59 -15.13 1.53
C PRO B 223 14.95 -15.01 0.05
N THR B 224 14.08 -14.36 -0.74
CA THR B 224 14.23 -14.32 -2.19
C THR B 224 15.59 -13.77 -2.62
N ASP B 225 15.98 -12.66 -2.00
CA ASP B 225 17.25 -12.02 -2.31
C ASP B 225 18.42 -12.91 -1.92
N PHE B 226 18.28 -13.63 -0.81
CA PHE B 226 19.30 -14.56 -0.35
C PHE B 226 19.53 -15.66 -1.38
N LEU B 227 18.44 -16.29 -1.80
CA LEU B 227 18.49 -17.35 -2.81
C LEU B 227 19.12 -16.85 -4.09
N ASN B 228 18.62 -15.70 -4.56
CA ASN B 228 19.13 -15.08 -5.78
C ASN B 228 20.64 -14.83 -5.69
N LYS B 229 21.09 -14.34 -4.55
CA LYS B 229 22.50 -14.06 -4.33
C LYS B 229 23.35 -15.34 -4.28
N MET B 230 22.79 -16.41 -3.73
CA MET B 230 23.56 -17.63 -3.55
C MET B 230 23.52 -18.50 -4.80
N LEU B 231 22.66 -18.15 -5.75
CA LEU B 231 22.54 -18.93 -6.99
C LEU B 231 23.45 -18.41 -8.10
N GLN B 232 23.85 -17.15 -8.03
CA GLN B 232 24.74 -16.58 -9.02
C GLN B 232 26.20 -16.67 -8.59
N ASN B 233 27.06 -17.17 -9.48
CA ASN B 233 26.61 -17.69 -10.76
C ASN B 233 27.03 -19.14 -10.92
N LEU B 234 26.25 -20.04 -10.33
CA LEU B 234 26.55 -21.46 -10.42
C LEU B 234 25.97 -21.98 -11.72
N ASP B 235 26.42 -23.15 -12.16
CA ASP B 235 25.97 -23.70 -13.43
C ASP B 235 24.52 -24.17 -13.33
N VAL B 236 23.69 -23.34 -12.72
CA VAL B 236 22.27 -23.61 -12.54
C VAL B 236 21.43 -22.76 -13.50
N ILE B 237 20.29 -23.29 -13.94
CA ILE B 237 19.40 -22.57 -14.85
C ILE B 237 17.95 -22.61 -14.38
N LYS B 238 17.27 -21.46 -14.44
CA LYS B 238 15.89 -21.35 -13.97
C LYS B 238 14.86 -21.78 -15.02
N VAL B 239 13.93 -22.64 -14.62
CA VAL B 239 12.80 -23.03 -15.46
C VAL B 239 11.93 -21.82 -15.81
N PRO B 240 11.51 -21.71 -17.09
CA PRO B 240 10.69 -20.60 -17.59
C PRO B 240 9.36 -20.45 -16.84
N PHE B 241 9.22 -19.31 -16.16
CA PHE B 241 8.01 -18.95 -15.41
C PHE B 241 7.70 -19.90 -14.26
N LEU B 242 8.60 -20.85 -14.01
CA LEU B 242 8.52 -21.69 -12.82
C LEU B 242 9.61 -21.31 -11.82
N PRO B 243 9.32 -21.44 -10.52
CA PRO B 243 10.27 -21.12 -9.46
C PRO B 243 11.16 -22.32 -9.14
N PHE B 244 11.68 -22.99 -10.17
CA PHE B 244 12.50 -24.17 -9.96
C PHE B 244 13.84 -24.07 -10.68
N TYR B 245 14.89 -24.53 -10.02
CA TYR B 245 16.23 -24.49 -10.58
C TYR B 245 16.78 -25.90 -10.78
N VAL B 246 17.53 -26.10 -11.86
CA VAL B 246 18.12 -27.42 -12.12
C VAL B 246 19.61 -27.31 -12.37
N THR B 247 20.32 -28.43 -12.19
CA THR B 247 21.76 -28.47 -12.38
C THR B 247 22.26 -29.90 -12.50
N LEU B 248 23.52 -30.06 -12.88
CA LEU B 248 24.16 -31.36 -12.87
C LEU B 248 24.29 -31.81 -11.42
N CYS B 249 24.13 -33.10 -11.17
CA CYS B 249 24.16 -33.62 -9.80
C CYS B 249 25.55 -33.50 -9.20
N ASN B 250 26.56 -33.53 -10.07
CA ASN B 250 27.96 -33.47 -9.65
C ASN B 250 28.51 -32.05 -9.60
N ASN B 251 27.63 -31.06 -9.71
CA ASN B 251 28.06 -29.67 -9.69
C ASN B 251 28.75 -29.33 -8.37
N SER B 252 30.03 -28.99 -8.47
CA SER B 252 30.83 -28.74 -7.28
C SER B 252 30.63 -27.31 -6.78
N LYS B 253 30.11 -26.45 -7.66
CA LYS B 253 29.90 -25.05 -7.31
C LYS B 253 28.73 -24.91 -6.35
N LEU B 254 27.95 -25.97 -6.21
CA LEU B 254 26.82 -25.96 -5.29
C LEU B 254 27.32 -25.82 -3.85
N PRO B 255 26.79 -24.82 -3.13
CA PRO B 255 27.27 -24.44 -1.80
C PRO B 255 26.66 -25.25 -0.67
N THR B 256 27.07 -24.96 0.56
CA THR B 256 26.58 -25.65 1.74
C THR B 256 25.97 -24.66 2.74
N PHE B 257 24.77 -24.95 3.22
CA PHE B 257 24.12 -24.13 4.23
C PHE B 257 24.84 -24.23 5.56
N GLU B 258 25.01 -23.08 6.23
CA GLU B 258 25.63 -23.06 7.56
C GLU B 258 24.79 -22.26 8.53
N PHE B 259 24.08 -22.96 9.42
CA PHE B 259 23.29 -22.31 10.45
C PHE B 259 24.03 -22.41 11.78
N THR B 260 24.44 -21.27 12.30
CA THR B 260 25.29 -21.23 13.49
C THR B 260 24.66 -20.46 14.65
N SER B 261 24.90 -20.93 15.86
CA SER B 261 24.49 -20.22 17.05
C SER B 261 25.58 -20.32 18.12
N GLU B 262 25.34 -19.68 19.25
CA GLU B 262 26.26 -19.78 20.39
C GLU B 262 26.26 -21.20 20.96
N ASN B 263 25.18 -21.94 20.70
CA ASN B 263 25.02 -23.28 21.23
C ASN B 263 25.66 -24.35 20.35
N GLY B 264 25.44 -24.25 19.05
CA GLY B 264 25.94 -25.24 18.12
C GLY B 264 25.97 -24.80 16.66
N LYS B 265 26.45 -25.69 15.79
CA LYS B 265 26.55 -25.41 14.37
C LYS B 265 25.99 -26.56 13.54
N TYR B 266 25.12 -26.23 12.59
CA TYR B 266 24.46 -27.23 11.76
C TYR B 266 24.60 -26.89 10.28
N THR B 267 24.98 -27.87 9.47
CA THR B 267 25.23 -27.63 8.06
C THR B 267 24.33 -28.47 7.16
N LEU B 268 24.09 -27.98 5.94
CA LEU B 268 23.27 -28.73 4.99
C LEU B 268 23.94 -28.77 3.61
N GLU B 269 24.42 -29.95 3.24
CA GLU B 269 25.17 -30.15 1.99
C GLU B 269 24.25 -30.30 0.76
N PRO B 270 24.80 -30.02 -0.44
CA PRO B 270 24.04 -30.14 -1.70
C PRO B 270 23.37 -31.49 -1.86
N GLU B 271 24.00 -32.54 -1.34
CA GLU B 271 23.48 -33.89 -1.46
C GLU B 271 22.12 -34.04 -0.76
N TYR B 272 21.83 -33.13 0.16
CA TYR B 272 20.60 -33.20 0.93
C TYR B 272 19.47 -32.39 0.31
N TYR B 273 19.80 -31.30 -0.36
CA TYR B 273 18.76 -30.46 -0.96
C TYR B 273 18.64 -30.64 -2.47
N LEU B 274 19.28 -31.66 -3.02
CA LEU B 274 19.09 -31.99 -4.44
C LEU B 274 18.15 -33.17 -4.61
N GLN B 275 17.16 -33.00 -5.48
CA GLN B 275 16.23 -34.08 -5.81
C GLN B 275 16.56 -34.55 -7.21
N HIS B 276 16.33 -35.82 -7.52
CA HIS B 276 16.73 -36.34 -8.81
C HIS B 276 15.60 -36.28 -9.84
N ILE B 277 15.92 -35.76 -11.02
CA ILE B 277 14.99 -35.78 -12.13
C ILE B 277 15.63 -36.37 -13.40
N GLU B 278 15.77 -37.68 -13.46
CA GLU B 278 16.42 -38.26 -14.64
C GLU B 278 15.41 -38.63 -15.71
N ASP B 279 14.16 -38.25 -15.50
CA ASP B 279 13.17 -38.41 -16.55
C ASP B 279 13.29 -37.20 -17.46
N VAL B 280 14.06 -36.22 -17.00
CA VAL B 280 14.39 -35.04 -17.79
C VAL B 280 15.61 -35.33 -18.65
N GLY B 281 16.72 -35.65 -18.00
CA GLY B 281 17.94 -36.04 -18.69
C GLY B 281 18.77 -37.14 -18.04
N PRO B 282 20.08 -37.13 -18.29
CA PRO B 282 21.12 -38.04 -17.79
C PRO B 282 21.84 -37.55 -16.53
N GLY B 283 21.22 -37.74 -15.38
CA GLY B 283 21.82 -37.34 -14.12
C GLY B 283 21.64 -35.85 -13.94
N LEU B 284 20.40 -35.42 -14.11
CA LEU B 284 19.99 -34.05 -13.88
C LEU B 284 19.29 -33.98 -12.53
N CYS B 285 19.51 -32.89 -11.80
CA CYS B 285 18.92 -32.72 -10.47
C CYS B 285 18.27 -31.36 -10.32
N MET B 286 17.30 -31.28 -9.41
CA MET B 286 16.61 -30.04 -9.11
C MET B 286 16.88 -29.57 -7.69
N LEU B 287 17.13 -28.28 -7.51
CA LEU B 287 17.33 -27.71 -6.19
C LEU B 287 16.03 -27.62 -5.38
N ASN B 288 16.00 -28.30 -4.24
CA ASN B 288 14.83 -28.28 -3.36
C ASN B 288 14.79 -27.02 -2.49
N ILE B 289 15.09 -25.87 -3.10
CA ILE B 289 15.14 -24.61 -2.38
C ILE B 289 14.20 -23.58 -3.02
N ILE B 290 13.36 -22.97 -2.21
CA ILE B 290 12.34 -22.03 -2.71
C ILE B 290 12.49 -20.63 -2.13
N GLY B 291 12.39 -19.62 -2.98
CA GLY B 291 12.44 -18.24 -2.53
C GLY B 291 11.13 -17.84 -1.88
N LEU B 292 11.19 -17.45 -0.61
CA LEU B 292 10.00 -17.06 0.14
C LEU B 292 10.26 -15.91 1.11
N ASP B 293 9.45 -14.85 0.99
CA ASP B 293 9.64 -13.68 1.83
C ASP B 293 8.53 -13.53 2.86
N PHE B 294 8.94 -13.29 4.10
CA PHE B 294 8.01 -13.06 5.20
C PHE B 294 8.34 -11.71 5.80
N PRO B 295 7.44 -11.13 6.60
CA PRO B 295 7.74 -9.86 7.27
C PRO B 295 9.05 -9.94 8.06
N VAL B 296 9.25 -11.07 8.74
CA VAL B 296 10.52 -11.37 9.38
C VAL B 296 11.26 -12.39 8.53
N PRO B 297 12.45 -12.03 8.05
CA PRO B 297 13.28 -12.91 7.21
C PRO B 297 13.36 -14.32 7.79
N THR B 298 12.87 -15.30 7.05
CA THR B 298 12.70 -16.63 7.60
C THR B 298 13.21 -17.75 6.69
N PHE B 299 14.02 -18.63 7.26
CA PHE B 299 14.39 -19.87 6.63
C PHE B 299 13.46 -20.96 7.11
N ILE B 300 12.85 -21.69 6.19
CA ILE B 300 12.05 -22.82 6.60
C ILE B 300 12.87 -24.07 6.37
N LEU B 301 13.24 -24.72 7.48
CA LEU B 301 14.02 -25.93 7.43
C LEU B 301 13.09 -27.12 7.36
N GLY B 302 12.91 -27.62 6.15
CA GLY B 302 11.97 -28.70 5.89
C GLY B 302 12.57 -30.08 5.92
N ASP B 303 12.01 -30.97 5.11
CA ASP B 303 12.44 -32.36 5.02
C ASP B 303 13.93 -32.62 4.80
N PRO B 304 14.60 -31.84 3.94
CA PRO B 304 16.04 -32.14 3.78
C PRO B 304 16.82 -32.05 5.10
N PHE B 305 16.58 -30.94 5.81
CA PHE B 305 17.26 -30.67 7.06
C PHE B 305 16.98 -31.76 8.09
N MET B 306 15.72 -32.15 8.22
CA MET B 306 15.33 -33.13 9.22
C MET B 306 15.74 -34.54 8.82
N ARG B 307 15.96 -34.75 7.52
CA ARG B 307 16.46 -36.01 7.02
C ARG B 307 17.94 -36.10 7.35
N LYS B 308 18.61 -34.96 7.40
CA LYS B 308 20.00 -34.96 7.86
C LYS B 308 20.07 -34.96 9.40
N TYR B 309 19.24 -34.14 10.04
CA TYR B 309 19.31 -33.96 11.48
C TYR B 309 18.12 -34.55 12.24
N PHE B 310 18.42 -35.52 13.10
CA PHE B 310 17.47 -35.97 14.10
C PHE B 310 17.04 -34.77 14.95
N THR B 311 15.74 -34.56 15.08
CA THR B 311 15.25 -33.37 15.77
C THR B 311 14.41 -33.71 16.99
N VAL B 312 14.46 -32.85 18.00
CA VAL B 312 13.74 -33.05 19.24
C VAL B 312 12.87 -31.82 19.51
N PHE B 313 11.60 -32.05 19.84
CA PHE B 313 10.68 -30.95 20.07
C PHE B 313 10.14 -31.03 21.49
N ASP B 314 10.58 -30.07 22.32
CA ASP B 314 10.32 -30.09 23.75
C ASP B 314 9.37 -28.96 24.15
N TYR B 315 8.15 -29.33 24.53
CA TYR B 315 7.17 -28.38 25.03
C TYR B 315 7.56 -27.88 26.43
N ASP B 316 8.04 -28.81 27.25
CA ASP B 316 8.40 -28.52 28.63
C ASP B 316 9.53 -27.49 28.73
N ASN B 317 10.59 -27.70 27.96
CA ASN B 317 11.72 -26.79 27.97
C ASN B 317 11.58 -25.69 26.93
N HIS B 318 10.47 -25.71 26.20
CA HIS B 318 10.19 -24.73 25.15
C HIS B 318 11.37 -24.61 24.20
N SER B 319 11.82 -25.74 23.65
CA SER B 319 13.03 -25.72 22.84
C SER B 319 13.12 -26.86 21.82
N VAL B 320 14.05 -26.70 20.88
CA VAL B 320 14.28 -27.70 19.85
C VAL B 320 15.72 -28.23 19.89
N GLY B 321 15.87 -29.53 20.09
CA GLY B 321 17.18 -30.14 20.09
C GLY B 321 17.55 -30.63 18.70
N ILE B 322 18.80 -30.40 18.30
CA ILE B 322 19.26 -30.85 16.99
C ILE B 322 20.48 -31.74 17.16
N ALA B 323 20.41 -32.93 16.58
CA ALA B 323 21.55 -33.83 16.60
C ALA B 323 21.69 -34.48 15.24
N LEU B 324 22.89 -34.89 14.87
CA LEU B 324 23.07 -35.58 13.60
C LEU B 324 22.43 -36.96 13.67
N ALA B 325 21.47 -37.21 12.79
CA ALA B 325 20.76 -38.48 12.77
C ALA B 325 21.70 -39.59 12.30
N LYS B 326 21.66 -40.73 12.97
CA LYS B 326 22.54 -41.83 12.61
C LYS B 326 22.21 -42.33 11.21
N LYS B 327 23.22 -42.37 10.34
CA LYS B 327 23.01 -42.67 8.92
C LYS B 327 22.26 -43.97 8.67
N ASN B 328 22.67 -45.04 9.35
CA ASN B 328 21.96 -46.29 9.21
C ASN B 328 21.28 -46.63 10.53
N LEU B 329 20.10 -47.24 10.44
CA LEU B 329 19.31 -47.53 11.64
C LEU B 329 19.66 -48.87 12.26
N SER C 1 29.42 -3.93 0.68
CA SER C 1 29.46 -2.81 1.62
C SER C 1 28.55 -3.06 2.83
N SER C 2 28.83 -4.13 3.57
CA SER C 2 27.99 -4.50 4.71
C SER C 2 28.44 -3.82 6.00
N ASN C 3 28.88 -2.57 5.87
CA ASN C 3 29.29 -1.76 7.02
C ASN C 3 28.21 -0.74 7.37
N ASP C 4 28.42 0.01 8.45
CA ASP C 4 27.47 1.03 8.85
C ASP C 4 27.87 2.40 8.30
N ASN C 5 26.94 3.07 7.63
CA ASN C 5 27.20 4.35 6.99
C ASN C 5 26.26 5.47 7.43
N ILE C 6 26.84 6.64 7.72
CA ILE C 6 26.09 7.85 8.04
C ILE C 6 26.27 8.90 6.96
N GLU C 7 25.17 9.27 6.30
CA GLU C 7 25.24 10.23 5.20
C GLU C 7 25.65 11.61 5.69
N LEU C 8 26.65 12.19 5.01
CA LEU C 8 27.11 13.54 5.32
C LEU C 8 26.58 14.53 4.29
N VAL C 9 25.82 15.50 4.78
CA VAL C 9 25.23 16.52 3.92
C VAL C 9 26.08 17.77 3.90
N ASP C 10 26.41 18.25 2.70
CA ASP C 10 27.22 19.45 2.55
C ASP C 10 26.39 20.71 2.78
N PHE C 11 26.94 21.63 3.56
CA PHE C 11 26.27 22.90 3.81
C PHE C 11 27.07 24.04 3.17
N GLN C 12 26.62 24.41 1.98
CA GLN C 12 27.14 25.55 1.22
C GLN C 12 28.67 25.55 1.10
N ASN C 13 29.23 24.35 0.94
CA ASN C 13 30.67 24.15 0.75
C ASN C 13 31.51 24.63 1.94
N ILE C 14 30.85 25.15 2.98
CA ILE C 14 31.57 25.64 4.14
C ILE C 14 31.51 24.66 5.31
N MET C 15 30.40 23.92 5.44
CA MET C 15 30.27 22.96 6.53
C MET C 15 29.73 21.63 6.03
N PHE C 16 29.52 20.70 6.95
CA PHE C 16 28.81 19.45 6.63
C PHE C 16 28.27 18.81 7.90
N TYR C 17 27.06 18.27 7.82
CA TYR C 17 26.40 17.71 8.99
C TYR C 17 25.98 16.26 8.79
N GLY C 18 25.72 15.58 9.90
CA GLY C 18 25.25 14.20 9.84
C GLY C 18 24.16 13.96 10.87
N ASP C 19 23.13 13.21 10.49
CA ASP C 19 22.02 12.97 11.40
C ASP C 19 22.20 11.72 12.24
N ALA C 20 21.71 11.76 13.47
CA ALA C 20 21.77 10.61 14.37
C ALA C 20 20.57 10.63 15.33
N GLU C 21 20.30 9.50 15.99
CA GLU C 21 19.11 9.40 16.83
C GLU C 21 19.42 9.15 18.31
N VAL C 22 18.56 9.68 19.18
CA VAL C 22 18.65 9.45 20.63
C VAL C 22 17.31 8.97 21.19
N GLY C 23 17.35 8.00 22.10
CA GLY C 23 16.15 7.42 22.67
C GLY C 23 15.68 6.18 21.92
N ASP C 24 14.88 5.35 22.57
CA ASP C 24 14.44 4.09 21.95
C ASP C 24 13.36 4.35 20.91
N ASN C 25 12.87 5.58 20.88
CA ASN C 25 11.90 5.99 19.86
C ASN C 25 12.58 6.75 18.74
N GLN C 26 13.92 6.67 18.73
CA GLN C 26 14.78 7.26 17.70
C GLN C 26 14.46 8.73 17.39
N GLN C 27 14.69 9.60 18.36
CA GLN C 27 14.54 11.04 18.15
C GLN C 27 15.70 11.59 17.31
N PRO C 28 15.38 12.16 16.13
CA PRO C 28 16.39 12.62 15.17
C PRO C 28 17.04 13.94 15.54
N PHE C 29 18.35 14.04 15.32
CA PHE C 29 19.11 15.25 15.57
C PHE C 29 20.17 15.47 14.50
N THR C 30 20.40 16.74 14.17
CA THR C 30 21.46 17.12 13.24
C THR C 30 22.74 17.45 14.01
N PHE C 31 23.82 16.77 13.65
CA PHE C 31 25.09 16.90 14.37
C PHE C 31 26.24 17.41 13.53
N ILE C 32 27.13 18.13 14.20
CA ILE C 32 28.46 18.35 13.68
C ILE C 32 29.32 17.18 14.14
N LEU C 33 29.79 16.37 13.19
CA LEU C 33 30.60 15.21 13.52
C LEU C 33 32.05 15.65 13.64
N ASP C 34 32.54 15.68 14.88
CA ASP C 34 33.76 16.39 15.24
C ASP C 34 34.83 15.49 15.81
N THR C 35 35.94 15.35 15.09
CA THR C 35 37.09 14.58 15.57
C THR C 35 37.98 15.44 16.44
N GLY C 36 37.51 16.65 16.76
CA GLY C 36 38.25 17.60 17.56
C GLY C 36 37.73 17.69 18.99
N SER C 37 36.63 16.99 19.25
CA SER C 37 36.08 16.91 20.59
C SER C 37 35.69 15.46 20.86
N ALA C 38 35.31 15.15 22.10
CA ALA C 38 34.98 13.78 22.44
C ALA C 38 33.71 13.69 23.27
N ASN C 39 32.83 14.67 23.13
CA ASN C 39 31.56 14.66 23.84
C ASN C 39 30.35 14.73 22.91
N LEU C 40 29.28 14.07 23.32
CA LEU C 40 28.01 14.12 22.60
C LEU C 40 27.03 14.95 23.40
N TRP C 41 26.40 15.93 22.75
CA TRP C 41 25.39 16.73 23.41
C TRP C 41 24.25 17.13 22.48
N VAL C 42 23.04 17.15 23.03
CA VAL C 42 21.86 17.61 22.32
C VAL C 42 21.12 18.65 23.16
N PRO C 43 20.39 19.56 22.49
CA PRO C 43 19.55 20.50 23.22
C PRO C 43 18.31 19.80 23.78
N SER C 44 17.95 20.14 25.01
CA SER C 44 16.85 19.46 25.69
C SER C 44 15.55 20.21 25.52
N VAL C 45 14.44 19.55 25.84
CA VAL C 45 13.15 20.20 25.88
C VAL C 45 13.07 21.10 27.11
N LYS C 46 13.99 20.86 28.04
CA LYS C 46 14.09 21.65 29.25
C LYS C 46 14.96 22.90 29.03
N CYS C 47 15.36 23.11 27.78
CA CYS C 47 16.20 24.25 27.42
C CYS C 47 15.48 25.58 27.65
N THR C 48 16.20 26.52 28.24
CA THR C 48 15.61 27.80 28.62
C THR C 48 16.15 28.98 27.81
N THR C 49 16.96 28.71 26.80
CA THR C 49 17.52 29.78 25.99
C THR C 49 16.79 29.86 24.66
N ALA C 50 16.93 31.01 24.00
CA ALA C 50 16.16 31.28 22.78
C ALA C 50 16.57 30.40 21.61
N GLY C 51 17.85 30.03 21.55
CA GLY C 51 18.36 29.25 20.44
C GLY C 51 17.65 27.92 20.31
N CYS C 52 17.44 27.27 21.44
CA CYS C 52 16.83 25.95 21.50
C CYS C 52 15.43 25.91 20.89
N LEU C 53 14.84 27.09 20.69
CA LEU C 53 13.52 27.17 20.09
C LEU C 53 13.52 26.82 18.60
N THR C 54 14.67 26.92 17.94
CA THR C 54 14.70 26.66 16.50
C THR C 54 15.31 25.29 16.18
N LYS C 55 15.62 24.52 17.21
CA LYS C 55 16.32 23.26 17.04
C LYS C 55 15.42 22.07 17.37
N HIS C 56 15.91 20.87 17.07
CA HIS C 56 15.25 19.65 17.50
C HIS C 56 15.64 19.33 18.93
N LEU C 57 14.65 19.07 19.79
CA LEU C 57 14.93 18.93 21.22
C LEU C 57 14.78 17.50 21.71
N TYR C 58 15.45 17.20 22.82
CA TYR C 58 15.42 15.87 23.40
C TYR C 58 14.51 15.79 24.63
N ASP C 59 13.50 14.93 24.55
CA ASP C 59 12.56 14.73 25.66
C ASP C 59 12.86 13.38 26.33
N SER C 60 13.44 13.44 27.53
CA SER C 60 13.79 12.24 28.28
C SER C 60 12.55 11.43 28.64
N SER C 61 11.44 12.13 28.83
CA SER C 61 10.19 11.50 29.22
C SER C 61 9.61 10.63 28.11
N LYS C 62 9.99 10.91 26.87
CA LYS C 62 9.44 10.18 25.72
C LYS C 62 10.21 8.89 25.43
N SER C 63 11.30 8.67 26.17
CA SER C 63 12.16 7.51 25.97
C SER C 63 12.12 6.54 27.14
N ARG C 64 11.80 5.27 26.87
CA ARG C 64 11.77 4.24 27.90
C ARG C 64 13.17 3.86 28.38
N THR C 65 14.17 4.11 27.55
CA THR C 65 15.54 3.70 27.87
C THR C 65 16.38 4.82 28.48
N TYR C 66 15.73 5.91 28.87
CA TYR C 66 16.42 7.02 29.52
C TYR C 66 16.89 6.65 30.92
N GLU C 67 18.14 6.98 31.22
CA GLU C 67 18.71 6.76 32.55
C GLU C 67 19.17 8.08 33.19
N LYS C 68 18.66 8.38 34.37
CA LYS C 68 18.98 9.64 35.04
C LYS C 68 20.43 9.73 35.49
N ASP C 69 21.08 10.85 35.15
CA ASP C 69 22.43 11.14 35.62
C ASP C 69 22.39 12.45 36.40
N GLY C 70 22.09 13.54 35.70
CA GLY C 70 21.87 14.83 36.33
C GLY C 70 23.11 15.63 36.67
N THR C 71 24.28 15.02 36.48
CA THR C 71 25.56 15.67 36.79
C THR C 71 25.79 16.90 35.93
N LYS C 72 25.91 18.06 36.56
CA LYS C 72 26.08 19.31 35.84
C LYS C 72 27.40 19.32 35.07
N VAL C 73 27.35 19.84 33.85
CA VAL C 73 28.52 19.87 33.00
C VAL C 73 28.43 21.08 32.08
N GLU C 74 29.56 21.72 31.83
CA GLU C 74 29.61 22.91 31.02
C GLU C 74 30.70 22.81 29.94
N MET C 75 30.27 22.49 28.73
CA MET C 75 31.15 22.34 27.55
C MET C 75 31.66 23.67 27.01
N ASN C 76 32.99 23.79 26.92
CA ASN C 76 33.63 24.97 26.33
C ASN C 76 34.30 24.67 25.00
N TYR C 77 33.74 25.21 23.92
CA TYR C 77 34.39 25.10 22.62
C TYR C 77 35.12 26.40 22.32
N VAL C 78 35.90 26.42 21.25
CA VAL C 78 36.62 27.63 20.86
C VAL C 78 35.63 28.71 20.47
N SER C 79 34.58 28.31 19.75
CA SER C 79 33.58 29.25 19.28
C SER C 79 32.75 29.82 20.43
N GLY C 80 32.40 28.96 21.39
CA GLY C 80 31.55 29.37 22.49
C GLY C 80 31.36 28.27 23.51
N THR C 81 30.33 28.39 24.35
CA THR C 81 30.13 27.43 25.42
C THR C 81 28.65 27.09 25.65
N VAL C 82 28.37 25.82 25.87
CA VAL C 82 27.02 25.36 26.20
C VAL C 82 27.03 24.64 27.53
N SER C 83 25.94 24.72 28.27
CA SER C 83 25.89 24.08 29.58
C SER C 83 24.65 23.23 29.74
N GLY C 84 24.70 22.30 30.70
CA GLY C 84 23.61 21.39 30.94
C GLY C 84 23.98 20.32 31.95
N PHE C 85 23.49 19.11 31.73
CA PHE C 85 23.76 18.00 32.64
C PHE C 85 23.93 16.70 31.85
N PHE C 86 24.59 15.72 32.45
CA PHE C 86 24.78 14.43 31.79
C PHE C 86 23.50 13.61 31.83
N SER C 87 23.30 12.78 30.82
CA SER C 87 22.19 11.84 30.76
C SER C 87 22.61 10.62 29.97
N LYS C 88 22.03 9.46 30.28
CA LYS C 88 22.37 8.24 29.57
C LYS C 88 21.15 7.72 28.82
N ASP C 89 21.32 7.40 27.54
CA ASP C 89 20.21 6.89 26.76
C ASP C 89 20.73 6.15 25.52
N LEU C 90 19.82 5.50 24.81
CA LEU C 90 20.19 4.73 23.63
C LEU C 90 20.54 5.67 22.48
N VAL C 91 21.80 5.67 22.10
CA VAL C 91 22.26 6.47 20.97
C VAL C 91 22.34 5.57 19.74
N THR C 92 21.66 6.01 18.69
CA THR C 92 21.59 5.26 17.44
C THR C 92 22.39 5.94 16.33
N VAL C 93 23.35 5.20 15.79
CA VAL C 93 24.12 5.63 14.64
C VAL C 93 23.95 4.61 13.52
N GLY C 94 23.33 5.02 12.42
CA GLY C 94 23.03 4.11 11.33
C GLY C 94 22.07 3.02 11.77
N ASN C 95 22.47 1.76 11.56
CA ASN C 95 21.67 0.63 12.02
C ASN C 95 22.18 0.13 13.36
N LEU C 96 23.13 0.86 13.95
CA LEU C 96 23.70 0.51 15.23
C LEU C 96 23.09 1.35 16.34
N SER C 97 23.18 0.85 17.56
CA SER C 97 22.68 1.57 18.73
C SER C 97 23.29 1.02 20.00
N LEU C 98 23.46 1.88 21.00
CA LEU C 98 24.03 1.45 22.26
C LEU C 98 23.72 2.43 23.38
N PRO C 99 23.61 1.93 24.62
CA PRO C 99 23.45 2.81 25.77
C PRO C 99 24.69 3.68 25.93
N TYR C 100 24.51 5.00 25.90
CA TYR C 100 25.66 5.91 25.90
C TYR C 100 25.40 7.12 26.79
N LYS C 101 26.49 7.71 27.27
CA LYS C 101 26.44 8.88 28.14
C LYS C 101 26.68 10.16 27.34
N PHE C 102 25.70 11.05 27.33
CA PHE C 102 25.78 12.29 26.55
C PHE C 102 25.33 13.46 27.41
N ILE C 103 25.30 14.65 26.81
CA ILE C 103 24.95 15.86 27.56
C ILE C 103 23.65 16.50 27.09
N GLU C 104 22.67 16.51 27.99
CA GLU C 104 21.42 17.25 27.81
C GLU C 104 21.71 18.73 28.06
N VAL C 105 21.47 19.58 27.06
CA VAL C 105 21.87 20.98 27.14
C VAL C 105 20.72 21.95 27.40
N ILE C 106 20.89 22.77 28.43
CA ILE C 106 19.87 23.70 28.89
C ILE C 106 20.15 25.15 28.50
N ASP C 107 21.42 25.54 28.54
CA ASP C 107 21.80 26.91 28.26
C ASP C 107 22.66 26.99 27.01
N THR C 108 22.21 27.76 26.03
CA THR C 108 22.95 27.93 24.78
C THR C 108 23.29 29.40 24.53
N ASN C 109 23.14 30.24 25.55
CA ASN C 109 23.46 31.66 25.43
C ASN C 109 24.94 31.91 25.14
N GLY C 110 25.80 31.05 25.67
CA GLY C 110 27.22 31.16 25.44
C GLY C 110 27.60 30.71 24.05
N PHE C 111 26.66 30.08 23.36
CA PHE C 111 26.94 29.53 22.04
C PHE C 111 26.37 30.41 20.93
N GLU C 112 25.78 31.53 21.31
CA GLU C 112 25.23 32.47 20.33
C GLU C 112 26.33 33.44 19.87
N PRO C 113 26.20 34.00 18.66
CA PRO C 113 25.12 33.78 17.68
C PRO C 113 25.35 32.58 16.77
N THR C 114 26.47 31.88 16.98
CA THR C 114 26.83 30.75 16.14
C THR C 114 25.74 29.67 16.10
N TYR C 115 25.09 29.44 17.23
CA TYR C 115 24.12 28.36 17.34
C TYR C 115 22.90 28.57 16.46
N THR C 116 22.22 29.70 16.65
CA THR C 116 21.00 30.00 15.88
C THR C 116 21.30 30.19 14.40
N ALA C 117 22.44 30.82 14.11
CA ALA C 117 22.83 31.11 12.74
C ALA C 117 23.10 29.83 11.97
N SER C 118 23.57 28.79 12.66
CA SER C 118 23.85 27.52 12.04
C SER C 118 22.63 26.62 12.10
N THR C 119 22.65 25.53 11.34
CA THR C 119 21.48 24.66 11.20
C THR C 119 21.59 23.37 12.00
N PHE C 120 22.74 23.10 12.60
CA PHE C 120 22.92 21.88 13.37
C PHE C 120 22.25 21.99 14.74
N ASP C 121 21.90 20.84 15.30
CA ASP C 121 21.26 20.80 16.62
C ASP C 121 22.29 20.56 17.71
N GLY C 122 23.23 19.67 17.46
CA GLY C 122 24.25 19.35 18.44
C GLY C 122 25.57 18.96 17.83
N ILE C 123 26.51 18.57 18.67
CA ILE C 123 27.82 18.12 18.22
C ILE C 123 28.08 16.69 18.71
N LEU C 124 28.63 15.86 17.84
CA LEU C 124 29.01 14.50 18.21
C LEU C 124 30.52 14.36 18.19
N GLY C 125 31.10 14.03 19.33
CA GLY C 125 32.54 13.91 19.44
C GLY C 125 33.06 12.59 18.93
N LEU C 126 34.19 12.61 18.21
CA LEU C 126 34.79 11.40 17.69
C LEU C 126 36.28 11.29 18.04
N GLY C 127 36.66 11.91 19.16
CA GLY C 127 38.04 11.87 19.60
C GLY C 127 38.29 10.81 20.65
N TRP C 128 39.46 10.87 21.29
CA TRP C 128 39.83 9.89 22.30
C TRP C 128 39.29 10.29 23.67
N LYS C 129 39.28 9.34 24.59
CA LYS C 129 38.65 9.50 25.90
C LYS C 129 39.22 10.66 26.72
N ASP C 130 40.54 10.82 26.70
CA ASP C 130 41.21 11.86 27.48
C ASP C 130 40.81 13.28 27.08
N LEU C 131 40.15 13.40 25.92
CA LEU C 131 39.69 14.71 25.44
C LEU C 131 38.30 15.05 25.94
N SER C 132 37.54 14.04 26.35
CA SER C 132 36.14 14.21 26.74
C SER C 132 36.00 14.77 28.15
N ILE C 133 34.89 15.46 28.37
CA ILE C 133 34.52 15.94 29.68
C ILE C 133 33.73 14.86 30.41
N GLY C 134 34.23 14.44 31.56
CA GLY C 134 33.57 13.39 32.32
C GLY C 134 34.14 12.01 32.02
N SER C 135 35.29 11.97 31.37
CA SER C 135 35.98 10.72 31.02
C SER C 135 35.05 9.72 30.35
N VAL C 136 34.55 10.08 29.17
CA VAL C 136 33.62 9.25 28.45
C VAL C 136 34.33 8.46 27.35
N ASP C 137 34.24 7.13 27.44
CA ASP C 137 34.82 6.24 26.43
C ASP C 137 34.17 6.49 25.07
N PRO C 138 35.01 6.60 24.02
CA PRO C 138 34.54 6.88 22.66
C PRO C 138 33.45 5.92 22.19
N ILE C 139 32.50 6.45 21.42
CA ILE C 139 31.31 5.69 21.03
C ILE C 139 31.68 4.48 20.17
N VAL C 140 32.67 4.65 19.28
CA VAL C 140 33.14 3.56 18.42
C VAL C 140 33.87 2.50 19.23
N VAL C 141 34.73 2.95 20.14
CA VAL C 141 35.45 2.07 21.04
C VAL C 141 34.43 1.23 21.80
N GLU C 142 33.40 1.90 22.32
CA GLU C 142 32.36 1.23 23.07
C GLU C 142 31.57 0.26 22.19
N LEU C 143 31.41 0.61 20.92
CA LEU C 143 30.72 -0.26 19.97
C LEU C 143 31.50 -1.55 19.75
N LYS C 144 32.82 -1.45 19.64
CA LYS C 144 33.62 -2.66 19.53
C LYS C 144 33.60 -3.46 20.82
N ASN C 145 33.64 -2.75 21.95
CA ASN C 145 33.59 -3.40 23.26
C ASN C 145 32.32 -4.24 23.40
N GLN C 146 31.24 -3.72 22.83
CA GLN C 146 29.96 -4.41 22.86
C GLN C 146 29.79 -5.32 21.64
N ASN C 147 30.86 -5.50 20.89
CA ASN C 147 30.89 -6.38 19.72
C ASN C 147 29.82 -6.09 18.66
N LYS C 148 29.42 -4.83 18.56
CA LYS C 148 28.47 -4.39 17.55
C LYS C 148 29.17 -4.25 16.20
N ILE C 149 30.48 -4.01 16.27
CA ILE C 149 31.34 -3.93 15.09
C ILE C 149 32.58 -4.76 15.34
N GLU C 150 33.28 -5.14 14.27
CA GLU C 150 34.48 -5.95 14.42
C GLU C 150 35.69 -5.09 14.80
N ASN C 151 35.95 -4.06 14.01
CA ASN C 151 37.11 -3.21 14.23
C ASN C 151 36.73 -1.84 14.77
N ALA C 152 37.44 -1.39 15.80
CA ALA C 152 37.21 -0.06 16.37
C ALA C 152 37.85 1.03 15.53
N LEU C 153 37.29 1.28 14.35
CA LEU C 153 37.78 2.35 13.48
C LEU C 153 36.63 3.02 12.75
N PHE C 154 36.84 4.27 12.33
CA PHE C 154 35.84 4.97 11.53
C PHE C 154 36.50 5.78 10.41
N THR C 155 35.87 5.81 9.24
CA THR C 155 36.44 6.52 8.11
C THR C 155 35.58 7.72 7.68
N PHE C 156 36.25 8.80 7.30
CA PHE C 156 35.59 9.99 6.77
C PHE C 156 35.85 10.16 5.28
N TYR C 157 34.75 10.22 4.52
CA TYR C 157 34.77 10.56 3.11
C TYR C 157 33.88 11.78 2.90
N LEU C 158 34.47 12.98 2.91
CA LEU C 158 33.69 14.21 2.93
C LEU C 158 32.97 14.50 1.61
N PRO C 159 31.82 15.17 1.68
CA PRO C 159 31.07 15.56 0.49
C PRO C 159 31.73 16.73 -0.25
N VAL C 160 31.32 16.95 -1.49
CA VAL C 160 31.78 18.10 -2.26
C VAL C 160 30.56 18.84 -2.81
N HIS C 161 30.58 20.16 -2.68
CA HIS C 161 29.45 21.00 -3.10
C HIS C 161 29.07 20.79 -4.56
N ASP C 162 27.78 20.58 -4.80
CA ASP C 162 27.24 20.40 -6.14
C ASP C 162 27.90 19.26 -6.90
N LYS C 163 28.38 18.26 -6.15
CA LYS C 163 28.97 17.06 -6.77
C LYS C 163 28.41 15.79 -6.17
N HIS C 164 28.95 15.38 -5.02
CA HIS C 164 28.52 14.15 -4.37
C HIS C 164 28.37 14.33 -2.86
N THR C 165 27.60 13.42 -2.26
CA THR C 165 27.36 13.44 -0.82
C THR C 165 28.51 12.76 -0.09
N GLY C 166 28.52 12.89 1.23
CA GLY C 166 29.61 12.34 2.02
C GLY C 166 29.17 11.15 2.85
N PHE C 167 30.14 10.54 3.54
CA PHE C 167 29.85 9.39 4.39
C PHE C 167 30.82 9.26 5.55
N LEU C 168 30.25 8.99 6.73
CA LEU C 168 31.01 8.54 7.88
C LEU C 168 30.77 7.06 8.07
N THR C 169 31.81 6.25 7.92
CA THR C 169 31.66 4.80 7.97
C THR C 169 32.20 4.24 9.28
N ILE C 170 31.43 3.40 9.95
CA ILE C 170 31.87 2.80 11.20
C ILE C 170 32.03 1.28 11.09
N GLY C 171 33.18 0.76 11.51
CA GLY C 171 33.41 -0.67 11.55
C GLY C 171 34.47 -1.21 10.60
N GLY C 172 34.69 -0.52 9.49
CA GLY C 172 35.64 -0.98 8.50
C GLY C 172 35.88 -0.05 7.34
N ILE C 173 36.83 -0.40 6.48
CA ILE C 173 37.22 0.43 5.35
C ILE C 173 36.63 -0.03 4.03
N GLU C 174 36.10 0.91 3.26
CA GLU C 174 35.52 0.60 1.97
C GLU C 174 36.40 1.09 0.82
N GLU C 175 36.71 0.20 -0.12
CA GLU C 175 37.63 0.51 -1.21
C GLU C 175 37.10 1.58 -2.15
N ARG C 176 35.79 1.73 -2.20
CA ARG C 176 35.14 2.66 -3.14
C ARG C 176 35.44 4.11 -2.81
N PHE C 177 35.81 4.37 -1.56
CA PHE C 177 35.99 5.72 -1.06
C PHE C 177 37.30 6.37 -1.49
N TYR C 178 38.32 5.55 -1.72
CA TYR C 178 39.63 6.08 -2.09
C TYR C 178 40.23 5.35 -3.27
N GLU C 179 41.18 6.01 -3.94
CA GLU C 179 42.01 5.38 -4.94
C GLU C 179 43.47 5.61 -4.62
N GLY C 180 44.33 4.74 -5.12
CA GLY C 180 45.74 4.81 -4.79
C GLY C 180 46.06 4.20 -3.45
N PRO C 181 47.28 4.42 -2.96
CA PRO C 181 47.77 3.82 -1.71
C PRO C 181 47.19 4.48 -0.47
N LEU C 182 46.89 3.67 0.54
CA LEU C 182 46.43 4.18 1.82
C LEU C 182 47.58 4.16 2.81
N THR C 183 48.09 5.33 3.17
CA THR C 183 49.30 5.43 3.98
C THR C 183 48.97 5.86 5.39
N TYR C 184 49.34 5.05 6.37
CA TYR C 184 48.99 5.31 7.77
C TYR C 184 50.05 6.13 8.52
N GLU C 185 49.59 6.97 9.43
CA GLU C 185 50.48 7.75 10.29
C GLU C 185 50.09 7.53 11.76
N LYS C 186 51.05 7.12 12.57
CA LYS C 186 50.81 6.88 13.99
C LYS C 186 50.54 8.18 14.75
N LEU C 187 49.66 8.08 15.75
CA LEU C 187 49.38 9.21 16.62
C LEU C 187 50.55 9.44 17.57
N ASN C 188 50.88 10.72 17.80
CA ASN C 188 51.89 11.06 18.79
C ASN C 188 51.25 11.20 20.16
N HIS C 189 49.92 11.28 20.18
CA HIS C 189 49.17 11.31 21.43
C HIS C 189 47.82 10.66 21.24
N ASP C 190 47.35 9.96 22.27
CA ASP C 190 46.01 9.39 22.27
C ASP C 190 45.03 10.42 22.80
N LEU C 191 45.05 11.60 22.19
CA LEU C 191 44.19 12.71 22.58
C LEU C 191 43.38 13.19 21.38
N TYR C 192 43.94 14.13 20.63
CA TYR C 192 43.39 14.48 19.33
C TYR C 192 43.85 13.40 18.34
N TRP C 193 43.34 13.45 17.12
CA TRP C 193 43.88 12.60 16.07
C TRP C 193 45.09 13.33 15.48
N GLN C 194 46.17 13.36 16.24
CA GLN C 194 47.33 14.16 15.91
C GLN C 194 48.52 13.30 15.50
N ILE C 195 49.16 13.70 14.40
CA ILE C 195 50.32 12.99 13.88
C ILE C 195 51.48 13.93 13.61
N THR C 196 52.68 13.39 13.49
CA THR C 196 53.83 14.24 13.22
C THR C 196 54.18 14.24 11.74
N LEU C 197 54.14 15.42 11.12
CA LEU C 197 54.44 15.55 9.69
C LEU C 197 55.33 16.76 9.41
N ASP C 198 56.19 16.65 8.39
CA ASP C 198 57.03 17.78 7.95
C ASP C 198 56.28 18.68 6.97
N ALA C 199 56.27 19.98 7.28
CA ALA C 199 55.53 20.97 6.50
C ALA C 199 56.41 21.72 5.50
N HIS C 200 55.94 21.81 4.27
N HIS C 200 55.91 21.84 4.28
CA HIS C 200 56.68 22.46 3.19
CA HIS C 200 56.68 22.45 3.19
C HIS C 200 55.75 23.31 2.32
C HIS C 200 55.78 23.30 2.28
N VAL C 201 55.99 24.61 2.29
CA VAL C 201 55.28 25.50 1.38
C VAL C 201 56.31 26.38 0.68
N GLY C 202 56.68 25.99 -0.53
CA GLY C 202 57.71 26.68 -1.28
C GLY C 202 59.03 26.70 -0.52
N ASN C 203 59.51 27.90 -0.23
CA ASN C 203 60.76 28.05 0.50
C ASN C 203 60.57 27.76 1.98
N ILE C 204 59.36 27.98 2.48
CA ILE C 204 59.08 27.87 3.91
C ILE C 204 58.98 26.41 4.34
N SER C 205 59.70 26.04 5.40
CA SER C 205 59.69 24.66 5.86
C SER C 205 59.68 24.58 7.39
N LEU C 206 58.71 23.84 7.93
CA LEU C 206 58.66 23.57 9.37
C LEU C 206 58.64 22.08 9.65
N GLU C 207 59.71 21.56 10.26
CA GLU C 207 59.87 20.11 10.41
C GLU C 207 59.20 19.52 11.65
N LYS C 208 58.76 18.28 11.52
CA LYS C 208 58.20 17.49 12.61
C LYS C 208 57.08 18.23 13.34
N ALA C 209 56.22 18.89 12.57
CA ALA C 209 55.11 19.65 13.11
C ALA C 209 53.95 18.74 13.53
N ASN C 210 53.25 19.17 14.56
CA ASN C 210 52.08 18.45 15.06
C ASN C 210 50.86 18.79 14.23
N CYS C 211 50.30 17.79 13.56
CA CYS C 211 49.12 18.00 12.73
C CYS C 211 47.89 17.33 13.32
N ILE C 212 46.88 18.14 13.63
CA ILE C 212 45.63 17.61 14.15
C ILE C 212 44.59 17.52 13.04
N VAL C 213 44.10 16.30 12.78
CA VAL C 213 43.04 16.11 11.79
C VAL C 213 41.69 16.40 12.43
N ASP C 214 41.11 17.56 12.09
CA ASP C 214 39.93 18.04 12.77
C ASP C 214 38.77 18.34 11.82
N SER C 215 37.75 17.51 11.86
CA SER C 215 36.57 17.67 11.01
C SER C 215 35.65 18.77 11.53
N GLY C 216 35.90 19.22 12.75
CA GLY C 216 35.07 20.24 13.37
C GLY C 216 35.55 21.64 13.08
N THR C 217 36.61 21.73 12.27
CA THR C 217 37.14 23.02 11.85
C THR C 217 37.13 23.10 10.33
N SER C 218 36.43 24.09 9.78
CA SER C 218 36.30 24.22 8.34
C SER C 218 37.39 25.09 7.75
N ALA C 219 38.60 24.98 8.31
CA ALA C 219 39.73 25.75 7.82
C ALA C 219 41.04 25.02 8.08
N ILE C 220 42.11 25.56 7.51
CA ILE C 220 43.46 25.10 7.80
C ILE C 220 44.16 26.11 8.70
N THR C 221 44.49 25.72 9.92
CA THR C 221 45.24 26.64 10.77
C THR C 221 46.73 26.35 10.59
N VAL C 222 47.51 27.40 10.74
CA VAL C 222 48.93 27.41 10.44
C VAL C 222 49.58 28.37 11.42
N PRO C 223 50.80 28.04 11.89
CA PRO C 223 51.55 29.00 12.71
C PRO C 223 51.58 30.39 12.07
N THR C 224 51.36 31.43 12.87
CA THR C 224 51.22 32.78 12.32
C THR C 224 52.43 33.22 11.52
N ASP C 225 53.63 32.97 12.02
CA ASP C 225 54.84 33.35 11.29
C ASP C 225 54.97 32.55 9.99
N PHE C 226 54.56 31.30 10.02
CA PHE C 226 54.57 30.45 8.83
C PHE C 226 53.69 31.07 7.75
N LEU C 227 52.46 31.39 8.15
CA LEU C 227 51.49 32.00 7.25
C LEU C 227 52.02 33.31 6.69
N ASN C 228 52.53 34.15 7.58
CA ASN C 228 53.11 35.44 7.21
C ASN C 228 54.22 35.27 6.18
N LYS C 229 55.04 34.26 6.38
CA LYS C 229 56.14 33.98 5.46
C LYS C 229 55.65 33.48 4.11
N MET C 230 54.56 32.72 4.13
CA MET C 230 54.07 32.10 2.89
C MET C 230 53.12 33.01 2.11
N LEU C 231 52.68 34.11 2.71
CA LEU C 231 51.75 35.02 2.06
C LEU C 231 52.41 36.15 1.27
N GLN C 232 53.62 36.52 1.65
CA GLN C 232 54.32 37.58 0.94
C GLN C 232 55.24 37.01 -0.13
N ASN C 233 55.13 37.52 -1.35
CA ASN C 233 54.10 38.49 -1.72
C ASN C 233 53.25 37.99 -2.88
N LEU C 234 52.25 37.15 -2.57
CA LEU C 234 51.42 36.53 -3.59
C LEU C 234 50.23 37.38 -4.06
N ASP C 235 50.44 38.70 -4.15
CA ASP C 235 49.39 39.64 -4.53
C ASP C 235 48.12 39.42 -3.73
N VAL C 236 48.29 39.22 -2.43
CA VAL C 236 47.16 39.00 -1.53
C VAL C 236 46.89 40.29 -0.74
N ILE C 237 45.63 40.49 -0.34
CA ILE C 237 45.29 41.69 0.42
C ILE C 237 44.53 41.35 1.70
N LYS C 238 44.95 41.96 2.80
CA LYS C 238 44.35 41.72 4.10
C LYS C 238 43.13 42.60 4.35
N VAL C 239 42.03 41.99 4.77
CA VAL C 239 40.84 42.73 5.19
C VAL C 239 41.18 43.65 6.36
N PRO C 240 40.68 44.89 6.33
CA PRO C 240 40.97 45.88 7.39
C PRO C 240 40.57 45.39 8.79
N PHE C 241 41.57 45.22 9.65
CA PHE C 241 41.40 44.81 11.05
C PHE C 241 40.79 43.40 11.21
N LEU C 242 40.62 42.68 10.11
CA LEU C 242 40.25 41.26 10.17
C LEU C 242 41.42 40.36 9.79
N PRO C 243 41.49 39.16 10.41
CA PRO C 243 42.56 38.21 10.12
C PRO C 243 42.24 37.29 8.94
N PHE C 244 41.70 37.83 7.86
CA PHE C 244 41.38 37.04 6.67
C PHE C 244 41.94 37.67 5.39
N TYR C 245 42.43 36.81 4.50
CA TYR C 245 43.05 37.25 3.27
C TYR C 245 42.26 36.81 2.04
N VAL C 246 42.25 37.64 1.00
CA VAL C 246 41.52 37.33 -0.23
C VAL C 246 42.43 37.46 -1.44
N THR C 247 42.02 36.84 -2.55
CA THR C 247 42.79 36.88 -3.78
C THR C 247 41.91 36.50 -4.96
N LEU C 248 42.44 36.71 -6.17
CA LEU C 248 41.78 36.24 -7.38
C LEU C 248 41.82 34.73 -7.38
N CYS C 249 40.77 34.10 -7.88
CA CYS C 249 40.67 32.65 -7.86
C CYS C 249 41.69 32.01 -8.80
N ASN C 250 42.08 32.75 -9.84
CA ASN C 250 43.01 32.23 -10.84
C ASN C 250 44.45 32.58 -10.51
N ASN C 251 44.69 33.03 -9.29
CA ASN C 251 46.03 33.40 -8.87
C ASN C 251 46.96 32.20 -8.97
N SER C 252 47.93 32.29 -9.87
CA SER C 252 48.86 31.19 -10.12
C SER C 252 49.99 31.23 -9.09
N LYS C 253 50.13 32.36 -8.42
CA LYS C 253 51.17 32.55 -7.42
C LYS C 253 50.88 31.78 -6.14
N LEU C 254 49.63 31.33 -6.01
CA LEU C 254 49.21 30.57 -4.84
C LEU C 254 49.95 29.23 -4.76
N PRO C 255 50.56 28.95 -3.60
CA PRO C 255 51.43 27.80 -3.37
C PRO C 255 50.68 26.53 -2.98
N THR C 256 51.41 25.44 -2.82
CA THR C 256 50.82 24.16 -2.45
C THR C 256 51.42 23.60 -1.17
N PHE C 257 50.56 23.18 -0.25
CA PHE C 257 51.02 22.55 0.98
C PHE C 257 51.62 21.18 0.67
N GLU C 258 52.74 20.88 1.31
CA GLU C 258 53.41 19.59 1.16
C GLU C 258 53.74 19.01 2.53
N PHE C 259 52.97 18.01 2.94
CA PHE C 259 53.24 17.32 4.20
C PHE C 259 53.90 15.99 3.94
N THR C 260 55.13 15.85 4.41
CA THR C 260 55.95 14.69 4.10
C THR C 260 56.31 13.94 5.37
N SER C 261 56.35 12.62 5.28
CA SER C 261 56.81 11.78 6.39
C SER C 261 57.63 10.63 5.87
N GLU C 262 58.10 9.78 6.78
CA GLU C 262 58.84 8.58 6.40
C GLU C 262 57.92 7.60 5.67
N ASN C 263 56.62 7.71 5.91
CA ASN C 263 55.63 6.83 5.30
C ASN C 263 55.09 7.30 3.95
N GLY C 264 54.73 8.59 3.86
CA GLY C 264 54.13 9.11 2.65
C GLY C 264 54.13 10.63 2.52
N LYS C 265 53.58 11.11 1.40
CA LYS C 265 53.50 12.54 1.12
C LYS C 265 52.09 12.94 0.68
N TYR C 266 51.56 13.98 1.32
CA TYR C 266 50.21 14.45 1.05
C TYR C 266 50.25 15.95 0.74
N THR C 267 49.60 16.36 -0.33
CA THR C 267 49.67 17.76 -0.74
C THR C 267 48.31 18.42 -0.79
N LEU C 268 48.31 19.75 -0.65
CA LEU C 268 47.06 20.51 -0.73
C LEU C 268 47.19 21.72 -1.64
N GLU C 269 46.51 21.65 -2.78
CA GLU C 269 46.55 22.67 -3.82
C GLU C 269 45.63 23.85 -3.51
N PRO C 270 45.90 25.02 -4.12
CA PRO C 270 45.08 26.22 -3.90
C PRO C 270 43.58 26.02 -4.09
N GLU C 271 43.19 25.16 -5.02
CA GLU C 271 41.78 24.96 -5.32
C GLU C 271 41.00 24.42 -4.12
N TYR C 272 41.72 23.82 -3.17
CA TYR C 272 41.08 23.22 -2.00
C TYR C 272 40.98 24.17 -0.81
N TYR C 273 41.92 25.10 -0.67
CA TYR C 273 41.88 26.02 0.47
C TYR C 273 41.36 27.40 0.06
N LEU C 274 40.80 27.50 -1.13
CA LEU C 274 40.15 28.73 -1.56
C LEU C 274 38.63 28.60 -1.42
N GLN C 275 38.01 29.58 -0.78
CA GLN C 275 36.57 29.60 -0.66
C GLN C 275 36.04 30.69 -1.59
N HIS C 276 34.83 30.49 -2.11
CA HIS C 276 34.32 31.42 -3.09
C HIS C 276 33.46 32.49 -2.46
N ILE C 277 33.72 33.73 -2.86
CA ILE C 277 32.88 34.86 -2.51
C ILE C 277 32.50 35.51 -3.82
N GLU C 278 31.44 35.00 -4.44
CA GLU C 278 31.03 35.46 -5.76
C GLU C 278 30.02 36.57 -5.62
N ASP C 279 29.83 37.01 -4.38
CA ASP C 279 28.98 38.15 -4.09
C ASP C 279 29.77 39.45 -4.23
N VAL C 280 30.94 39.51 -3.60
CA VAL C 280 31.83 40.66 -3.71
C VAL C 280 32.73 40.62 -4.96
N GLY C 281 32.13 40.95 -6.11
CA GLY C 281 32.87 41.11 -7.35
C GLY C 281 32.70 40.05 -8.44
N PRO C 282 33.72 39.93 -9.31
CA PRO C 282 33.81 38.94 -10.40
C PRO C 282 34.64 37.73 -10.02
N GLY C 283 34.12 36.91 -9.12
CA GLY C 283 34.80 35.70 -8.71
C GLY C 283 35.98 36.11 -7.86
N LEU C 284 35.70 36.36 -6.59
CA LEU C 284 36.72 36.66 -5.62
C LEU C 284 36.87 35.45 -4.71
N CYS C 285 38.06 35.21 -4.20
CA CYS C 285 38.24 34.05 -3.32
C CYS C 285 38.88 34.46 -2.02
N MET C 286 38.61 33.68 -0.98
CA MET C 286 39.19 33.91 0.32
C MET C 286 40.07 32.74 0.70
N LEU C 287 41.25 33.02 1.22
CA LEU C 287 42.13 31.96 1.69
C LEU C 287 41.56 31.39 2.98
N ASN C 288 41.22 30.11 2.94
CA ASN C 288 40.67 29.43 4.10
C ASN C 288 41.77 29.01 5.08
N ILE C 289 42.69 29.93 5.35
CA ILE C 289 43.83 29.66 6.21
C ILE C 289 43.87 30.65 7.37
N ILE C 290 44.03 30.13 8.58
CA ILE C 290 44.04 30.97 9.79
C ILE C 290 45.36 30.86 10.52
N GLY C 291 45.93 32.01 10.91
CA GLY C 291 47.14 32.02 11.70
C GLY C 291 46.83 31.66 13.14
N LEU C 292 47.40 30.56 13.62
CA LEU C 292 47.14 30.11 14.99
C LEU C 292 48.37 29.48 15.62
N ASP C 293 48.76 30.03 16.78
CA ASP C 293 49.95 29.55 17.48
C ASP C 293 49.64 28.80 18.77
N PHE C 294 50.30 27.66 18.94
CA PHE C 294 50.16 26.83 20.11
C PHE C 294 51.53 26.63 20.77
N PRO C 295 51.56 26.16 22.02
CA PRO C 295 52.85 25.87 22.66
C PRO C 295 53.71 24.94 21.81
N VAL C 296 53.07 23.92 21.22
CA VAL C 296 53.73 23.08 20.22
C VAL C 296 53.20 23.45 18.85
N PRO C 297 54.10 23.92 17.95
CA PRO C 297 53.75 24.33 16.59
C PRO C 297 52.83 23.33 15.90
N THR C 298 51.64 23.78 15.52
CA THR C 298 50.60 22.86 15.07
C THR C 298 49.87 23.32 13.81
N PHE C 299 49.76 22.39 12.86
CA PHE C 299 48.86 22.56 11.73
C PHE C 299 47.53 21.87 12.03
N ILE C 300 46.43 22.58 11.85
CA ILE C 300 45.13 21.94 11.99
C ILE C 300 44.57 21.68 10.60
N LEU C 301 44.49 20.40 10.23
CA LEU C 301 43.97 20.01 8.94
C LEU C 301 42.47 19.82 9.03
N GLY C 302 41.73 20.84 8.58
CA GLY C 302 40.28 20.83 8.69
C GLY C 302 39.59 20.28 7.46
N ASP C 303 38.39 20.80 7.18
CA ASP C 303 37.59 20.35 6.05
C ASP C 303 38.28 20.28 4.69
N PRO C 304 39.10 21.28 4.33
CA PRO C 304 39.72 21.17 3.00
C PRO C 304 40.55 19.90 2.77
N PHE C 305 41.42 19.62 3.74
CA PHE C 305 42.30 18.47 3.67
C PHE C 305 41.51 17.18 3.55
N MET C 306 40.48 17.04 4.38
CA MET C 306 39.70 15.82 4.41
C MET C 306 38.79 15.73 3.18
N ARG C 307 38.52 16.88 2.56
CA ARG C 307 37.76 16.92 1.31
C ARG C 307 38.62 16.43 0.18
N LYS C 308 39.92 16.67 0.26
CA LYS C 308 40.81 16.07 -0.73
C LYS C 308 41.15 14.62 -0.36
N TYR C 309 41.46 14.40 0.91
CA TYR C 309 41.92 13.09 1.34
C TYR C 309 40.93 12.31 2.19
N PHE C 310 40.49 11.17 1.66
CA PHE C 310 39.77 10.17 2.44
C PHE C 310 40.60 9.75 3.65
N THR C 311 39.98 9.82 4.83
CA THR C 311 40.73 9.55 6.07
C THR C 311 40.17 8.36 6.84
N VAL C 312 41.06 7.67 7.54
CA VAL C 312 40.74 6.51 8.35
C VAL C 312 41.23 6.76 9.77
N PHE C 313 40.39 6.52 10.76
CA PHE C 313 40.76 6.77 12.15
C PHE C 313 40.67 5.48 12.94
N ASP C 314 41.83 4.96 13.33
CA ASP C 314 41.95 3.64 13.95
C ASP C 314 42.32 3.75 15.42
N TYR C 315 41.38 3.42 16.29
CA TYR C 315 41.59 3.38 17.73
C TYR C 315 42.48 2.20 18.11
N ASP C 316 42.23 1.07 17.47
CA ASP C 316 42.99 -0.15 17.73
C ASP C 316 44.45 0.02 17.36
N ASN C 317 44.70 0.59 16.19
CA ASN C 317 46.06 0.79 15.71
C ASN C 317 46.66 2.13 16.15
N HIS C 318 45.86 2.91 16.87
CA HIS C 318 46.26 4.23 17.37
C HIS C 318 46.86 5.07 16.26
N SER C 319 46.18 5.14 15.12
CA SER C 319 46.76 5.85 13.98
C SER C 319 45.71 6.29 12.98
N VAL C 320 46.08 7.20 12.09
CA VAL C 320 45.16 7.66 11.06
C VAL C 320 45.73 7.38 9.66
N GLY C 321 44.97 6.64 8.86
CA GLY C 321 45.36 6.34 7.50
C GLY C 321 44.85 7.40 6.54
N ILE C 322 45.71 7.79 5.61
CA ILE C 322 45.38 8.83 4.64
C ILE C 322 45.47 8.31 3.23
N ALA C 323 44.39 8.49 2.47
CA ALA C 323 44.40 8.09 1.07
C ALA C 323 43.74 9.17 0.24
N LEU C 324 44.11 9.25 -1.03
CA LEU C 324 43.49 10.20 -1.93
C LEU C 324 42.05 9.79 -2.17
N ALA C 325 41.12 10.66 -1.81
CA ALA C 325 39.70 10.38 -1.94
C ALA C 325 39.29 10.30 -3.41
N LYS C 326 38.46 9.31 -3.74
CA LYS C 326 38.01 9.10 -5.11
C LYS C 326 37.19 10.30 -5.58
N LYS C 327 37.50 10.77 -6.80
CA LYS C 327 36.94 12.00 -7.36
C LYS C 327 35.43 12.03 -7.22
N ASN C 328 34.76 10.97 -7.67
CA ASN C 328 33.32 10.84 -7.46
C ASN C 328 33.08 9.63 -6.55
N LEU C 329 31.81 9.35 -6.26
CA LEU C 329 31.49 8.25 -5.35
C LEU C 329 31.29 6.94 -6.11
N SER D 2 -44.42 23.21 -2.47
CA SER D 2 -43.53 22.11 -2.84
C SER D 2 -43.87 21.58 -4.23
N ASN D 3 -42.84 21.39 -5.06
CA ASN D 3 -43.04 20.89 -6.42
C ASN D 3 -42.75 19.40 -6.54
N ASP D 4 -42.97 18.85 -7.73
CA ASP D 4 -42.72 17.43 -7.92
C ASP D 4 -41.33 17.17 -8.51
N ASN D 5 -40.59 16.26 -7.90
CA ASN D 5 -39.24 15.97 -8.37
C ASN D 5 -39.07 14.51 -8.75
N ILE D 6 -38.54 14.28 -9.94
CA ILE D 6 -38.23 12.93 -10.39
C ILE D 6 -36.72 12.83 -10.55
N GLU D 7 -36.11 11.97 -9.74
CA GLU D 7 -34.66 11.83 -9.75
C GLU D 7 -34.19 11.27 -11.09
N LEU D 8 -33.18 11.93 -11.66
CA LEU D 8 -32.59 11.51 -12.92
C LEU D 8 -31.26 10.80 -12.69
N VAL D 9 -31.18 9.56 -13.16
CA VAL D 9 -29.97 8.77 -13.00
C VAL D 9 -29.08 8.89 -14.24
N ASP D 10 -27.81 9.22 -14.02
CA ASP D 10 -26.86 9.37 -15.12
C ASP D 10 -26.33 8.04 -15.63
N PHE D 11 -26.27 7.90 -16.95
CA PHE D 11 -25.72 6.71 -17.59
C PHE D 11 -24.41 7.05 -18.30
N GLN D 12 -23.30 6.79 -17.63
CA GLN D 12 -21.96 6.95 -18.20
C GLN D 12 -21.71 8.32 -18.85
N ASN D 13 -22.29 9.37 -18.28
CA ASN D 13 -22.13 10.75 -18.75
C ASN D 13 -22.66 10.96 -20.17
N ILE D 14 -23.20 9.90 -20.78
CA ILE D 14 -23.73 9.98 -22.13
C ILE D 14 -25.26 10.05 -22.14
N MET D 15 -25.91 9.39 -21.17
CA MET D 15 -27.36 9.43 -21.12
C MET D 15 -27.87 9.73 -19.72
N PHE D 16 -29.20 9.75 -19.57
CA PHE D 16 -29.82 9.85 -18.26
C PHE D 16 -31.28 9.39 -18.33
N TYR D 17 -31.71 8.65 -17.31
CA TYR D 17 -33.05 8.09 -17.31
C TYR D 17 -33.85 8.49 -16.07
N GLY D 18 -35.17 8.37 -16.17
CA GLY D 18 -36.05 8.66 -15.05
C GLY D 18 -37.17 7.64 -14.95
N ASP D 19 -37.51 7.23 -13.73
CA ASP D 19 -38.51 6.19 -13.54
C ASP D 19 -39.92 6.77 -13.41
N ALA D 20 -40.91 6.04 -13.92
CA ALA D 20 -42.31 6.43 -13.78
C ALA D 20 -43.21 5.20 -13.74
N GLU D 21 -44.45 5.36 -13.31
CA GLU D 21 -45.34 4.22 -13.15
C GLU D 21 -46.60 4.31 -14.01
N VAL D 22 -47.09 3.15 -14.43
CA VAL D 22 -48.34 3.06 -15.20
C VAL D 22 -49.27 2.04 -14.54
N GLY D 23 -50.56 2.36 -14.50
CA GLY D 23 -51.54 1.50 -13.88
C GLY D 23 -51.74 1.84 -12.42
N ASP D 24 -52.88 1.45 -11.86
CA ASP D 24 -53.19 1.77 -10.47
C ASP D 24 -52.40 0.93 -9.47
N ASN D 25 -51.70 -0.08 -9.99
CA ASN D 25 -50.84 -0.91 -9.17
C ASN D 25 -49.40 -0.46 -9.29
N GLN D 26 -49.22 0.72 -9.87
CA GLN D 26 -47.93 1.39 -10.03
C GLN D 26 -46.88 0.47 -10.65
N GLN D 27 -47.08 0.08 -11.91
CA GLN D 27 -46.10 -0.71 -12.62
C GLN D 27 -44.92 0.18 -13.02
N PRO D 28 -43.71 -0.16 -12.55
CA PRO D 28 -42.50 0.64 -12.74
C PRO D 28 -41.88 0.53 -14.13
N PHE D 29 -41.41 1.65 -14.67
CA PHE D 29 -40.74 1.70 -15.96
C PHE D 29 -39.59 2.70 -15.97
N THR D 30 -38.53 2.37 -16.70
CA THR D 30 -37.41 3.28 -16.91
C THR D 30 -37.59 4.03 -18.23
N PHE D 31 -37.59 5.36 -18.15
CA PHE D 31 -37.89 6.19 -19.30
C PHE D 31 -36.75 7.10 -19.72
N ILE D 32 -36.70 7.33 -21.04
CA ILE D 32 -35.95 8.44 -21.59
C ILE D 32 -36.85 9.66 -21.60
N LEU D 33 -36.49 10.68 -20.83
CA LEU D 33 -37.28 11.89 -20.75
C LEU D 33 -36.87 12.82 -21.88
N ASP D 34 -37.75 12.95 -22.86
CA ASP D 34 -37.38 13.48 -24.17
C ASP D 34 -38.14 14.75 -24.56
N THR D 35 -37.42 15.86 -24.66
CA THR D 35 -38.01 17.11 -25.11
C THR D 35 -38.00 17.25 -26.64
N GLY D 36 -37.61 16.18 -27.31
CA GLY D 36 -37.54 16.16 -28.77
C GLY D 36 -38.68 15.38 -29.38
N SER D 37 -39.49 14.76 -28.53
CA SER D 37 -40.68 14.05 -28.96
C SER D 37 -41.85 14.39 -28.04
N ALA D 38 -43.06 13.95 -28.39
CA ALA D 38 -44.23 14.27 -27.59
C ALA D 38 -45.13 13.04 -27.39
N ASN D 39 -44.54 11.86 -27.45
CA ASN D 39 -45.31 10.64 -27.25
C ASN D 39 -44.77 9.79 -26.10
N LEU D 40 -45.70 9.12 -25.41
CA LEU D 40 -45.36 8.17 -24.35
C LEU D 40 -45.65 6.75 -24.78
N TRP D 41 -44.68 5.85 -24.60
CA TRP D 41 -44.89 4.45 -24.91
C TRP D 41 -44.15 3.54 -23.94
N VAL D 42 -44.78 2.41 -23.63
CA VAL D 42 -44.14 1.37 -22.82
C VAL D 42 -44.24 0.04 -23.54
N PRO D 43 -43.27 -0.86 -23.31
CA PRO D 43 -43.37 -2.22 -23.86
C PRO D 43 -44.43 -3.05 -23.14
N SER D 44 -45.20 -3.83 -23.89
CA SER D 44 -46.31 -4.58 -23.31
C SER D 44 -45.93 -6.01 -22.95
N VAL D 45 -46.79 -6.68 -22.17
CA VAL D 45 -46.62 -8.09 -21.88
C VAL D 45 -47.00 -8.90 -23.11
N LYS D 46 -47.70 -8.24 -24.03
CA LYS D 46 -48.11 -8.88 -25.27
C LYS D 46 -47.02 -8.73 -26.33
N CYS D 47 -45.87 -8.20 -25.93
CA CYS D 47 -44.76 -8.01 -26.85
C CYS D 47 -44.22 -9.35 -27.37
N THR D 48 -43.99 -9.42 -28.67
CA THR D 48 -43.59 -10.66 -29.32
C THR D 48 -42.15 -10.62 -29.84
N THR D 49 -41.41 -9.58 -29.48
CA THR D 49 -40.03 -9.46 -29.91
C THR D 49 -39.06 -9.83 -28.80
N ALA D 50 -37.83 -10.14 -29.20
CA ALA D 50 -36.82 -10.63 -28.27
C ALA D 50 -36.40 -9.54 -27.28
N GLY D 51 -36.43 -8.29 -27.74
CA GLY D 51 -36.01 -7.18 -26.90
C GLY D 51 -36.84 -7.06 -25.64
N CYS D 52 -38.16 -7.18 -25.79
CA CYS D 52 -39.09 -7.03 -24.67
C CYS D 52 -38.86 -8.04 -23.56
N LEU D 53 -38.10 -9.09 -23.85
CA LEU D 53 -37.77 -10.11 -22.85
C LEU D 53 -36.86 -9.54 -21.77
N THR D 54 -36.17 -8.46 -22.08
CA THR D 54 -35.22 -7.88 -21.13
C THR D 54 -35.73 -6.60 -20.46
N LYS D 55 -36.99 -6.23 -20.73
CA LYS D 55 -37.51 -4.96 -20.23
C LYS D 55 -38.62 -5.14 -19.19
N HIS D 56 -39.03 -4.04 -18.56
CA HIS D 56 -40.21 -4.05 -17.72
C HIS D 56 -41.44 -3.87 -18.59
N LEU D 57 -42.44 -4.72 -18.41
CA LEU D 57 -43.59 -4.74 -19.31
C LEU D 57 -44.88 -4.25 -18.66
N TYR D 58 -45.82 -3.81 -19.49
CA TYR D 58 -47.09 -3.29 -19.00
C TYR D 58 -48.23 -4.30 -19.16
N ASP D 59 -48.84 -4.67 -18.04
CA ASP D 59 -49.96 -5.61 -18.02
C ASP D 59 -51.26 -4.88 -17.79
N SER D 60 -52.04 -4.72 -18.86
CA SER D 60 -53.31 -4.01 -18.80
C SER D 60 -54.31 -4.69 -17.85
N SER D 61 -54.22 -6.01 -17.74
CA SER D 61 -55.15 -6.79 -16.92
C SER D 61 -54.96 -6.51 -15.44
N LYS D 62 -53.78 -6.04 -15.06
CA LYS D 62 -53.48 -5.80 -13.64
C LYS D 62 -53.93 -4.42 -13.19
N SER D 63 -54.43 -3.61 -14.13
CA SER D 63 -54.87 -2.26 -13.79
C SER D 63 -56.37 -2.15 -13.92
N ARG D 64 -57.02 -1.76 -12.83
CA ARG D 64 -58.45 -1.58 -12.80
C ARG D 64 -58.82 -0.34 -13.60
N THR D 65 -57.84 0.54 -13.78
CA THR D 65 -58.04 1.83 -14.46
C THR D 65 -57.66 1.85 -15.93
N TYR D 66 -57.45 0.67 -16.51
CA TYR D 66 -57.14 0.56 -17.94
C TYR D 66 -58.34 0.85 -18.84
N GLU D 67 -58.14 1.67 -19.87
CA GLU D 67 -59.17 1.90 -20.87
C GLU D 67 -58.67 1.47 -22.25
N LYS D 68 -59.38 0.55 -22.87
CA LYS D 68 -58.97 0.02 -24.16
C LYS D 68 -59.11 1.09 -25.25
N ASP D 69 -58.08 1.23 -26.08
CA ASP D 69 -58.15 2.12 -27.23
C ASP D 69 -57.96 1.29 -28.48
N GLY D 70 -56.78 0.70 -28.61
CA GLY D 70 -56.51 -0.25 -29.68
C GLY D 70 -56.11 0.33 -31.02
N THR D 71 -56.16 1.64 -31.16
CA THR D 71 -55.79 2.28 -32.42
C THR D 71 -54.32 2.03 -32.74
N LYS D 72 -54.08 1.37 -33.86
CA LYS D 72 -52.71 1.00 -34.26
C LYS D 72 -51.87 2.25 -34.51
N VAL D 73 -50.63 2.22 -34.05
CA VAL D 73 -49.73 3.36 -34.18
C VAL D 73 -48.27 2.92 -34.29
N GLU D 74 -47.50 3.61 -35.11
CA GLU D 74 -46.09 3.27 -35.36
C GLU D 74 -45.18 4.47 -35.15
N MET D 75 -44.53 4.54 -34.00
CA MET D 75 -43.60 5.62 -33.70
C MET D 75 -42.29 5.47 -34.46
N ASN D 76 -41.97 6.48 -35.27
CA ASN D 76 -40.73 6.51 -36.03
C ASN D 76 -39.78 7.59 -35.49
N TYR D 77 -38.71 7.15 -34.86
CA TYR D 77 -37.71 8.08 -34.36
C TYR D 77 -36.54 8.10 -35.33
N VAL D 78 -35.57 8.98 -35.08
CA VAL D 78 -34.37 9.01 -35.91
C VAL D 78 -33.58 7.71 -35.71
N SER D 79 -33.50 7.28 -34.46
CA SER D 79 -32.72 6.11 -34.09
C SER D 79 -33.33 4.81 -34.62
N GLY D 80 -34.66 4.71 -34.59
CA GLY D 80 -35.34 3.50 -35.02
C GLY D 80 -36.85 3.62 -34.99
N THR D 81 -37.54 2.49 -34.98
CA THR D 81 -39.00 2.51 -35.00
C THR D 81 -39.63 1.44 -34.12
N VAL D 82 -40.67 1.82 -33.38
CA VAL D 82 -41.43 0.86 -32.57
C VAL D 82 -42.91 0.95 -32.96
N SER D 83 -43.62 -0.17 -32.86
CA SER D 83 -45.03 -0.17 -33.25
C SER D 83 -45.91 -0.82 -32.19
N GLY D 84 -47.20 -0.52 -32.26
CA GLY D 84 -48.16 -1.06 -31.31
C GLY D 84 -49.53 -0.43 -31.47
N PHE D 85 -50.20 -0.22 -30.36
CA PHE D 85 -51.53 0.37 -30.36
C PHE D 85 -51.73 1.34 -29.20
N PHE D 86 -52.69 2.25 -29.33
CA PHE D 86 -52.97 3.21 -28.26
C PHE D 86 -53.73 2.55 -27.12
N SER D 87 -53.49 3.04 -25.91
CA SER D 87 -54.23 2.60 -24.73
C SER D 87 -54.28 3.75 -23.74
N LYS D 88 -55.32 3.79 -22.93
CA LYS D 88 -55.45 4.87 -21.96
C LYS D 88 -55.39 4.29 -20.55
N ASP D 89 -54.55 4.86 -19.70
CA ASP D 89 -54.43 4.39 -18.32
C ASP D 89 -53.82 5.45 -17.42
N LEU D 90 -53.85 5.16 -16.12
CA LEU D 90 -53.35 6.06 -15.10
C LEU D 90 -51.83 6.11 -15.08
N VAL D 91 -51.26 7.25 -15.45
CA VAL D 91 -49.81 7.44 -15.43
C VAL D 91 -49.35 8.22 -14.20
N THR D 92 -48.39 7.65 -13.47
CA THR D 92 -47.87 8.27 -12.26
C THR D 92 -46.47 8.81 -12.44
N VAL D 93 -46.32 10.12 -12.27
CA VAL D 93 -45.03 10.78 -12.32
C VAL D 93 -44.76 11.52 -11.02
N GLY D 94 -43.75 11.08 -10.28
CA GLY D 94 -43.45 11.64 -8.96
C GLY D 94 -44.59 11.44 -7.98
N ASN D 95 -45.04 12.52 -7.36
CA ASN D 95 -46.19 12.43 -6.46
C ASN D 95 -47.46 12.82 -7.20
N LEU D 96 -47.34 12.99 -8.51
CA LEU D 96 -48.49 13.31 -9.35
C LEU D 96 -48.95 12.08 -10.13
N SER D 97 -50.21 12.10 -10.58
CA SER D 97 -50.75 11.02 -11.39
C SER D 97 -51.97 11.50 -12.13
N LEU D 98 -52.20 10.94 -13.32
CA LEU D 98 -53.35 11.35 -14.12
C LEU D 98 -53.70 10.35 -15.21
N PRO D 99 -55.00 10.26 -15.56
CA PRO D 99 -55.40 9.43 -16.70
C PRO D 99 -54.83 9.99 -18.00
N TYR D 100 -54.05 9.17 -18.70
CA TYR D 100 -53.33 9.62 -19.88
C TYR D 100 -53.36 8.58 -21.01
N LYS D 101 -53.20 9.07 -22.24
CA LYS D 101 -53.19 8.23 -23.44
C LYS D 101 -51.76 7.94 -23.88
N PHE D 102 -51.40 6.67 -23.93
CA PHE D 102 -50.05 6.28 -24.29
C PHE D 102 -50.05 5.13 -25.30
N ILE D 103 -48.86 4.64 -25.64
CA ILE D 103 -48.72 3.59 -26.64
C ILE D 103 -48.21 2.28 -26.05
N GLU D 104 -49.03 1.25 -26.13
CA GLU D 104 -48.61 -0.10 -25.83
C GLU D 104 -47.81 -0.62 -27.03
N VAL D 105 -46.57 -1.02 -26.80
CA VAL D 105 -45.67 -1.39 -27.90
C VAL D 105 -45.48 -2.90 -27.97
N ILE D 106 -45.72 -3.47 -29.16
CA ILE D 106 -45.66 -4.92 -29.35
C ILE D 106 -44.39 -5.35 -30.10
N ASP D 107 -43.95 -4.53 -31.05
CA ASP D 107 -42.80 -4.87 -31.88
C ASP D 107 -41.64 -3.90 -31.64
N THR D 108 -40.49 -4.43 -31.25
CA THR D 108 -39.31 -3.60 -31.03
C THR D 108 -38.11 -4.01 -31.87
N ASN D 109 -38.33 -4.89 -32.85
CA ASN D 109 -37.23 -5.35 -33.70
C ASN D 109 -36.63 -4.21 -34.52
N GLY D 110 -37.45 -3.22 -34.86
CA GLY D 110 -37.00 -2.06 -35.61
C GLY D 110 -36.17 -1.13 -34.75
N PHE D 111 -36.20 -1.39 -33.45
CA PHE D 111 -35.51 -0.55 -32.48
C PHE D 111 -34.20 -1.20 -32.03
N GLU D 112 -33.89 -2.37 -32.60
CA GLU D 112 -32.65 -3.07 -32.25
C GLU D 112 -31.50 -2.59 -33.13
N PRO D 113 -30.26 -2.71 -32.63
CA PRO D 113 -29.83 -3.24 -31.33
C PRO D 113 -29.86 -2.16 -30.24
N THR D 114 -30.26 -0.97 -30.61
CA THR D 114 -30.27 0.17 -29.70
C THR D 114 -31.09 -0.10 -28.45
N TYR D 115 -32.22 -0.78 -28.63
CA TYR D 115 -33.17 -1.03 -27.54
C TYR D 115 -32.56 -1.95 -26.47
N THR D 116 -32.16 -3.15 -26.87
CA THR D 116 -31.63 -4.14 -25.94
C THR D 116 -30.32 -3.67 -25.31
N ALA D 117 -29.50 -2.98 -26.09
CA ALA D 117 -28.20 -2.52 -25.61
C ALA D 117 -28.35 -1.50 -24.50
N SER D 118 -29.43 -0.71 -24.54
CA SER D 118 -29.68 0.30 -23.52
C SER D 118 -30.54 -0.25 -22.40
N THR D 119 -30.63 0.52 -21.31
CA THR D 119 -31.29 0.03 -20.08
C THR D 119 -32.68 0.59 -19.87
N PHE D 120 -33.12 1.52 -20.72
CA PHE D 120 -34.44 2.11 -20.58
C PHE D 120 -35.52 1.18 -21.10
N ASP D 121 -36.74 1.37 -20.58
CA ASP D 121 -37.86 0.56 -21.03
C ASP D 121 -38.65 1.30 -22.11
N GLY D 122 -38.85 2.60 -21.92
CA GLY D 122 -39.62 3.36 -22.88
C GLY D 122 -39.19 4.81 -23.00
N ILE D 123 -39.94 5.55 -23.81
CA ILE D 123 -39.66 6.97 -24.03
C ILE D 123 -40.86 7.82 -23.62
N LEU D 124 -40.59 8.90 -22.88
CA LEU D 124 -41.64 9.83 -22.48
C LEU D 124 -41.44 11.19 -23.17
N GLY D 125 -42.45 11.61 -23.93
CA GLY D 125 -42.38 12.86 -24.67
C GLY D 125 -42.67 14.08 -23.81
N LEU D 126 -41.90 15.14 -24.04
CA LEU D 126 -42.07 16.39 -23.30
C LEU D 126 -42.16 17.57 -24.25
N GLY D 127 -42.62 17.32 -25.47
CA GLY D 127 -42.77 18.35 -26.46
C GLY D 127 -44.19 18.88 -26.56
N TRP D 128 -44.45 19.66 -27.59
CA TRP D 128 -45.76 20.25 -27.78
C TRP D 128 -46.70 19.31 -28.53
N LYS D 129 -47.99 19.62 -28.51
CA LYS D 129 -49.03 18.74 -29.06
C LYS D 129 -48.83 18.41 -30.54
N ASP D 130 -48.47 19.40 -31.34
CA ASP D 130 -48.32 19.21 -32.78
C ASP D 130 -47.21 18.23 -33.16
N LEU D 131 -46.36 17.90 -32.19
CA LEU D 131 -45.27 16.98 -32.42
C LEU D 131 -45.72 15.54 -32.17
N SER D 132 -46.78 15.38 -31.40
CA SER D 132 -47.25 14.05 -31.01
C SER D 132 -48.05 13.38 -32.13
N ILE D 133 -47.99 12.04 -32.15
CA ILE D 133 -48.81 11.26 -33.06
C ILE D 133 -50.13 10.89 -32.37
N GLY D 134 -51.24 11.26 -33.00
CA GLY D 134 -52.55 11.01 -32.42
C GLY D 134 -53.04 12.23 -31.65
N SER D 135 -52.34 13.35 -31.85
CA SER D 135 -52.68 14.63 -31.24
C SER D 135 -52.90 14.50 -29.74
N VAL D 136 -51.84 14.13 -29.02
CA VAL D 136 -51.94 13.93 -27.58
C VAL D 136 -51.42 15.15 -26.85
N ASP D 137 -52.28 15.74 -26.00
CA ASP D 137 -51.91 16.89 -25.20
C ASP D 137 -50.75 16.53 -24.27
N PRO D 138 -49.73 17.40 -24.22
CA PRO D 138 -48.55 17.17 -23.38
C PRO D 138 -48.95 16.85 -21.95
N ILE D 139 -48.20 15.97 -21.32
CA ILE D 139 -48.55 15.45 -20.00
C ILE D 139 -48.59 16.57 -18.95
N VAL D 140 -47.69 17.55 -19.07
CA VAL D 140 -47.66 18.69 -18.17
C VAL D 140 -48.88 19.60 -18.37
N VAL D 141 -49.19 19.86 -19.64
CA VAL D 141 -50.38 20.61 -20.02
C VAL D 141 -51.62 19.95 -19.42
N GLU D 142 -51.69 18.64 -19.58
CA GLU D 142 -52.81 17.85 -19.06
C GLU D 142 -52.88 17.91 -17.53
N LEU D 143 -51.72 17.97 -16.90
CA LEU D 143 -51.65 18.10 -15.45
C LEU D 143 -52.22 19.44 -14.98
N LYS D 144 -51.87 20.52 -15.69
CA LYS D 144 -52.39 21.83 -15.35
C LYS D 144 -53.90 21.94 -15.59
N ASN D 145 -54.34 21.35 -16.69
CA ASN D 145 -55.77 21.37 -17.01
C ASN D 145 -56.60 20.73 -15.90
N GLN D 146 -56.05 19.67 -15.31
CA GLN D 146 -56.71 18.97 -14.21
C GLN D 146 -56.31 19.53 -12.85
N ASN D 147 -55.63 20.68 -12.87
CA ASN D 147 -55.21 21.38 -11.65
C ASN D 147 -54.35 20.56 -10.70
N LYS D 148 -53.60 19.60 -11.23
CA LYS D 148 -52.69 18.84 -10.40
C LYS D 148 -51.46 19.70 -10.09
N ILE D 149 -51.19 20.67 -10.97
CA ILE D 149 -50.11 21.63 -10.80
C ILE D 149 -50.61 23.04 -11.08
N GLU D 150 -49.89 24.05 -10.60
CA GLU D 150 -50.30 25.42 -10.81
C GLU D 150 -49.87 25.92 -12.18
N ASN D 151 -48.58 25.83 -12.47
CA ASN D 151 -48.05 26.32 -13.73
C ASN D 151 -47.62 25.18 -14.65
N ALA D 152 -48.00 25.27 -15.92
CA ALA D 152 -47.63 24.27 -16.92
C ALA D 152 -46.20 24.44 -17.41
N LEU D 153 -45.23 24.14 -16.55
CA LEU D 153 -43.83 24.18 -16.94
C LEU D 153 -43.06 23.05 -16.25
N PHE D 154 -41.94 22.66 -16.85
CA PHE D 154 -41.07 21.66 -16.23
C PHE D 154 -39.60 22.04 -16.41
N THR D 155 -38.79 21.78 -15.40
CA THR D 155 -37.37 22.14 -15.48
C THR D 155 -36.45 20.92 -15.47
N PHE D 156 -35.39 20.99 -16.25
CA PHE D 156 -34.37 19.95 -16.30
C PHE D 156 -33.09 20.41 -15.60
N TYR D 157 -32.69 19.63 -14.60
CA TYR D 157 -31.40 19.79 -13.94
C TYR D 157 -30.63 18.49 -14.08
N LEU D 158 -29.80 18.40 -15.12
CA LEU D 158 -29.16 17.13 -15.46
C LEU D 158 -28.08 16.74 -14.45
N PRO D 159 -27.90 15.42 -14.26
CA PRO D 159 -26.85 14.89 -13.38
C PRO D 159 -25.47 14.97 -14.02
N VAL D 160 -24.43 14.78 -13.23
CA VAL D 160 -23.07 14.72 -13.75
C VAL D 160 -22.40 13.43 -13.30
N HIS D 161 -21.75 12.75 -14.23
CA HIS D 161 -21.13 11.46 -13.94
C HIS D 161 -20.12 11.52 -12.80
N ASP D 162 -20.26 10.61 -11.85
CA ASP D 162 -19.37 10.50 -10.70
C ASP D 162 -19.38 11.79 -9.86
N LYS D 163 -20.49 12.50 -9.89
CA LYS D 163 -20.63 13.72 -9.10
C LYS D 163 -21.93 13.75 -8.28
N HIS D 164 -23.03 14.14 -8.94
CA HIS D 164 -24.33 14.25 -8.28
C HIS D 164 -25.45 13.71 -9.14
N THR D 165 -26.60 13.41 -8.54
CA THR D 165 -27.75 12.94 -9.29
C THR D 165 -28.53 14.12 -9.87
N GLY D 166 -29.48 13.82 -10.75
CA GLY D 166 -30.23 14.85 -11.44
C GLY D 166 -31.67 14.94 -11.00
N PHE D 167 -32.40 15.91 -11.56
CA PHE D 167 -33.81 16.07 -11.23
C PHE D 167 -34.60 16.68 -12.39
N LEU D 168 -35.76 16.07 -12.65
CA LEU D 168 -36.76 16.66 -13.52
C LEU D 168 -37.88 17.18 -12.64
N THR D 169 -38.10 18.48 -12.66
CA THR D 169 -39.08 19.10 -11.77
C THR D 169 -40.33 19.51 -12.52
N ILE D 170 -41.49 19.12 -11.98
CA ILE D 170 -42.78 19.46 -12.55
C ILE D 170 -43.56 20.35 -11.58
N GLY D 171 -44.06 21.45 -12.13
CA GLY D 171 -44.93 22.37 -11.41
C GLY D 171 -44.34 23.75 -11.15
N GLY D 172 -43.02 23.82 -11.08
CA GLY D 172 -42.36 25.09 -10.79
C GLY D 172 -40.84 25.02 -10.82
N ILE D 173 -40.22 26.18 -10.67
CA ILE D 173 -38.77 26.28 -10.73
C ILE D 173 -38.21 26.33 -9.32
N GLU D 174 -37.17 25.55 -9.07
CA GLU D 174 -36.58 25.53 -7.73
C GLU D 174 -35.24 26.27 -7.74
N GLU D 175 -35.10 27.18 -6.79
CA GLU D 175 -33.96 28.08 -6.74
C GLU D 175 -32.63 27.35 -6.53
N ARG D 176 -32.69 26.18 -5.91
CA ARG D 176 -31.48 25.45 -5.54
C ARG D 176 -30.73 24.89 -6.74
N PHE D 177 -31.40 24.75 -7.87
CA PHE D 177 -30.83 24.08 -9.04
C PHE D 177 -29.87 24.96 -9.83
N TYR D 178 -30.11 26.27 -9.82
CA TYR D 178 -29.27 27.19 -10.56
C TYR D 178 -28.93 28.42 -9.72
N GLU D 179 -27.81 29.05 -10.02
CA GLU D 179 -27.58 30.39 -9.51
C GLU D 179 -27.09 31.28 -10.65
N GLY D 180 -27.19 32.58 -10.44
CA GLY D 180 -26.95 33.54 -11.50
C GLY D 180 -28.23 33.74 -12.27
N PRO D 181 -28.18 34.46 -13.40
CA PRO D 181 -29.42 34.83 -14.07
C PRO D 181 -30.10 33.72 -14.85
N LEU D 182 -31.43 33.68 -14.75
CA LEU D 182 -32.27 32.77 -15.52
C LEU D 182 -32.95 33.54 -16.66
N THR D 183 -32.52 33.28 -17.88
CA THR D 183 -32.93 34.07 -19.04
C THR D 183 -33.91 33.37 -19.96
N TYR D 184 -35.07 34.00 -20.22
CA TYR D 184 -36.09 33.38 -21.04
C TYR D 184 -35.95 33.71 -22.53
N GLU D 185 -36.28 32.73 -23.38
CA GLU D 185 -36.28 32.90 -24.83
C GLU D 185 -37.60 32.41 -25.43
N LYS D 186 -38.23 33.27 -26.22
CA LYS D 186 -39.51 32.92 -26.84
C LYS D 186 -39.31 31.83 -27.88
N LEU D 187 -40.30 30.94 -27.98
CA LEU D 187 -40.27 29.90 -28.99
C LEU D 187 -40.55 30.51 -30.36
N ASN D 188 -39.87 30.04 -31.39
CA ASN D 188 -40.19 30.47 -32.75
C ASN D 188 -41.26 29.55 -33.34
N HIS D 189 -41.47 28.41 -32.69
CA HIS D 189 -42.54 27.49 -33.08
C HIS D 189 -43.02 26.71 -31.85
N ASP D 190 -44.32 26.38 -31.84
CA ASP D 190 -44.88 25.53 -30.80
C ASP D 190 -44.75 24.06 -31.19
N LEU D 191 -43.54 23.63 -31.51
CA LEU D 191 -43.29 22.26 -31.94
C LEU D 191 -42.25 21.61 -31.05
N TYR D 192 -40.99 21.73 -31.44
CA TYR D 192 -39.88 21.39 -30.55
C TYR D 192 -39.71 22.54 -29.59
N TRP D 193 -38.84 22.38 -28.60
CA TRP D 193 -38.49 23.50 -27.76
C TRP D 193 -37.37 24.26 -28.45
N GLN D 194 -37.77 24.99 -29.49
CA GLN D 194 -36.83 25.66 -30.38
C GLN D 194 -36.86 27.18 -30.22
N ILE D 195 -35.68 27.77 -30.14
CA ILE D 195 -35.55 29.21 -29.98
C ILE D 195 -34.58 29.77 -31.02
N THR D 196 -34.62 31.07 -31.25
CA THR D 196 -33.72 31.69 -32.24
C THR D 196 -32.51 32.31 -31.55
N LEU D 197 -31.33 31.85 -31.91
CA LEU D 197 -30.10 32.36 -31.32
C LEU D 197 -29.03 32.62 -32.37
N ASP D 198 -28.21 33.63 -32.14
CA ASP D 198 -27.09 33.90 -33.02
C ASP D 198 -25.95 32.99 -32.61
N ALA D 199 -25.46 32.19 -33.56
CA ALA D 199 -24.44 31.20 -33.28
C ALA D 199 -23.07 31.71 -33.68
N HIS D 200 -22.10 31.56 -32.78
CA HIS D 200 -20.76 32.08 -32.99
C HIS D 200 -19.71 31.10 -32.52
N VAL D 201 -18.85 30.65 -33.42
CA VAL D 201 -17.71 29.83 -33.04
C VAL D 201 -16.45 30.38 -33.69
N GLY D 202 -15.68 31.14 -32.92
CA GLY D 202 -14.50 31.80 -33.43
C GLY D 202 -14.86 32.72 -34.59
N ASN D 203 -14.28 32.44 -35.75
CA ASN D 203 -14.55 33.23 -36.94
C ASN D 203 -15.90 32.90 -37.57
N ILE D 204 -16.34 31.66 -37.38
CA ILE D 204 -17.55 31.20 -38.04
C ILE D 204 -18.78 31.77 -37.34
N SER D 205 -19.69 32.35 -38.11
CA SER D 205 -20.89 32.96 -37.54
C SER D 205 -22.13 32.67 -38.36
N LEU D 206 -23.14 32.13 -37.68
CA LEU D 206 -24.44 31.89 -38.30
C LEU D 206 -25.52 32.65 -37.57
N GLU D 207 -26.10 33.66 -38.22
CA GLU D 207 -27.03 34.56 -37.55
C GLU D 207 -28.46 34.02 -37.57
N LYS D 208 -29.19 34.33 -36.49
CA LYS D 208 -30.61 33.96 -36.36
C LYS D 208 -30.86 32.49 -36.59
N ALA D 209 -29.97 31.64 -36.07
CA ALA D 209 -30.07 30.20 -36.26
C ALA D 209 -31.11 29.58 -35.33
N ASN D 210 -31.76 28.52 -35.80
CA ASN D 210 -32.74 27.78 -35.02
C ASN D 210 -32.09 26.75 -34.10
N CYS D 211 -32.30 26.91 -32.80
CA CYS D 211 -31.72 26.00 -31.82
C CYS D 211 -32.80 25.17 -31.13
N ILE D 212 -32.72 23.85 -31.29
CA ILE D 212 -33.66 22.95 -30.64
C ILE D 212 -33.06 22.37 -29.36
N VAL D 213 -33.70 22.63 -28.23
CA VAL D 213 -33.27 22.04 -26.97
C VAL D 213 -33.80 20.62 -26.85
N ASP D 214 -32.92 19.65 -27.03
CA ASP D 214 -33.33 18.25 -27.16
C ASP D 214 -32.63 17.33 -26.15
N SER D 215 -33.38 16.90 -25.14
CA SER D 215 -32.85 16.04 -24.10
C SER D 215 -32.68 14.60 -24.58
N GLY D 216 -33.26 14.29 -25.74
CA GLY D 216 -33.22 12.94 -26.28
C GLY D 216 -32.04 12.71 -27.19
N THR D 217 -31.19 13.73 -27.32
CA THR D 217 -29.98 13.64 -28.13
C THR D 217 -28.75 13.90 -27.26
N SER D 218 -27.84 12.93 -27.23
CA SER D 218 -26.67 13.02 -26.39
C SER D 218 -25.49 13.67 -27.11
N ALA D 219 -25.79 14.65 -27.97
CA ALA D 219 -24.75 15.35 -28.70
C ALA D 219 -25.17 16.75 -29.08
N ILE D 220 -24.23 17.50 -29.63
CA ILE D 220 -24.51 18.80 -30.22
C ILE D 220 -24.48 18.67 -31.73
N THR D 221 -25.61 18.87 -32.38
CA THR D 221 -25.60 18.83 -33.85
C THR D 221 -25.40 20.23 -34.38
N VAL D 222 -24.77 20.30 -35.55
CA VAL D 222 -24.33 21.55 -36.14
C VAL D 222 -24.43 21.41 -37.65
N PRO D 223 -24.82 22.49 -38.36
CA PRO D 223 -24.79 22.47 -39.83
C PRO D 223 -23.45 21.96 -40.36
N THR D 224 -23.48 21.13 -41.40
CA THR D 224 -22.28 20.45 -41.88
C THR D 224 -21.15 21.39 -42.26
N ASP D 225 -21.48 22.43 -43.02
CA ASP D 225 -20.49 23.41 -43.44
C ASP D 225 -19.96 24.20 -42.25
N PHE D 226 -20.83 24.47 -41.28
CA PHE D 226 -20.44 25.15 -40.05
C PHE D 226 -19.40 24.34 -39.29
N LEU D 227 -19.70 23.07 -39.06
CA LEU D 227 -18.77 22.17 -38.37
C LEU D 227 -17.46 22.07 -39.12
N ASN D 228 -17.54 21.83 -40.43
CA ASN D 228 -16.34 21.72 -41.24
C ASN D 228 -15.47 22.95 -41.16
N LYS D 229 -16.09 24.12 -41.19
CA LYS D 229 -15.35 25.37 -41.10
C LYS D 229 -14.73 25.56 -39.71
N MET D 230 -15.42 25.11 -38.68
CA MET D 230 -14.90 25.36 -37.33
C MET D 230 -13.91 24.31 -36.87
N LEU D 231 -13.80 23.20 -37.60
CA LEU D 231 -12.88 22.14 -37.19
C LEU D 231 -11.50 22.32 -37.77
N GLN D 232 -11.40 23.00 -38.90
CA GLN D 232 -10.11 23.28 -39.48
C GLN D 232 -9.63 24.66 -39.06
N ASN D 233 -8.40 24.74 -38.56
CA ASN D 233 -7.57 23.57 -38.31
C ASN D 233 -7.18 23.49 -36.84
N LEU D 234 -8.07 22.90 -36.04
CA LEU D 234 -7.87 22.76 -34.61
C LEU D 234 -7.02 21.56 -34.23
N ASP D 235 -6.30 20.99 -35.18
CA ASP D 235 -5.53 19.77 -34.95
C ASP D 235 -6.45 18.65 -34.48
N VAL D 236 -7.60 18.53 -35.13
CA VAL D 236 -8.55 17.47 -34.82
C VAL D 236 -8.38 16.40 -35.88
N ILE D 237 -8.65 15.15 -35.54
CA ILE D 237 -8.47 14.06 -36.51
C ILE D 237 -9.74 13.24 -36.65
N LYS D 238 -10.09 12.97 -37.91
CA LYS D 238 -11.32 12.25 -38.19
C LYS D 238 -11.11 10.74 -38.09
N VAL D 239 -11.98 10.09 -37.32
CA VAL D 239 -12.01 8.64 -37.25
C VAL D 239 -12.31 8.11 -38.64
N PRO D 240 -11.57 7.08 -39.07
CA PRO D 240 -11.74 6.50 -40.41
C PRO D 240 -13.16 6.02 -40.68
N PHE D 241 -13.81 6.67 -41.65
CA PHE D 241 -15.14 6.33 -42.15
C PHE D 241 -16.29 6.45 -41.15
N LEU D 242 -16.02 7.01 -39.97
CA LEU D 242 -17.09 7.36 -39.02
C LEU D 242 -17.30 8.87 -38.93
N PRO D 243 -18.55 9.29 -38.64
CA PRO D 243 -18.83 10.73 -38.54
C PRO D 243 -18.52 11.27 -37.14
N PHE D 244 -17.39 10.84 -36.61
CA PHE D 244 -16.92 11.28 -35.30
C PHE D 244 -15.47 11.74 -35.39
N TYR D 245 -15.15 12.79 -34.66
CA TYR D 245 -13.80 13.34 -34.66
C TYR D 245 -13.21 13.20 -33.27
N VAL D 246 -11.89 12.96 -33.20
CA VAL D 246 -11.23 12.82 -31.91
C VAL D 246 -10.02 13.75 -31.80
N THR D 247 -9.60 14.03 -30.57
CA THR D 247 -8.47 14.92 -30.32
C THR D 247 -7.95 14.75 -28.91
N LEU D 248 -6.81 15.37 -28.63
CA LEU D 248 -6.27 15.41 -27.28
C LEU D 248 -7.17 16.27 -26.39
N CYS D 249 -7.31 15.86 -25.13
CA CYS D 249 -8.16 16.57 -24.19
C CYS D 249 -7.59 17.91 -23.81
N ASN D 250 -6.27 18.04 -23.88
CA ASN D 250 -5.61 19.28 -23.48
C ASN D 250 -5.39 20.23 -24.65
N ASN D 251 -6.03 19.91 -25.78
CA ASN D 251 -5.93 20.74 -26.98
C ASN D 251 -6.43 22.15 -26.71
N SER D 252 -5.53 23.12 -26.86
CA SER D 252 -5.86 24.51 -26.55
C SER D 252 -6.58 25.22 -27.70
N LYS D 253 -6.45 24.67 -28.90
CA LYS D 253 -7.06 25.28 -30.09
C LYS D 253 -8.57 25.09 -30.16
N LEU D 254 -9.11 24.20 -29.33
CA LEU D 254 -10.54 23.94 -29.30
C LEU D 254 -11.31 25.19 -28.87
N PRO D 255 -12.32 25.58 -29.69
CA PRO D 255 -13.07 26.83 -29.50
C PRO D 255 -14.23 26.65 -28.54
N THR D 256 -14.97 27.72 -28.28
CA THR D 256 -16.14 27.66 -27.41
C THR D 256 -17.37 28.17 -28.15
N PHE D 257 -18.47 27.43 -28.07
CA PHE D 257 -19.72 27.86 -28.69
C PHE D 257 -20.26 29.10 -28.00
N GLU D 258 -20.75 30.06 -28.78
CA GLU D 258 -21.37 31.26 -28.22
C GLU D 258 -22.71 31.57 -28.86
N PHE D 259 -23.79 31.31 -28.12
CA PHE D 259 -25.13 31.61 -28.59
C PHE D 259 -25.68 32.85 -27.91
N THR D 260 -25.94 33.89 -28.70
CA THR D 260 -26.33 35.19 -28.16
C THR D 260 -27.71 35.63 -28.67
N SER D 261 -28.45 36.32 -27.81
CA SER D 261 -29.74 36.90 -28.20
C SER D 261 -29.87 38.28 -27.57
N GLU D 262 -30.98 38.94 -27.83
CA GLU D 262 -31.25 40.23 -27.22
C GLU D 262 -31.42 40.07 -25.71
N ASN D 263 -31.79 38.86 -25.29
CA ASN D 263 -32.06 38.53 -23.89
C ASN D 263 -30.84 38.08 -23.08
N GLY D 264 -30.01 37.21 -23.66
CA GLY D 264 -28.87 36.68 -22.94
C GLY D 264 -27.78 36.05 -23.79
N LYS D 265 -26.73 35.58 -23.14
CA LYS D 265 -25.58 34.96 -23.81
C LYS D 265 -25.19 33.64 -23.14
N TYR D 266 -25.09 32.58 -23.92
CA TYR D 266 -24.78 31.26 -23.38
C TYR D 266 -23.62 30.62 -24.14
N THR D 267 -22.65 30.07 -23.40
CA THR D 267 -21.47 29.50 -24.04
C THR D 267 -21.29 28.03 -23.72
N LEU D 268 -20.60 27.32 -24.60
CA LEU D 268 -20.30 25.91 -24.39
C LEU D 268 -18.82 25.62 -24.64
N GLU D 269 -18.10 25.37 -23.55
CA GLU D 269 -16.66 25.13 -23.59
C GLU D 269 -16.39 23.67 -23.96
N PRO D 270 -15.18 23.39 -24.48
CA PRO D 270 -14.80 22.03 -24.87
C PRO D 270 -15.04 20.98 -23.79
N GLU D 271 -14.90 21.34 -22.51
CA GLU D 271 -15.04 20.36 -21.44
C GLU D 271 -16.42 19.73 -21.42
N TYR D 272 -17.39 20.39 -22.05
CA TYR D 272 -18.75 19.89 -22.07
C TYR D 272 -19.09 19.06 -23.31
N TYR D 273 -18.46 19.37 -24.45
CA TYR D 273 -18.74 18.61 -25.66
C TYR D 273 -17.64 17.60 -25.98
N LEU D 274 -16.73 17.41 -25.03
CA LEU D 274 -15.72 16.36 -25.15
C LEU D 274 -16.08 15.19 -24.26
N GLN D 275 -16.06 13.99 -24.83
CA GLN D 275 -16.27 12.79 -24.05
C GLN D 275 -14.93 12.07 -23.92
N HIS D 276 -14.75 11.32 -22.85
CA HIS D 276 -13.47 10.67 -22.57
C HIS D 276 -13.42 9.25 -23.14
N ILE D 277 -12.28 8.88 -23.71
CA ILE D 277 -12.08 7.54 -24.25
C ILE D 277 -10.94 6.85 -23.52
N GLU D 278 -9.74 6.88 -24.09
CA GLU D 278 -8.59 6.20 -23.50
C GLU D 278 -7.76 7.16 -22.65
N ASP D 279 -7.25 6.66 -21.52
CA ASP D 279 -6.40 7.45 -20.65
C ASP D 279 -4.94 7.41 -21.13
N VAL D 280 -4.76 7.31 -22.43
CA VAL D 280 -3.41 7.35 -23.01
C VAL D 280 -2.98 8.80 -23.09
N GLY D 281 -1.69 9.06 -22.84
CA GLY D 281 -1.19 10.42 -22.95
C GLY D 281 -1.95 11.28 -21.94
N PRO D 282 -2.20 12.55 -22.29
CA PRO D 282 -3.04 13.29 -21.36
C PRO D 282 -4.50 13.22 -21.80
N GLY D 283 -5.08 12.02 -21.74
CA GLY D 283 -6.47 11.82 -22.07
C GLY D 283 -6.78 11.89 -23.56
N LEU D 284 -7.49 10.90 -24.08
CA LEU D 284 -7.92 10.99 -25.46
C LEU D 284 -9.42 11.35 -25.41
N CYS D 285 -9.87 12.21 -26.30
CA CYS D 285 -11.27 12.65 -26.26
C CYS D 285 -11.96 12.63 -27.61
N MET D 286 -13.28 12.51 -27.55
CA MET D 286 -14.11 12.52 -28.74
C MET D 286 -14.99 13.76 -28.74
N LEU D 287 -15.07 14.43 -29.88
CA LEU D 287 -15.97 15.57 -30.01
C LEU D 287 -17.40 15.08 -30.08
N ASN D 288 -18.21 15.49 -29.11
CA ASN D 288 -19.62 15.13 -29.06
C ASN D 288 -20.44 16.02 -29.99
N ILE D 289 -19.91 16.27 -31.18
CA ILE D 289 -20.53 17.15 -32.14
C ILE D 289 -20.76 16.43 -33.48
N ILE D 290 -21.98 16.51 -34.00
CA ILE D 290 -22.33 15.83 -35.25
C ILE D 290 -22.80 16.83 -36.30
N GLY D 291 -22.29 16.68 -37.52
CA GLY D 291 -22.74 17.52 -38.62
C GLY D 291 -24.11 17.11 -39.13
N LEU D 292 -25.06 18.03 -39.07
CA LEU D 292 -26.43 17.74 -39.51
C LEU D 292 -27.08 18.92 -40.22
N ASP D 293 -27.58 18.69 -41.43
CA ASP D 293 -28.19 19.74 -42.23
C ASP D 293 -29.71 19.60 -42.32
N PHE D 294 -30.40 20.72 -42.10
CA PHE D 294 -31.84 20.77 -42.23
C PHE D 294 -32.18 21.85 -43.26
N PRO D 295 -33.43 21.86 -43.78
CA PRO D 295 -33.81 22.93 -44.70
C PRO D 295 -33.60 24.31 -44.07
N VAL D 296 -33.92 24.41 -42.79
CA VAL D 296 -33.58 25.60 -42.00
C VAL D 296 -32.42 25.26 -41.06
N PRO D 297 -31.30 26.00 -41.20
CA PRO D 297 -30.08 25.80 -40.39
C PRO D 297 -30.37 25.63 -38.91
N THR D 298 -30.01 24.48 -38.35
CA THR D 298 -30.40 24.14 -36.99
C THR D 298 -29.28 23.57 -36.13
N PHE D 299 -29.12 24.15 -34.95
CA PHE D 299 -28.27 23.60 -33.90
C PHE D 299 -29.13 22.81 -32.92
N ILE D 300 -28.75 21.57 -32.65
CA ILE D 300 -29.45 20.80 -31.63
C ILE D 300 -28.63 20.77 -30.34
N LEU D 301 -29.19 21.41 -29.31
CA LEU D 301 -28.56 21.48 -28.01
C LEU D 301 -29.00 20.31 -27.14
N GLY D 302 -28.19 19.27 -27.11
CA GLY D 302 -28.54 18.05 -26.39
C GLY D 302 -28.00 17.98 -24.97
N ASP D 303 -27.73 16.77 -24.51
CA ASP D 303 -27.20 16.53 -23.17
C ASP D 303 -25.98 17.38 -22.82
N PRO D 304 -25.02 17.55 -23.76
CA PRO D 304 -23.90 18.41 -23.39
C PRO D 304 -24.35 19.80 -22.97
N PHE D 305 -25.24 20.41 -23.74
CA PHE D 305 -25.73 21.75 -23.44
C PHE D 305 -26.49 21.81 -22.11
N MET D 306 -27.40 20.88 -21.91
CA MET D 306 -28.27 20.89 -20.74
C MET D 306 -27.55 20.48 -19.46
N ARG D 307 -26.42 19.80 -19.60
CA ARG D 307 -25.62 19.43 -18.43
C ARG D 307 -24.92 20.63 -17.84
N LYS D 308 -24.60 21.60 -18.69
CA LYS D 308 -24.07 22.88 -18.22
C LYS D 308 -25.22 23.80 -17.79
N TYR D 309 -26.27 23.83 -18.59
CA TYR D 309 -27.35 24.78 -18.33
C TYR D 309 -28.64 24.15 -17.83
N PHE D 310 -29.01 24.52 -16.61
CA PHE D 310 -30.34 24.27 -16.07
C PHE D 310 -31.36 24.87 -17.01
N THR D 311 -32.32 24.05 -17.43
CA THR D 311 -33.28 24.52 -18.43
C THR D 311 -34.71 24.50 -17.91
N VAL D 312 -35.50 25.44 -18.41
CA VAL D 312 -36.90 25.59 -18.02
C VAL D 312 -37.76 25.56 -19.26
N PHE D 313 -38.83 24.78 -19.24
CA PHE D 313 -39.70 24.67 -20.40
C PHE D 313 -41.11 25.09 -20.01
N ASP D 314 -41.52 26.24 -20.52
CA ASP D 314 -42.76 26.89 -20.12
C ASP D 314 -43.80 26.84 -21.24
N TYR D 315 -44.83 26.02 -21.05
CA TYR D 315 -45.94 25.93 -22.00
C TYR D 315 -46.78 27.19 -21.97
N ASP D 316 -47.01 27.68 -20.75
CA ASP D 316 -47.85 28.85 -20.52
C ASP D 316 -47.28 30.10 -21.18
N ASN D 317 -45.98 30.34 -20.95
CA ASN D 317 -45.30 31.50 -21.50
C ASN D 317 -44.67 31.22 -22.86
N HIS D 318 -44.83 29.98 -23.34
CA HIS D 318 -44.29 29.56 -24.62
C HIS D 318 -42.81 29.91 -24.75
N SER D 319 -42.02 29.47 -23.79
CA SER D 319 -40.62 29.88 -23.78
C SER D 319 -39.68 28.92 -23.07
N VAL D 320 -38.38 29.11 -23.28
CA VAL D 320 -37.36 28.30 -22.64
C VAL D 320 -36.45 29.16 -21.78
N GLY D 321 -36.37 28.86 -20.49
CA GLY D 321 -35.48 29.55 -19.59
C GLY D 321 -34.13 28.87 -19.49
N ILE D 322 -33.05 29.63 -19.53
CA ILE D 322 -31.72 29.06 -19.44
C ILE D 322 -30.95 29.70 -18.29
N ALA D 323 -30.42 28.87 -17.40
CA ALA D 323 -29.61 29.38 -16.31
C ALA D 323 -28.40 28.48 -16.11
N LEU D 324 -27.34 29.04 -15.54
CA LEU D 324 -26.16 28.26 -15.24
C LEU D 324 -26.51 27.26 -14.14
N ALA D 325 -26.38 25.97 -14.43
CA ALA D 325 -26.73 24.94 -13.45
C ALA D 325 -25.74 24.94 -12.29
N LYS D 326 -26.25 24.86 -11.06
CA LYS D 326 -25.40 24.91 -9.88
C LYS D 326 -24.46 23.70 -9.83
N LYS D 327 -23.17 23.97 -9.74
CA LYS D 327 -22.15 22.92 -9.77
C LYS D 327 -22.39 21.87 -8.67
N ASN D 328 -22.63 22.37 -7.47
CA ASN D 328 -22.96 21.52 -6.34
C ASN D 328 -24.41 21.72 -5.92
N LEU D 329 -25.07 20.63 -5.56
CA LEU D 329 -26.49 20.69 -5.24
C LEU D 329 -26.71 20.99 -3.76
O3 49W E . -6.13 -9.31 -1.06
C15 49W E . -6.99 -8.63 -0.48
C25 49W E . -8.51 -8.98 -0.73
C24 49W E . -9.31 -8.14 -1.51
C26 49W E . -9.05 -10.15 -0.15
C27 49W E . -10.39 -10.48 -0.36
N2 49W E . -10.90 -11.66 0.24
C30 49W E . -12.13 -11.67 0.85
C31 49W E . -12.61 -12.86 1.45
C32 49W E . -11.84 -14.00 1.43
C29 49W E . -10.62 -13.99 0.82
C47 49W E . -10.13 -12.80 0.22
C22 49W E . -11.21 -9.65 -1.13
C23 49W E . -10.67 -8.48 -1.71
C28 49W E . -11.56 -7.55 -2.58
N3 49W E . -11.53 -7.65 -4.05
C33 49W E . -12.37 -6.78 -4.89
C34 49W E . -13.16 -7.64 -5.88
C35 49W E . -13.38 -6.86 -7.20
C36 49W E . -10.65 -8.65 -4.68
C37 49W E . -9.35 -7.96 -5.11
C38 49W E . -8.83 -8.67 -6.35
O6 49W E . -12.29 -6.72 -2.05
N1 49W E . -6.60 -7.54 0.39
C11 49W E . -5.19 -7.27 0.56
C14 49W E . -4.86 -5.95 -0.10
C19 49W E . -5.29 -6.10 -1.58
C20 49W E . -6.47 -5.50 -2.03
C21 49W E . -6.86 -5.65 -3.37
C16 49W E . -6.07 -6.39 -4.23
C17 49W E . -4.90 -7.00 -3.77
C18 49W E . -4.51 -6.86 -2.45
C10 49W E . -4.79 -7.25 2.05
O2 49W E . -4.84 -5.95 2.54
C9 49W E . -5.73 -8.14 2.82
N4 49W E . -5.92 -7.58 4.15
C7 49W E . -5.81 -8.65 5.16
C12 49W E . -4.38 -9.19 5.16
C13 49W E . -6.13 -8.10 6.52
C3 49W E . -6.80 -9.83 4.83
N5 49W E . -8.10 -9.57 4.39
C1 49W E . -8.96 -10.61 4.11
C6 49W E . -8.54 -11.93 4.27
C5 49W E . -7.25 -12.20 4.71
C4 49W E . -6.39 -11.15 4.99
O3 49W F . 1.07 -25.93 3.01
C15 49W F . 2.13 -26.53 3.16
C25 49W F . 3.14 -26.65 1.96
C24 49W F . 3.52 -27.89 1.49
C26 49W F . 3.64 -25.48 1.33
C27 49W F . 4.54 -25.58 0.26
N2 49W F . 5.06 -24.41 -0.37
C30 49W F . 4.54 -23.98 -1.56
C31 49W F . 5.04 -22.82 -2.17
C32 49W F . 6.06 -22.11 -1.58
C29 49W F . 6.59 -22.55 -0.38
C47 49W F . 6.07 -23.71 0.23
C22 49W F . 4.93 -26.84 -0.22
C23 49W F . 4.42 -28.01 0.40
C28 49W F . 4.83 -29.42 -0.11
N3 49W F . 3.95 -30.16 -1.03
C33 49W F . 4.34 -31.48 -1.50
C34 49W F . 3.46 -32.53 -0.80
C35 49W F . 3.41 -32.21 0.71
C36 49W F . 2.67 -29.56 -1.48
C37 49W F . 2.89 -28.74 -2.77
C38 49W F . 1.57 -28.18 -3.27
O6 49W F . 5.89 -29.94 0.26
N1 49W F . 2.44 -27.13 4.45
C11 49W F . 1.49 -27.02 5.55
C14 49W F . 0.95 -28.39 5.88
C19 49W F . 0.59 -29.16 4.59
C20 49W F . 1.48 -30.09 4.06
C21 49W F . 1.14 -30.78 2.89
C16 49W F . -0.07 -30.55 2.26
C17 49W F . -0.95 -29.62 2.78
C18 49W F . -0.62 -28.93 3.94
C10 49W F . 2.15 -26.42 6.80
O2 49W F . 3.31 -27.15 7.09
C9 49W F . 2.54 -24.98 6.60
N4 49W F . 3.73 -24.72 7.38
C7 49W F . 4.09 -23.29 7.41
C12 49W F . 2.87 -22.46 7.85
C13 49W F . 5.22 -23.08 8.38
C3 49W F . 4.56 -22.82 5.98
N5 49W F . 5.31 -23.69 5.18
C1 49W F . 5.74 -23.28 3.93
C6 49W F . 5.41 -22.00 3.46
C5 49W F . 4.67 -21.14 4.26
C4 49W F . 4.24 -21.55 5.52
C1 GOL G . -19.65 -36.19 -7.14
O1 GOL G . -18.70 -36.82 -6.33
C2 GOL G . -19.06 -35.88 -8.51
O2 GOL G . -20.03 -36.15 -9.51
C3 GOL G . -18.63 -34.41 -8.59
O3 GOL G . -18.04 -34.14 -9.84
O3 49W H . 35.41 25.53 17.63
C15 49W H . 35.63 25.04 16.52
C25 49W H . 35.90 25.99 15.30
C24 49W H . 35.16 25.88 14.13
C26 49W H . 36.93 26.97 15.38
C27 49W H . 37.18 27.83 14.30
N2 49W H . 38.22 28.79 14.40
C30 49W H . 39.25 28.57 15.27
C31 49W H . 40.29 29.51 15.39
C32 49W H . 40.27 30.65 14.62
C29 49W H . 39.24 30.86 13.74
C47 49W H . 38.20 29.92 13.63
C22 49W H . 36.43 27.71 13.12
C23 49W H . 35.40 26.74 13.04
C28 49W H . 34.55 26.59 11.73
N3 49W H . 33.37 27.43 11.49
C33 49W H . 32.59 27.28 10.25
C34 49W H . 33.35 27.87 9.06
C35 49W H . 33.33 29.42 9.08
C36 49W H . 32.97 28.43 12.49
C37 49W H . 32.12 27.77 13.59
C38 49W H . 32.09 28.71 14.77
O6 49W H . 34.89 25.76 10.90
N1 49W H . 35.63 23.59 16.35
C11 49W H . 35.34 22.76 17.51
C14 49W H . 34.07 21.98 17.28
C19 49W H . 32.98 23.01 16.90
C20 49W H . 32.59 23.16 15.58
C21 49W H . 31.61 24.10 15.25
C16 49W H . 31.04 24.89 16.24
C17 49W H . 31.44 24.75 17.56
C18 49W H . 32.42 23.82 17.90
C10 49W H . 36.51 21.79 17.81
O2 49W H . 36.52 20.78 16.86
C9 49W H . 37.80 22.55 17.77
N4 49W H . 38.85 21.63 17.37
C7 49W H . 40.10 21.94 18.09
C12 49W H . 39.87 21.78 19.58
C13 49W H . 41.17 20.96 17.66
C3 49W H . 40.57 23.41 17.77
N5 49W H . 40.38 23.96 16.50
C1 49W H . 40.79 25.25 16.23
C6 49W H . 41.41 25.99 17.23
C5 49W H . 41.61 25.45 18.48
C4 49W H . 41.18 24.16 18.76
C1 GOL I . 28.59 35.06 2.36
O1 GOL I . 28.62 34.61 1.03
C2 GOL I . 29.55 36.23 2.52
O2 GOL I . 28.97 37.22 3.33
C3 GOL I . 30.84 35.73 3.15
O3 GOL I . 31.73 36.82 3.33
C1 GOL J . 37.79 20.82 22.91
O1 GOL J . 38.45 21.98 22.44
C2 GOL J . 37.00 21.17 24.18
O2 GOL J . 35.65 20.81 24.03
C3 GOL J . 37.60 20.44 25.38
O3 GOL J . 36.73 20.58 26.48
O3 49W K . -33.57 9.75 -32.11
C15 49W K . -32.98 10.26 -31.16
C25 49W K . -31.41 10.23 -31.12
C24 49W K . -30.79 9.69 -30.00
C26 49W K . -30.63 10.73 -32.19
C27 49W K . -29.23 10.67 -32.10
N2 49W K . -28.44 11.16 -33.18
C30 49W K . -27.31 11.90 -32.95
C31 49W K . -26.56 12.37 -34.03
C32 49W K . -26.95 12.09 -35.33
C29 49W K . -28.07 11.36 -35.55
C47 49W K . -28.83 10.88 -34.47
C22 49W K . -28.59 10.12 -30.98
C23 49W K . -29.38 9.62 -29.91
C28 49W K . -28.72 9.00 -28.63
N3 49W K . -28.76 7.54 -28.43
C33 49W K . -28.15 6.96 -27.22
C34 49W K . -28.72 5.54 -26.98
C35 49W K . -27.56 4.57 -26.68
C36 49W K . -29.41 6.65 -29.41
C37 49W K . -28.49 6.42 -30.62
C38 49W K . -27.95 5.00 -30.62
O6 49W K . -28.18 9.72 -27.80
N1 49W K . -33.73 10.87 -30.07
C11 49W K . -35.18 10.86 -30.13
C14 49W K . -35.68 10.17 -28.89
C19 49W K . -34.90 8.83 -28.75
C20 49W K . -33.92 8.70 -27.77
C21 49W K . -33.22 7.49 -27.65
C16 49W K . -33.51 6.44 -28.50
C17 49W K . -34.48 6.58 -29.49
C18 49W K . -35.17 7.77 -29.62
C10 49W K . -35.76 12.27 -30.19
O2 49W K . -35.24 13.03 -29.16
C9 49W K . -35.40 12.92 -31.50
N4 49W K . -35.22 14.33 -31.23
C7 49W K . -35.29 15.12 -32.47
C12 49W K . -36.53 14.75 -33.29
C13 49W K . -35.34 16.59 -32.11
C3 49W K . -33.98 14.89 -33.33
N5 49W K . -32.78 14.56 -32.70
C1 49W K . -31.63 14.35 -33.45
C6 49W K . -31.68 14.50 -34.83
C5 49W K . -32.86 14.84 -35.46
C4 49W K . -34.03 15.03 -34.71
#